data_7MBW
#
_entry.id   7MBW
#
_cell.length_a   83.780
_cell.length_b   95.770
_cell.length_c   313.560
_cell.angle_alpha   90.00
_cell.angle_beta   90.00
_cell.angle_gamma   90.00
#
_symmetry.space_group_name_H-M   'P 21 21 21'
#
loop_
_entity.id
_entity.type
_entity.pdbx_description
1 polymer 'Transposon Tn7 transposition protein TnsC'
2 non-polymer "ADENOSINE-5'-DIPHOSPHATE"
3 non-polymer 'MAGNESIUM ION'
4 water water
#
_entity_poly.entity_id   1
_entity_poly.type   'polypeptide(L)'
_entity_poly.pdbx_seq_one_letter_code
;(MSE)GATRIQAVYRDTGVEAYRDNPFIEALPPLQESVNSAASLKSSLQLTSSDLQKSRVIRAHTICRIPDDYFQPLGTH
LLLSERISV(MSE)IRGGYVGRNPKTGDLQKHLQNGYERVQTGELETFRFEEARSTAQSLLLIGCSGSGKTTSLHRILAT
YPQVIYHRELNVEQVVYLKIDCSHNGSLKEICLNFFRALDRALGSNYERRYGLKRHGIET(MSE)LAL(MSE)SQIANAH
VLGLLVIDEIQHLSRSRSGGSQE(MSE)LNFFVT(MSE)VNIIGVPV(MSE)LIGTPKAREIFEADLRSARRGAGFGAIF
WDPIQQTQRGKPNQEWIAFTDNLWQLQLLQRKDALLSDEVRDVWYELSQGV(MSE)DIVVKLFVLAQLRALALGNERITA
GLLRQVYQDELKPVHP(MSE)LEALRSGIPERIARYSDLVVPEIDKRLIQLQLDIAAIQEQTPEEKALQELDTEDQRHLY
L(MSE)LKEDYDSSLLIPTIKKAFSQNPT(MSE)TRQKLLPLVLQWL(MSE)EGETVVSELEKPSKSKKVSPNSSSVDKL
AAALEHHHHHH
;
_entity_poly.pdbx_strand_id   A,B,C,D
#
# COMPACT_ATOMS: atom_id res chain seq x y z
N ALA A 3 37.02 -28.24 32.96
CA ALA A 3 37.47 -28.80 34.23
C ALA A 3 36.44 -29.76 34.81
N THR A 4 36.92 -30.86 35.39
CA THR A 4 36.07 -31.84 36.08
C THR A 4 36.66 -32.00 37.48
N ARG A 5 36.22 -31.15 38.40
CA ARG A 5 36.78 -31.10 39.75
C ARG A 5 35.91 -31.92 40.69
N ILE A 6 36.54 -32.82 41.43
CA ILE A 6 35.85 -33.75 42.32
C ILE A 6 36.56 -33.75 43.68
N GLN A 7 35.77 -33.76 44.75
CA GLN A 7 36.30 -33.94 46.10
C GLN A 7 36.45 -35.43 46.38
N ALA A 8 37.61 -35.82 46.90
CA ALA A 8 38.00 -37.22 46.94
C ALA A 8 37.10 -38.03 47.86
N VAL A 9 36.70 -39.22 47.40
CA VAL A 9 36.06 -40.23 48.22
C VAL A 9 36.95 -41.47 48.16
N TYR A 10 37.67 -41.74 49.25
CA TYR A 10 38.66 -42.79 49.24
C TYR A 10 38.00 -44.17 49.32
N ARG A 11 38.73 -45.18 48.87
CA ARG A 11 38.21 -46.53 48.73
C ARG A 11 39.31 -47.52 49.11
N ASP A 12 38.89 -48.73 49.50
CA ASP A 12 39.82 -49.76 49.93
C ASP A 12 40.16 -50.66 48.74
N THR A 13 41.34 -50.42 48.16
CA THR A 13 41.89 -51.35 47.19
C THR A 13 42.50 -52.54 47.91
N GLY A 14 42.39 -53.72 47.29
CA GLY A 14 42.91 -54.94 47.90
C GLY A 14 44.42 -55.01 47.97
N VAL A 15 45.13 -54.15 47.22
CA VAL A 15 46.58 -54.22 47.14
C VAL A 15 47.19 -53.57 48.39
N GLU A 16 48.17 -54.26 48.98
CA GLU A 16 48.92 -53.67 50.10
C GLU A 16 49.69 -52.45 49.66
N ALA A 17 50.30 -52.49 48.48
CA ALA A 17 51.09 -51.35 48.00
C ALA A 17 50.21 -50.13 47.76
N TYR A 18 48.94 -50.33 47.41
CA TYR A 18 48.02 -49.23 47.20
C TYR A 18 47.36 -48.75 48.49
N ARG A 19 47.61 -49.43 49.60
CA ARG A 19 46.88 -49.15 50.83
C ARG A 19 47.25 -47.79 51.40
N ASP A 20 46.23 -47.04 51.81
CA ASP A 20 46.40 -45.73 52.45
C ASP A 20 47.14 -44.74 51.55
N ASN A 21 47.05 -44.94 50.24
CA ASN A 21 47.58 -43.97 49.29
C ASN A 21 46.41 -43.17 48.74
N PRO A 22 46.27 -41.88 49.10
CA PRO A 22 45.09 -41.13 48.67
C PRO A 22 44.95 -41.02 47.16
N PHE A 23 46.07 -40.96 46.44
CA PHE A 23 46.01 -40.71 45.01
C PHE A 23 45.50 -41.93 44.24
N ILE A 24 45.68 -43.13 44.78
CA ILE A 24 45.13 -44.33 44.16
C ILE A 24 43.75 -44.65 44.72
N GLU A 25 43.55 -44.46 46.03
CA GLU A 25 42.28 -44.80 46.65
C GLU A 25 41.15 -43.95 46.09
N ALA A 26 41.41 -42.66 45.82
CA ALA A 26 40.40 -41.80 45.22
C ALA A 26 40.11 -42.17 43.77
N LEU A 27 41.00 -42.91 43.12
CA LEU A 27 40.79 -43.28 41.74
C LEU A 27 39.65 -44.28 41.62
N PRO A 28 38.86 -44.21 40.55
CA PRO A 28 37.78 -45.18 40.37
C PRO A 28 38.34 -46.58 40.18
N PRO A 29 37.59 -47.61 40.58
CA PRO A 29 38.14 -48.97 40.59
C PRO A 29 38.56 -49.44 39.20
N LEU A 30 39.57 -50.32 39.19
CA LEU A 30 40.10 -50.84 37.94
C LEU A 30 39.03 -51.53 37.10
N GLN A 31 38.18 -52.33 37.74
CA GLN A 31 37.13 -53.02 37.00
C GLN A 31 36.17 -52.01 36.37
N GLU A 32 35.82 -50.95 37.09
CA GLU A 32 34.97 -49.91 36.51
C GLU A 32 35.61 -49.31 35.27
N SER A 33 36.88 -48.90 35.38
CA SER A 33 37.56 -48.26 34.25
C SER A 33 37.62 -49.20 33.05
N VAL A 34 37.95 -50.47 33.28
CA VAL A 34 37.98 -51.43 32.18
C VAL A 34 36.56 -51.68 31.67
N ASN A 35 35.61 -51.87 32.58
CA ASN A 35 34.22 -52.12 32.17
C ASN A 35 33.61 -50.90 31.50
N SER A 36 33.89 -49.70 32.02
CA SER A 36 33.21 -48.50 31.54
C SER A 36 33.46 -48.29 30.05
N ALA A 37 34.72 -48.30 29.63
CA ALA A 37 35.03 -48.12 28.22
C ALA A 37 34.44 -49.25 27.39
N ALA A 38 34.58 -50.49 27.86
CA ALA A 38 34.08 -51.64 27.11
C ALA A 38 32.56 -51.68 27.08
N SER A 39 31.92 -51.55 28.24
CA SER A 39 30.48 -51.73 28.31
C SER A 39 29.74 -50.62 27.56
N LEU A 40 30.21 -49.39 27.67
CA LEU A 40 29.51 -48.26 27.07
C LEU A 40 29.65 -48.33 25.55
N LYS A 41 28.58 -48.75 24.88
CA LYS A 41 28.50 -48.80 23.43
C LYS A 41 27.34 -47.96 22.92
N SER A 42 27.04 -46.85 23.62
CA SER A 42 25.86 -46.06 23.32
C SER A 42 25.87 -45.60 21.86
N SER A 43 24.70 -45.67 21.23
CA SER A 43 24.59 -45.41 19.80
C SER A 43 23.18 -44.91 19.49
N LEU A 44 22.91 -44.72 18.20
CA LEU A 44 21.60 -44.31 17.74
C LEU A 44 20.64 -45.50 17.78
N GLN A 45 19.42 -45.25 18.24
CA GLN A 45 18.38 -46.28 18.26
C GLN A 45 17.43 -45.99 17.10
N LEU A 46 17.34 -46.93 16.16
CA LEU A 46 16.58 -46.73 14.93
C LEU A 46 15.41 -47.71 14.89
N THR A 47 14.22 -47.17 14.61
CA THR A 47 12.98 -47.93 14.55
C THR A 47 12.64 -48.19 13.08
N SER A 48 11.77 -49.19 12.85
CA SER A 48 11.27 -49.45 11.51
C SER A 48 10.63 -48.22 10.90
N SER A 49 10.06 -47.34 11.73
CA SER A 49 9.44 -46.12 11.23
C SER A 49 10.47 -45.20 10.58
N ASP A 50 11.68 -45.14 11.14
CA ASP A 50 12.69 -44.23 10.63
C ASP A 50 13.07 -44.54 9.20
N LEU A 51 13.02 -45.82 8.81
CA LEU A 51 13.31 -46.19 7.42
C LEU A 51 12.30 -45.56 6.47
N GLN A 52 11.04 -45.48 6.87
CA GLN A 52 9.98 -44.93 6.03
C GLN A 52 9.82 -43.43 6.28
N LYS A 53 10.91 -42.71 6.05
CA LYS A 53 10.95 -41.28 6.34
C LYS A 53 11.65 -40.54 5.21
N SER A 54 11.61 -39.21 5.27
CA SER A 54 12.18 -38.38 4.23
C SER A 54 13.69 -38.59 4.13
N ARG A 55 14.22 -38.41 2.92
CA ARG A 55 15.64 -38.61 2.70
C ARG A 55 16.48 -37.56 3.42
N VAL A 56 15.94 -36.37 3.63
CA VAL A 56 16.69 -35.33 4.34
C VAL A 56 16.94 -35.74 5.79
N ILE A 57 15.89 -36.16 6.49
CA ILE A 57 16.04 -36.53 7.89
C ILE A 57 16.79 -37.84 8.04
N ARG A 58 16.58 -38.79 7.11
CA ARG A 58 17.34 -40.03 7.15
C ARG A 58 18.82 -39.75 6.93
N ALA A 59 19.15 -38.87 5.99
CA ALA A 59 20.54 -38.50 5.76
C ALA A 59 21.12 -37.77 6.97
N HIS A 60 20.31 -36.93 7.63
CA HIS A 60 20.73 -36.31 8.88
C HIS A 60 21.15 -37.36 9.90
N THR A 61 20.34 -38.40 10.07
CA THR A 61 20.70 -39.47 11.00
C THR A 61 21.92 -40.25 10.52
N ILE A 62 22.05 -40.46 9.21
CA ILE A 62 23.18 -41.23 8.67
C ILE A 62 24.50 -40.52 8.94
N CYS A 63 24.54 -39.21 8.72
CA CYS A 63 25.78 -38.46 8.95
C CYS A 63 26.14 -38.35 10.43
N ARG A 64 25.23 -38.74 11.33
CA ARG A 64 25.53 -38.78 12.75
C ARG A 64 26.20 -40.07 13.18
N ILE A 65 26.13 -41.12 12.36
CA ILE A 65 26.81 -42.38 12.69
C ILE A 65 28.31 -42.17 12.87
N PRO A 66 29.01 -41.38 12.05
CA PRO A 66 30.47 -41.24 12.25
C PRO A 66 30.88 -40.85 13.66
N ASP A 67 30.15 -39.96 14.30
CA ASP A 67 30.52 -39.46 15.62
C ASP A 67 29.69 -40.03 16.75
N ASP A 68 28.68 -40.85 16.45
CA ASP A 68 27.82 -41.42 17.48
C ASP A 68 27.83 -42.94 17.49
N TYR A 69 28.77 -43.57 16.79
CA TYR A 69 28.90 -45.02 16.80
C TYR A 69 30.27 -45.40 17.34
N PHE A 70 30.28 -46.26 18.36
CA PHE A 70 31.51 -46.74 18.97
C PHE A 70 31.33 -48.21 19.31
N GLN A 71 32.11 -49.08 18.67
CA GLN A 71 32.13 -50.49 19.04
C GLN A 71 33.44 -50.79 19.76
N PRO A 72 33.39 -51.11 21.06
CA PRO A 72 34.63 -51.45 21.77
C PRO A 72 35.26 -52.72 21.22
N LEU A 73 36.56 -52.67 20.97
CA LEU A 73 37.29 -53.79 20.38
C LEU A 73 38.47 -54.13 21.29
N GLY A 74 39.14 -55.24 20.96
CA GLY A 74 40.12 -55.81 21.89
C GLY A 74 41.25 -54.88 22.22
N THR A 75 41.81 -54.20 21.21
CA THR A 75 42.92 -53.28 21.45
C THR A 75 42.49 -52.14 22.36
N HIS A 76 41.25 -51.68 22.20
CA HIS A 76 40.72 -50.65 23.10
C HIS A 76 40.71 -51.12 24.55
N LEU A 77 40.28 -52.36 24.79
CA LEU A 77 40.17 -52.85 26.15
C LEU A 77 41.55 -53.07 26.76
N LEU A 78 42.49 -53.59 25.96
CA LEU A 78 43.86 -53.71 26.44
C LEU A 78 44.43 -52.35 26.81
N LEU A 79 44.21 -51.34 25.97
CA LEU A 79 44.69 -50.00 26.27
C LEU A 79 44.07 -49.44 27.52
N SER A 80 42.77 -49.68 27.73
CA SER A 80 42.10 -49.21 28.94
C SER A 80 42.75 -49.81 30.18
N GLU A 81 42.96 -51.13 30.18
CA GLU A 81 43.59 -51.77 31.32
C GLU A 81 45.00 -51.23 31.56
N ARG A 82 45.77 -51.06 30.48
CA ARG A 82 47.15 -50.57 30.62
C ARG A 82 47.17 -49.15 31.15
N ILE A 83 46.27 -48.29 30.68
CA ILE A 83 46.20 -46.93 31.20
C ILE A 83 45.91 -46.93 32.69
N SER A 84 44.94 -47.75 33.11
CA SER A 84 44.62 -47.81 34.53
C SER A 84 45.82 -48.29 35.35
N VAL A 85 46.50 -49.32 34.87
CA VAL A 85 47.66 -49.85 35.61
C VAL A 85 48.78 -48.81 35.67
N ILE A 87 48.51 -45.43 35.47
CA ILE A 87 48.16 -44.33 36.38
C ILE A 87 48.29 -44.79 37.83
N ARG A 88 47.71 -45.94 38.16
CA ARG A 88 47.79 -46.43 39.53
C ARG A 88 49.23 -46.80 39.92
N GLY A 89 49.95 -47.45 39.01
CA GLY A 89 51.31 -47.86 39.32
C GLY A 89 52.24 -46.69 39.57
N GLY A 90 52.08 -45.62 38.79
CA GLY A 90 52.95 -44.45 38.93
C GLY A 90 52.83 -43.73 40.25
N TYR A 91 51.79 -44.01 41.04
CA TYR A 91 51.58 -43.33 42.31
C TYR A 91 52.18 -44.06 43.50
N VAL A 92 52.71 -45.27 43.31
CA VAL A 92 53.18 -46.05 44.47
C VAL A 92 54.40 -45.39 45.11
N GLY A 93 55.31 -44.86 44.30
CA GLY A 93 56.44 -44.13 44.83
C GLY A 93 56.15 -42.70 45.20
N ARG A 94 54.93 -42.23 44.92
CA ARG A 94 54.50 -40.87 45.20
C ARG A 94 53.55 -40.80 46.38
N ASN A 95 53.51 -41.83 47.21
CA ASN A 95 52.66 -41.84 48.39
C ASN A 95 53.07 -40.71 49.33
N PRO A 96 52.16 -39.80 49.70
CA PRO A 96 52.54 -38.73 50.63
C PRO A 96 52.98 -39.24 52.00
N LYS A 97 52.40 -40.35 52.48
CA LYS A 97 52.78 -40.86 53.80
C LYS A 97 54.22 -41.34 53.82
N THR A 98 54.67 -42.01 52.75
CA THR A 98 56.03 -42.53 52.67
C THR A 98 56.99 -41.39 52.40
N GLY A 99 57.12 -40.51 53.40
CA GLY A 99 57.98 -39.34 53.28
C GLY A 99 59.39 -39.61 53.78
N ASP A 100 60.30 -38.69 53.44
CA ASP A 100 61.73 -38.81 53.73
C ASP A 100 62.22 -40.20 53.34
N LEU A 101 62.04 -40.53 52.06
CA LEU A 101 62.29 -41.88 51.58
C LEU A 101 63.74 -42.29 51.82
N GLN A 102 64.68 -41.43 51.46
CA GLN A 102 66.09 -41.75 51.68
C GLN A 102 66.41 -41.83 53.17
N LYS A 103 65.86 -40.89 53.96
CA LYS A 103 66.07 -40.92 55.41
C LYS A 103 65.60 -42.25 55.99
N HIS A 104 64.40 -42.68 55.61
CA HIS A 104 63.90 -44.00 56.01
C HIS A 104 64.95 -45.06 55.68
N LEU A 105 65.50 -45.03 54.47
CA LEU A 105 66.56 -45.96 54.11
C LEU A 105 67.69 -45.92 55.13
N GLN A 106 68.23 -44.72 55.38
CA GLN A 106 69.24 -44.57 56.43
C GLN A 106 68.74 -45.14 57.74
N ASN A 107 67.54 -44.72 58.16
CA ASN A 107 67.00 -45.20 59.41
C ASN A 107 66.89 -46.72 59.39
N GLY A 108 66.36 -47.24 58.27
CA GLY A 108 66.25 -48.68 58.18
C GLY A 108 67.61 -49.32 58.30
N TYR A 109 68.56 -48.79 57.53
CA TYR A 109 69.95 -49.25 57.62
C TYR A 109 70.39 -49.25 59.06
N GLU A 110 70.20 -48.11 59.74
CA GLU A 110 70.61 -47.99 61.13
C GLU A 110 69.96 -49.07 61.96
N ARG A 111 68.66 -49.30 61.75
CA ARG A 111 67.97 -50.33 62.49
C ARG A 111 68.64 -51.69 62.27
N VAL A 112 68.86 -52.04 61.01
CA VAL A 112 69.58 -53.28 60.69
C VAL A 112 70.95 -53.29 61.34
N GLN A 113 71.64 -52.15 61.32
CA GLN A 113 73.01 -52.12 61.80
C GLN A 113 73.07 -52.22 63.31
N THR A 114 71.92 -52.04 63.99
CA THR A 114 71.82 -52.21 65.43
C THR A 114 71.31 -53.59 65.82
N GLY A 115 70.92 -54.42 64.85
CA GLY A 115 70.28 -55.68 65.14
C GLY A 115 68.77 -55.59 65.37
N GLU A 116 68.21 -54.38 65.36
CA GLU A 116 66.78 -54.22 65.57
C GLU A 116 65.97 -54.83 64.42
N LEU A 117 66.45 -54.68 63.19
CA LEU A 117 65.77 -55.19 62.01
C LEU A 117 66.56 -56.35 61.43
N GLU A 118 65.86 -57.46 61.14
CA GLU A 118 66.47 -58.64 60.56
C GLU A 118 66.21 -58.77 59.07
N THR A 119 65.45 -57.84 58.48
CA THR A 119 65.17 -57.87 57.05
C THR A 119 64.93 -56.46 56.55
N PHE A 120 65.75 -56.03 55.59
CA PHE A 120 65.55 -54.75 54.91
C PHE A 120 66.12 -54.87 53.51
N ARG A 121 65.55 -54.08 52.59
CA ARG A 121 65.92 -54.13 51.17
C ARG A 121 66.20 -52.73 50.67
N PHE A 122 67.34 -52.56 50.00
CA PHE A 122 67.75 -51.28 49.45
C PHE A 122 67.53 -51.29 47.94
N GLU A 123 66.60 -50.46 47.46
CA GLU A 123 66.37 -50.32 46.03
C GLU A 123 65.97 -48.88 45.73
N GLU A 124 66.27 -48.45 44.51
CA GLU A 124 66.01 -47.09 44.09
C GLU A 124 65.00 -47.02 42.94
N THR A 128 58.92 -45.67 39.21
CA THR A 128 58.22 -46.61 38.34
C THR A 128 57.49 -45.88 37.21
N ALA A 129 58.17 -44.91 36.61
CA ALA A 129 57.60 -44.12 35.52
C ALA A 129 57.60 -44.98 34.25
N GLN A 130 56.54 -45.76 34.09
CA GLN A 130 56.38 -46.56 32.89
C GLN A 130 56.06 -45.66 31.69
N SER A 131 56.40 -46.15 30.51
CA SER A 131 56.20 -45.39 29.28
C SER A 131 55.58 -46.30 28.22
N LEU A 132 54.74 -45.70 27.37
CA LEU A 132 54.03 -46.42 26.33
C LEU A 132 54.15 -45.68 25.00
N LEU A 133 54.19 -46.46 23.93
CA LEU A 133 54.19 -45.93 22.56
C LEU A 133 53.10 -46.64 21.78
N LEU A 134 52.00 -45.92 21.50
CA LEU A 134 50.88 -46.47 20.75
C LEU A 134 51.08 -46.11 19.28
N ILE A 135 51.44 -47.09 18.47
CA ILE A 135 51.78 -46.90 17.06
C ILE A 135 50.66 -47.47 16.22
N GLY A 136 50.05 -46.62 15.39
CA GLY A 136 48.99 -47.06 14.50
C GLY A 136 48.77 -46.08 13.38
N CYS A 137 48.22 -46.58 12.27
CA CYS A 137 47.92 -45.73 11.13
C CYS A 137 46.85 -44.71 11.48
N SER A 138 46.90 -43.57 10.82
CA SER A 138 45.91 -42.53 11.05
C SER A 138 44.54 -42.99 10.56
N GLY A 139 43.53 -42.86 11.41
CA GLY A 139 42.22 -43.40 11.14
C GLY A 139 41.93 -44.73 11.78
N SER A 140 42.88 -45.28 12.55
CA SER A 140 42.65 -46.56 13.21
C SER A 140 41.72 -46.43 14.41
N GLY A 141 41.76 -45.32 15.13
CA GLY A 141 40.87 -45.12 16.25
C GLY A 141 41.58 -44.86 17.57
N LYS A 142 42.81 -44.37 17.50
CA LYS A 142 43.60 -44.14 18.71
C LYS A 142 43.03 -42.99 19.54
N THR A 143 42.71 -41.86 18.89
CA THR A 143 42.28 -40.69 19.63
C THR A 143 40.91 -40.88 20.27
N THR A 144 39.97 -41.50 19.54
CA THR A 144 38.65 -41.75 20.10
C THR A 144 38.72 -42.69 21.29
N SER A 145 39.53 -43.75 21.17
CA SER A 145 39.69 -44.67 22.29
C SER A 145 40.33 -43.99 23.49
N LEU A 146 41.33 -43.13 23.24
CA LEU A 146 41.93 -42.38 24.34
C LEU A 146 40.91 -41.47 25.01
N HIS A 147 40.09 -40.78 24.22
CA HIS A 147 39.08 -39.90 24.78
C HIS A 147 38.09 -40.68 25.64
N ARG A 148 37.63 -41.84 25.14
CA ARG A 148 36.64 -42.61 25.88
C ARG A 148 37.24 -43.22 27.14
N ILE A 149 38.51 -43.64 27.09
CA ILE A 149 39.18 -44.15 28.29
C ILE A 149 39.33 -43.04 29.31
N LEU A 150 39.73 -41.85 28.87
CA LEU A 150 39.99 -40.76 29.81
C LEU A 150 38.72 -40.12 30.34
N ALA A 151 37.58 -40.32 29.66
CA ALA A 151 36.30 -39.86 30.18
C ALA A 151 35.78 -40.73 31.30
N THR A 152 36.38 -41.90 31.53
CA THR A 152 36.03 -42.72 32.68
C THR A 152 36.78 -42.30 33.94
N TYR A 153 37.54 -41.21 33.88
CA TYR A 153 38.37 -40.70 34.95
C TYR A 153 38.03 -39.25 35.23
N PRO A 154 38.10 -38.82 36.49
CA PRO A 154 37.98 -37.38 36.77
C PRO A 154 39.33 -36.70 36.60
N GLN A 155 39.39 -35.58 35.86
CA GLN A 155 40.69 -34.99 35.55
C GLN A 155 41.34 -34.39 36.79
N VAL A 156 40.55 -33.78 37.66
CA VAL A 156 41.07 -33.17 38.88
C VAL A 156 40.31 -33.72 40.08
N ILE A 157 41.05 -34.19 41.07
CA ILE A 157 40.49 -34.65 42.34
C ILE A 157 41.11 -33.80 43.44
N TYR A 158 40.27 -33.15 44.25
CA TYR A 158 40.75 -32.31 45.33
C TYR A 158 40.80 -33.13 46.62
N HIS A 159 41.94 -33.06 47.31
CA HIS A 159 42.15 -33.75 48.58
C HIS A 159 42.10 -32.71 49.69
N ARG A 160 41.00 -32.71 50.44
CA ARG A 160 40.81 -31.71 51.49
C ARG A 160 41.88 -31.85 52.59
N GLU A 161 42.18 -33.09 52.99
CA GLU A 161 43.13 -33.31 54.07
C GLU A 161 44.52 -32.80 53.70
N LEU A 162 44.96 -33.09 52.48
CA LEU A 162 46.31 -32.76 52.05
C LEU A 162 46.40 -31.41 51.34
N ASN A 163 45.28 -30.80 50.99
CA ASN A 163 45.24 -29.58 50.17
C ASN A 163 46.06 -29.75 48.90
N VAL A 164 45.78 -30.82 48.17
CA VAL A 164 46.50 -31.16 46.94
C VAL A 164 45.49 -31.34 45.83
N GLU A 165 45.75 -30.73 44.68
CA GLU A 165 44.93 -30.89 43.49
C GLU A 165 45.57 -31.96 42.62
N GLN A 166 45.04 -33.18 42.67
CA GLN A 166 45.54 -34.28 41.88
C GLN A 166 45.02 -34.19 40.46
N VAL A 167 45.92 -33.98 39.50
CA VAL A 167 45.58 -34.01 38.09
C VAL A 167 45.78 -35.44 37.60
N VAL A 168 44.67 -36.15 37.38
CA VAL A 168 44.75 -37.55 36.96
C VAL A 168 45.37 -37.66 35.58
N TYR A 169 44.95 -36.83 34.64
CA TYR A 169 45.40 -36.96 33.26
C TYR A 169 45.55 -35.58 32.61
N LEU A 170 46.50 -35.50 31.68
CA LEU A 170 46.73 -34.31 30.86
C LEU A 170 47.03 -34.76 29.44
N LYS A 171 46.31 -34.19 28.48
CA LYS A 171 46.45 -34.57 27.08
C LYS A 171 46.98 -33.38 26.29
N ILE A 172 48.08 -33.58 25.58
CA ILE A 172 48.69 -32.57 24.73
C ILE A 172 48.63 -33.06 23.29
N ASP A 173 48.07 -32.25 22.40
CA ASP A 173 47.94 -32.60 21.00
C ASP A 173 48.93 -31.77 20.19
N CYS A 174 49.82 -32.44 19.46
CA CYS A 174 50.82 -31.74 18.68
C CYS A 174 50.20 -31.07 17.45
N SER A 175 50.86 -30.03 16.96
CA SER A 175 50.38 -29.23 15.85
C SER A 175 51.02 -29.67 14.54
N HIS A 176 50.37 -29.28 13.43
CA HIS A 176 50.71 -29.83 12.12
C HIS A 176 52.15 -29.54 11.71
N ASN A 177 52.70 -28.40 12.13
CA ASN A 177 54.13 -28.14 12.07
C ASN A 177 54.58 -27.84 13.49
N GLY A 178 55.19 -28.83 14.13
CA GLY A 178 55.38 -28.81 15.57
C GLY A 178 56.84 -28.63 15.95
N SER A 179 57.05 -27.93 17.05
CA SER A 179 58.34 -27.84 17.72
C SER A 179 58.23 -28.51 19.08
N LEU A 180 59.35 -29.11 19.52
CA LEU A 180 59.39 -29.62 20.88
C LEU A 180 59.23 -28.50 21.91
N LYS A 181 59.46 -27.26 21.50
CA LYS A 181 59.09 -26.11 22.33
C LYS A 181 57.60 -26.14 22.65
N GLU A 182 56.77 -26.20 21.58
CA GLU A 182 55.34 -26.02 21.74
C GLU A 182 54.75 -27.05 22.70
N ILE A 183 55.14 -28.32 22.53
CA ILE A 183 54.70 -29.37 23.45
C ILE A 183 54.86 -28.90 24.87
N CYS A 184 56.09 -28.52 25.23
CA CYS A 184 56.36 -27.99 26.56
C CYS A 184 55.36 -26.90 26.91
N LEU A 185 55.30 -25.86 26.08
CA LEU A 185 54.39 -24.74 26.36
C LEU A 185 52.96 -25.26 26.51
N ASN A 186 52.52 -26.10 25.56
CA ASN A 186 51.13 -26.51 25.58
C ASN A 186 50.80 -27.31 26.83
N PHE A 187 51.79 -28.05 27.37
CA PHE A 187 51.61 -28.69 28.67
C PHE A 187 50.97 -27.71 29.64
N PHE A 188 51.66 -26.60 29.88
CA PHE A 188 51.16 -25.61 30.82
C PHE A 188 49.77 -25.14 30.40
N ARG A 189 49.60 -24.84 29.11
CA ARG A 189 48.31 -24.35 28.65
C ARG A 189 47.22 -25.36 29.00
N ALA A 190 47.47 -26.64 28.69
CA ALA A 190 46.47 -27.66 29.00
C ALA A 190 46.20 -27.71 30.48
N LEU A 191 47.26 -27.65 31.29
CA LEU A 191 47.07 -27.66 32.74
C LEU A 191 46.27 -26.45 33.16
N ASP A 192 46.56 -25.28 32.57
CA ASP A 192 45.83 -24.08 32.93
C ASP A 192 44.35 -24.20 32.58
N ARG A 193 44.02 -25.03 31.58
CA ARG A 193 42.62 -25.27 31.29
C ARG A 193 42.00 -26.24 32.29
N ALA A 194 42.76 -27.25 32.71
CA ALA A 194 42.22 -28.24 33.65
C ALA A 194 42.07 -27.65 35.04
N LEU A 195 43.12 -27.02 35.53
CA LEU A 195 43.09 -26.34 36.82
C LEU A 195 42.63 -24.90 36.59
N GLY A 196 42.72 -24.07 37.61
CA GLY A 196 42.45 -22.66 37.43
C GLY A 196 43.70 -21.84 37.20
N SER A 197 44.81 -22.51 36.93
CA SER A 197 46.13 -21.90 36.99
C SER A 197 46.38 -21.01 35.78
N ASN A 198 47.44 -20.22 35.88
CA ASN A 198 47.96 -19.38 34.81
C ASN A 198 49.48 -19.53 34.72
N TYR A 199 49.95 -20.78 34.71
CA TYR A 199 51.38 -21.05 34.63
C TYR A 199 51.98 -20.54 33.32
N GLU A 200 51.18 -20.50 32.26
CA GLU A 200 51.66 -19.96 30.99
C GLU A 200 52.00 -18.47 31.12
N ARG A 201 51.14 -17.71 31.80
CA ARG A 201 51.40 -16.28 31.96
C ARG A 201 52.60 -16.03 32.87
N ARG A 202 52.76 -16.86 33.90
CA ARG A 202 53.82 -16.65 34.89
C ARG A 202 55.11 -17.39 34.52
N TYR A 203 55.04 -18.71 34.44
CA TYR A 203 56.24 -19.53 34.26
C TYR A 203 56.60 -19.72 32.80
N GLY A 204 55.72 -20.35 32.04
CA GLY A 204 56.06 -20.86 30.73
C GLY A 204 55.93 -19.84 29.63
N LEU A 205 57.06 -19.27 29.22
CA LEU A 205 57.07 -18.19 28.24
C LEU A 205 58.02 -18.57 27.10
N LYS A 206 57.87 -17.86 25.97
CA LYS A 206 58.75 -18.11 24.84
C LYS A 206 60.22 -17.83 25.19
N ARG A 207 60.44 -16.98 26.18
CA ARG A 207 61.81 -16.59 26.53
C ARG A 207 62.61 -17.77 27.06
N HIS A 208 61.99 -18.61 27.88
CA HIS A 208 62.70 -19.73 28.50
C HIS A 208 62.99 -20.83 27.48
N GLY A 209 64.06 -21.58 27.73
CA GLY A 209 64.44 -22.67 26.86
C GLY A 209 63.70 -23.96 27.20
N ILE A 210 63.85 -24.94 26.30
CA ILE A 210 63.18 -26.23 26.49
C ILE A 210 63.68 -26.91 27.75
N GLU A 211 65.00 -26.90 27.97
CA GLU A 211 65.56 -27.61 29.11
C GLU A 211 65.09 -27.01 30.44
N THR A 212 65.00 -25.68 30.51
CA THR A 212 64.46 -25.05 31.70
C THR A 212 62.99 -25.41 31.90
N LEU A 214 61.40 -28.03 30.83
CA LEU A 214 61.23 -29.41 31.24
C LEU A 214 61.35 -29.54 32.75
N ALA A 215 62.29 -28.83 33.36
CA ALA A 215 62.40 -28.82 34.82
C ALA A 215 61.17 -28.18 35.46
N LEU A 216 60.67 -27.10 34.87
CA LEU A 216 59.45 -26.48 35.39
C LEU A 216 58.27 -27.44 35.29
N SER A 218 58.48 -30.67 35.39
CA SER A 218 58.67 -31.65 36.45
C SER A 218 58.21 -31.11 37.79
N GLN A 219 58.57 -29.87 38.11
CA GLN A 219 58.19 -29.29 39.40
C GLN A 219 56.68 -29.17 39.53
N ILE A 220 56.02 -28.67 38.50
CA ILE A 220 54.58 -28.41 38.59
C ILE A 220 53.78 -29.70 38.48
N ALA A 221 54.32 -30.71 37.78
CA ALA A 221 53.63 -31.99 37.70
C ALA A 221 53.70 -32.76 39.01
N ASN A 222 54.75 -32.56 39.79
CA ASN A 222 54.83 -33.24 41.08
C ASN A 222 54.07 -32.49 42.17
N ALA A 223 53.91 -31.17 42.02
CA ALA A 223 53.08 -30.42 42.96
C ALA A 223 51.61 -30.82 42.82
N HIS A 224 51.11 -30.83 41.58
CA HIS A 224 49.79 -31.38 41.26
C HIS A 224 50.04 -32.76 40.69
N VAL A 225 50.09 -33.76 41.57
CA VAL A 225 50.57 -35.10 41.21
C VAL A 225 49.85 -35.60 39.97
N LEU A 226 50.60 -35.83 38.90
CA LEU A 226 50.05 -36.08 37.58
C LEU A 226 50.12 -37.58 37.31
N GLY A 227 48.95 -38.21 37.18
CA GLY A 227 48.92 -39.64 36.94
C GLY A 227 49.45 -40.03 35.57
N LEU A 228 49.16 -39.21 34.56
CA LEU A 228 49.49 -39.58 33.19
C LEU A 228 49.61 -38.35 32.32
N LEU A 229 50.70 -38.27 31.57
CA LEU A 229 50.87 -37.27 30.51
C LEU A 229 50.71 -37.98 29.17
N VAL A 230 49.75 -37.53 28.37
CA VAL A 230 49.49 -38.08 27.05
C VAL A 230 49.83 -37.02 26.03
N ILE A 231 50.71 -37.36 25.08
CA ILE A 231 51.03 -36.50 23.96
C ILE A 231 50.57 -37.22 22.71
N ASP A 232 49.54 -36.69 22.07
CA ASP A 232 48.90 -37.33 20.93
C ASP A 232 49.28 -36.61 19.64
N GLU A 233 49.11 -37.30 18.52
CA GLU A 233 49.44 -36.79 17.20
C GLU A 233 50.90 -36.38 17.11
N ILE A 234 51.79 -37.24 17.63
CA ILE A 234 53.23 -37.04 17.48
C ILE A 234 53.61 -36.97 16.00
N GLN A 235 52.81 -37.59 15.13
CA GLN A 235 53.09 -37.59 13.69
C GLN A 235 53.19 -36.18 13.14
N HIS A 236 52.40 -35.25 13.68
CA HIS A 236 52.34 -33.90 13.14
C HIS A 236 53.63 -33.12 13.36
N LEU A 237 54.44 -33.50 14.35
CA LEU A 237 55.66 -32.75 14.66
C LEU A 237 56.57 -32.70 13.44
N SER A 238 57.08 -31.52 13.13
CA SER A 238 57.98 -31.33 12.00
C SER A 238 59.39 -31.77 12.39
N ARG A 239 59.91 -32.78 11.70
CA ARG A 239 61.24 -33.28 12.01
C ARG A 239 62.33 -32.25 11.68
N SER A 240 62.09 -31.38 10.70
CA SER A 240 63.04 -30.32 10.39
C SER A 240 62.94 -29.14 11.35
N ARG A 241 61.80 -28.98 12.03
CA ARG A 241 61.63 -27.89 12.98
C ARG A 241 62.07 -28.28 14.38
N SER A 242 62.01 -29.57 14.72
CA SER A 242 62.41 -30.04 16.04
C SER A 242 63.87 -30.43 16.13
N GLY A 243 64.59 -30.48 15.01
CA GLY A 243 66.02 -30.71 15.03
C GLY A 243 66.49 -32.11 14.69
N GLY A 244 65.62 -32.97 14.18
CA GLY A 244 66.02 -34.30 13.78
C GLY A 244 65.55 -35.36 14.74
N SER A 245 65.54 -36.61 14.25
CA SER A 245 64.95 -37.71 14.99
C SER A 245 65.66 -37.95 16.32
N GLN A 246 67.00 -37.89 16.32
CA GLN A 246 67.74 -38.13 17.55
C GLN A 246 67.38 -37.11 18.62
N GLU A 247 67.48 -35.82 18.28
CA GLU A 247 67.14 -34.76 19.23
C GLU A 247 65.75 -34.98 19.80
N LEU A 249 64.02 -37.69 19.98
CA LEU A 249 64.07 -38.85 20.86
C LEU A 249 64.58 -38.43 22.24
N ASN A 250 65.72 -37.72 22.26
CA ASN A 250 66.27 -37.27 23.52
C ASN A 250 65.21 -36.57 24.35
N PHE A 251 64.52 -35.61 23.72
CA PHE A 251 63.47 -34.86 24.40
C PHE A 251 62.57 -35.82 25.17
N PHE A 252 61.94 -36.75 24.45
CA PHE A 252 60.97 -37.63 25.09
C PHE A 252 61.63 -38.40 26.21
N VAL A 253 62.80 -38.99 25.94
CA VAL A 253 63.49 -39.75 26.99
C VAL A 253 63.74 -38.84 28.17
N THR A 254 64.31 -37.66 27.92
CA THR A 254 64.59 -36.73 29.00
C THR A 254 63.30 -36.37 29.72
N VAL A 256 60.64 -38.14 30.01
CA VAL A 256 60.16 -39.24 30.83
C VAL A 256 61.01 -39.38 32.09
N ASN A 257 62.25 -38.91 32.07
CA ASN A 257 63.13 -39.02 33.23
C ASN A 257 63.12 -37.77 34.10
N ILE A 258 63.02 -36.59 33.49
CA ILE A 258 62.91 -35.36 34.27
C ILE A 258 61.58 -35.33 35.01
N ILE A 259 60.49 -35.63 34.31
CA ILE A 259 59.17 -35.72 34.91
C ILE A 259 58.96 -37.14 35.42
N GLY A 260 58.60 -37.26 36.70
CA GLY A 260 58.46 -38.57 37.30
C GLY A 260 57.10 -39.18 37.11
N VAL A 261 56.35 -38.71 36.12
CA VAL A 261 54.99 -39.17 35.88
C VAL A 261 54.97 -40.11 34.68
N PRO A 262 54.03 -41.06 34.60
CA PRO A 262 53.89 -41.87 33.40
C PRO A 262 53.57 -41.03 32.18
N VAL A 263 54.14 -41.42 31.03
CA VAL A 263 53.98 -40.70 29.78
C VAL A 263 53.53 -41.68 28.69
N LEU A 265 52.86 -41.78 24.47
CA LEU A 265 53.05 -41.12 23.18
C LEU A 265 52.28 -41.90 22.12
N ILE A 266 51.41 -41.19 21.39
CA ILE A 266 50.54 -41.80 20.38
C ILE A 266 50.99 -41.29 19.02
N GLY A 267 51.25 -42.21 18.08
CA GLY A 267 51.77 -41.80 16.80
C GLY A 267 51.51 -42.83 15.72
N THR A 268 52.02 -42.53 14.54
CA THR A 268 51.87 -43.37 13.37
C THR A 268 53.08 -44.28 13.23
N PRO A 269 53.01 -45.29 12.36
CA PRO A 269 54.21 -46.10 12.08
C PRO A 269 55.38 -45.29 11.57
N LYS A 270 55.14 -44.15 10.92
CA LYS A 270 56.24 -43.31 10.47
C LYS A 270 56.90 -42.60 11.64
N ALA A 271 56.16 -42.35 12.72
CA ALA A 271 56.74 -41.74 13.92
C ALA A 271 57.51 -42.74 14.77
N ARG A 272 57.29 -44.03 14.58
CA ARG A 272 58.11 -45.03 15.24
C ARG A 272 59.57 -44.91 14.83
N GLU A 273 59.81 -44.39 13.63
CA GLU A 273 61.17 -44.23 13.13
C GLU A 273 62.02 -43.38 14.06
N ILE A 274 61.39 -42.44 14.76
CA ILE A 274 62.10 -41.64 15.77
C ILE A 274 62.56 -42.55 16.91
N PHE A 275 61.70 -43.48 17.33
CA PHE A 275 61.98 -44.32 18.49
C PHE A 275 62.63 -45.64 18.14
N GLU A 276 62.76 -45.98 16.85
CA GLU A 276 63.22 -47.31 16.46
C GLU A 276 64.66 -47.59 16.86
N ALA A 277 65.42 -46.57 17.25
CA ALA A 277 66.80 -46.78 17.68
C ALA A 277 66.86 -47.69 18.90
N ASP A 278 65.95 -47.48 19.85
CA ASP A 278 65.88 -48.32 21.05
C ASP A 278 64.47 -48.90 21.17
N LEU A 279 64.39 -50.21 21.36
CA LEU A 279 63.11 -50.88 21.52
C LEU A 279 62.44 -50.45 22.84
N GLY A 287 63.07 -47.19 29.09
CA GLY A 287 62.73 -46.99 27.70
C GLY A 287 61.25 -46.78 27.45
N PHE A 288 60.78 -47.30 26.32
CA PHE A 288 59.38 -47.17 25.92
C PHE A 288 58.80 -48.54 25.59
N GLY A 289 57.57 -48.76 26.04
CA GLY A 289 56.83 -49.97 25.70
C GLY A 289 55.90 -49.68 24.53
N ALA A 290 55.75 -50.67 23.65
CA ALA A 290 55.04 -50.48 22.39
C ALA A 290 53.76 -51.30 22.36
N ILE A 291 52.64 -50.63 22.12
CA ILE A 291 51.37 -51.27 21.81
C ILE A 291 51.01 -50.90 20.38
N PHE A 292 50.68 -51.90 19.58
CA PHE A 292 50.47 -51.72 18.15
C PHE A 292 48.98 -51.79 17.81
N TRP A 293 48.43 -50.68 17.35
CA TRP A 293 47.01 -50.59 17.00
C TRP A 293 46.83 -50.98 15.53
N ASP A 294 47.00 -52.28 15.28
CA ASP A 294 46.90 -52.78 13.92
C ASP A 294 45.46 -52.66 13.41
N PRO A 295 45.28 -52.53 12.09
CA PRO A 295 43.93 -52.53 11.54
C PRO A 295 43.24 -53.86 11.78
N ILE A 296 41.90 -53.84 11.73
CA ILE A 296 41.14 -55.06 11.88
C ILE A 296 41.52 -56.02 10.77
N GLN A 297 41.77 -57.27 11.13
CA GLN A 297 42.17 -58.29 10.17
C GLN A 297 40.97 -59.15 9.81
N GLN A 298 40.85 -59.47 8.52
CA GLN A 298 39.71 -60.25 8.05
C GLN A 298 39.75 -61.67 8.61
N THR A 299 40.91 -62.31 8.56
CA THR A 299 41.06 -63.71 8.97
C THR A 299 41.97 -63.82 10.18
N GLN A 300 41.62 -64.73 11.08
CA GLN A 300 42.41 -65.05 12.26
C GLN A 300 42.84 -66.50 12.17
N ARG A 301 44.15 -66.73 11.99
CA ARG A 301 44.71 -68.08 11.94
C ARG A 301 44.00 -68.95 10.90
N GLY A 302 43.68 -68.34 9.75
CA GLY A 302 43.04 -69.05 8.66
C GLY A 302 41.53 -69.11 8.72
N LYS A 303 40.92 -68.69 9.82
CA LYS A 303 39.47 -68.70 9.98
C LYS A 303 38.99 -67.27 10.21
N PRO A 304 37.72 -66.99 9.92
CA PRO A 304 37.23 -65.60 9.98
C PRO A 304 37.42 -64.98 11.35
N ASN A 305 37.78 -63.69 11.34
CA ASN A 305 37.90 -62.92 12.57
C ASN A 305 36.51 -62.46 13.00
N GLN A 306 36.04 -62.98 14.14
CA GLN A 306 34.73 -62.58 14.62
C GLN A 306 34.71 -61.12 15.07
N GLU A 307 35.86 -60.49 15.27
CA GLU A 307 35.88 -59.05 15.51
C GLU A 307 35.41 -58.29 14.27
N TRP A 308 35.95 -58.64 13.10
CA TRP A 308 35.51 -58.02 11.86
C TRP A 308 34.03 -58.31 11.61
N ILE A 309 33.63 -59.57 11.81
CA ILE A 309 32.24 -59.96 11.58
C ILE A 309 31.31 -59.17 12.49
N ALA A 310 31.65 -59.08 13.77
CA ALA A 310 30.80 -58.40 14.73
C ALA A 310 30.74 -56.90 14.46
N PHE A 311 31.89 -56.28 14.20
CA PHE A 311 31.91 -54.85 13.94
C PHE A 311 31.11 -54.50 12.69
N THR A 312 31.24 -55.31 11.63
CA THR A 312 30.52 -55.01 10.40
C THR A 312 29.02 -55.27 10.55
N ASP A 313 28.65 -56.36 11.24
CA ASP A 313 27.23 -56.65 11.43
C ASP A 313 26.56 -55.59 12.30
N ASN A 314 27.23 -55.16 13.37
CA ASN A 314 26.63 -54.14 14.23
C ASN A 314 26.49 -52.81 13.51
N LEU A 315 27.50 -52.41 12.74
CA LEU A 315 27.41 -51.19 11.96
C LEU A 315 26.37 -51.32 10.85
N TRP A 316 26.14 -52.56 10.37
CA TRP A 316 25.19 -52.76 9.29
C TRP A 316 23.76 -52.49 9.72
N GLN A 317 23.45 -52.72 10.99
CA GLN A 317 22.08 -52.47 11.46
C GLN A 317 21.77 -50.99 11.56
N LEU A 318 22.79 -50.13 11.60
CA LEU A 318 22.58 -48.68 11.58
C LEU A 318 22.48 -48.22 10.12
N GLN A 319 21.43 -48.68 9.46
CA GLN A 319 21.25 -48.47 8.02
C GLN A 319 19.81 -48.01 7.78
N LEU A 320 19.65 -46.74 7.42
CA LEU A 320 18.32 -46.18 7.17
C LEU A 320 17.99 -46.20 5.68
N LEU A 321 17.90 -47.42 5.15
CA LEU A 321 17.57 -47.65 3.76
C LEU A 321 16.41 -48.63 3.68
N GLN A 322 15.45 -48.34 2.80
CA GLN A 322 14.20 -49.10 2.79
C GLN A 322 14.42 -50.54 2.32
N ARG A 323 14.86 -50.70 1.06
CA ARG A 323 15.11 -52.05 0.57
C ARG A 323 16.49 -52.53 1.00
N LYS A 324 16.79 -52.41 2.29
CA LYS A 324 18.11 -52.78 2.78
C LYS A 324 18.34 -54.27 2.63
N ASP A 325 19.56 -54.63 2.26
CA ASP A 325 19.96 -56.03 2.30
C ASP A 325 19.76 -56.55 3.72
N ALA A 326 18.87 -57.54 3.87
CA ALA A 326 18.38 -57.93 5.19
C ALA A 326 19.52 -58.23 6.15
N LEU A 327 20.59 -58.84 5.65
CA LEU A 327 21.77 -59.06 6.45
C LEU A 327 22.99 -58.96 5.55
N LEU A 328 24.11 -58.55 6.15
CA LEU A 328 25.34 -58.31 5.39
C LEU A 328 25.81 -59.57 4.68
N SER A 329 26.04 -59.45 3.38
CA SER A 329 26.48 -60.59 2.59
C SER A 329 27.99 -60.77 2.68
N ASP A 330 28.44 -61.99 2.41
CA ASP A 330 29.88 -62.25 2.38
C ASP A 330 30.55 -61.49 1.24
N GLU A 331 29.86 -61.37 0.09
CA GLU A 331 30.40 -60.56 -1.00
C GLU A 331 30.60 -59.11 -0.57
N VAL A 332 29.56 -58.51 0.00
CA VAL A 332 29.63 -57.10 0.38
C VAL A 332 30.64 -56.89 1.49
N ARG A 333 30.68 -57.81 2.47
CA ARG A 333 31.67 -57.68 3.54
C ARG A 333 33.10 -57.83 3.01
N ASP A 334 33.31 -58.74 2.06
CA ASP A 334 34.66 -58.91 1.52
C ASP A 334 35.09 -57.69 0.72
N VAL A 335 34.17 -57.10 -0.05
CA VAL A 335 34.47 -55.84 -0.74
C VAL A 335 34.76 -54.75 0.28
N TRP A 336 33.98 -54.71 1.36
CA TRP A 336 34.12 -53.71 2.39
C TRP A 336 35.51 -53.80 3.04
N TYR A 337 35.98 -55.02 3.31
CA TYR A 337 37.32 -55.17 3.85
C TYR A 337 38.39 -54.83 2.81
N GLU A 338 38.20 -55.27 1.56
CA GLU A 338 39.17 -54.99 0.52
C GLU A 338 39.42 -53.50 0.38
N LEU A 339 38.35 -52.71 0.34
CA LEU A 339 38.48 -51.27 0.18
C LEU A 339 39.03 -50.62 1.45
N SER A 340 38.49 -50.99 2.61
CA SER A 340 38.86 -50.31 3.85
C SER A 340 40.13 -50.88 4.46
N GLN A 341 40.40 -52.17 4.25
CA GLN A 341 41.60 -52.83 4.79
C GLN A 341 41.66 -52.77 6.31
N GLY A 342 40.50 -52.72 6.97
CA GLY A 342 40.41 -52.83 8.40
C GLY A 342 40.56 -51.53 9.17
N VAL A 343 40.87 -50.43 8.49
CA VAL A 343 41.01 -49.15 9.18
C VAL A 343 39.62 -48.59 9.44
N ASP A 345 38.15 -45.78 10.35
CA ASP A 345 37.63 -44.55 9.73
C ASP A 345 37.08 -44.86 8.34
N ILE A 346 37.85 -45.60 7.54
CA ILE A 346 37.44 -45.90 6.16
C ILE A 346 36.21 -46.80 6.14
N VAL A 347 36.07 -47.71 7.10
CA VAL A 347 34.89 -48.56 7.18
C VAL A 347 33.64 -47.72 7.34
N VAL A 348 33.58 -46.93 8.42
CA VAL A 348 32.40 -46.12 8.71
C VAL A 348 32.19 -45.08 7.62
N LYS A 349 33.28 -44.47 7.13
CA LYS A 349 33.15 -43.46 6.09
C LYS A 349 32.56 -44.05 4.81
N LEU A 350 33.04 -45.23 4.40
CA LEU A 350 32.48 -45.89 3.23
C LEU A 350 31.01 -46.20 3.44
N PHE A 351 30.66 -46.74 4.61
CA PHE A 351 29.26 -47.06 4.91
C PHE A 351 28.37 -45.83 4.79
N VAL A 352 28.76 -44.74 5.47
CA VAL A 352 27.92 -43.54 5.52
C VAL A 352 27.84 -42.89 4.15
N LEU A 353 28.98 -42.74 3.48
CA LEU A 353 29.00 -42.10 2.18
C LEU A 353 28.20 -42.90 1.16
N ALA A 354 28.27 -44.23 1.25
CA ALA A 354 27.50 -45.07 0.33
C ALA A 354 26.00 -44.96 0.61
N GLN A 355 25.61 -44.85 1.88
CA GLN A 355 24.19 -44.62 2.17
C GLN A 355 23.72 -43.29 1.58
N LEU A 356 24.54 -42.23 1.73
CA LEU A 356 24.15 -40.94 1.16
C LEU A 356 24.12 -40.98 -0.35
N ARG A 357 25.01 -41.76 -0.98
CA ARG A 357 24.97 -41.93 -2.43
C ARG A 357 23.72 -42.67 -2.86
N ALA A 358 23.33 -43.71 -2.11
CA ALA A 358 22.11 -44.45 -2.43
C ALA A 358 20.89 -43.54 -2.31
N LEU A 359 20.83 -42.72 -1.26
CA LEU A 359 19.71 -41.78 -1.13
C LEU A 359 19.71 -40.78 -2.29
N ALA A 360 20.86 -40.25 -2.65
CA ALA A 360 20.94 -39.30 -3.75
C ALA A 360 20.55 -39.93 -5.08
N LEU A 361 20.98 -41.17 -5.32
CA LEU A 361 20.64 -41.87 -6.54
C LEU A 361 19.23 -42.46 -6.51
N GLY A 362 18.56 -42.40 -5.37
CA GLY A 362 17.19 -42.89 -5.26
C GLY A 362 17.07 -44.34 -4.87
N ASN A 363 18.17 -45.10 -4.89
CA ASN A 363 18.13 -46.50 -4.50
C ASN A 363 18.13 -46.63 -2.98
N GLU A 364 17.69 -47.80 -2.50
CA GLU A 364 17.58 -48.03 -1.07
C GLU A 364 18.28 -49.32 -0.65
N ARG A 365 19.37 -49.66 -1.35
CA ARG A 365 20.18 -50.83 -1.00
C ARG A 365 21.65 -50.48 -1.19
N ILE A 366 22.51 -51.17 -0.45
CA ILE A 366 23.95 -51.01 -0.56
C ILE A 366 24.50 -52.14 -1.41
N THR A 367 25.08 -51.80 -2.55
CA THR A 367 25.71 -52.75 -3.45
C THR A 367 27.22 -52.68 -3.30
N ALA A 368 27.89 -53.78 -3.66
CA ALA A 368 29.35 -53.77 -3.69
C ALA A 368 29.86 -52.74 -4.68
N GLY A 369 29.18 -52.62 -5.83
CA GLY A 369 29.53 -51.58 -6.79
C GLY A 369 29.40 -50.18 -6.22
N LEU A 370 28.40 -49.98 -5.36
CA LEU A 370 28.24 -48.68 -4.70
C LEU A 370 29.44 -48.38 -3.80
N LEU A 371 29.90 -49.38 -3.04
CA LEU A 371 31.06 -49.19 -2.18
C LEU A 371 32.30 -48.88 -3.00
N ARG A 372 32.51 -49.62 -4.09
CA ARG A 372 33.66 -49.37 -4.95
C ARG A 372 33.58 -47.97 -5.58
N GLN A 373 32.37 -47.57 -5.98
CA GLN A 373 32.17 -46.26 -6.58
C GLN A 373 32.51 -45.14 -5.60
N VAL A 374 32.03 -45.26 -4.37
CA VAL A 374 32.33 -44.26 -3.35
C VAL A 374 33.82 -44.25 -3.04
N TYR A 375 34.43 -45.43 -2.94
CA TYR A 375 35.86 -45.54 -2.70
C TYR A 375 36.66 -44.82 -3.77
N GLN A 376 36.29 -45.01 -5.04
CA GLN A 376 37.05 -44.40 -6.13
C GLN A 376 36.80 -42.90 -6.21
N ASP A 377 35.56 -42.46 -5.95
CA ASP A 377 35.24 -41.05 -6.09
C ASP A 377 35.69 -40.23 -4.89
N GLU A 378 35.44 -40.72 -3.68
CA GLU A 378 35.53 -39.89 -2.47
C GLU A 378 36.84 -40.05 -1.71
N LEU A 379 37.34 -41.27 -1.54
CA LEU A 379 38.46 -41.56 -0.66
C LEU A 379 39.80 -41.59 -1.40
N LYS A 380 39.94 -40.78 -2.45
CA LYS A 380 41.18 -40.74 -3.23
C LYS A 380 42.42 -40.45 -2.40
N PRO A 381 42.46 -39.44 -1.52
CA PRO A 381 43.73 -39.10 -0.85
C PRO A 381 44.31 -40.23 -0.02
N VAL A 382 43.48 -41.13 0.51
CA VAL A 382 43.97 -42.21 1.37
C VAL A 382 44.31 -43.46 0.57
N HIS A 383 44.04 -43.46 -0.74
CA HIS A 383 44.28 -44.64 -1.56
C HIS A 383 45.70 -45.21 -1.46
N PRO A 384 46.79 -44.42 -1.47
CA PRO A 384 48.13 -45.01 -1.31
C PRO A 384 48.24 -45.90 -0.08
N LEU A 386 46.07 -47.32 1.97
CA LEU A 386 45.27 -48.54 1.87
C LEU A 386 45.94 -49.55 0.95
N GLU A 387 46.37 -49.11 -0.24
CA GLU A 387 47.06 -50.00 -1.16
C GLU A 387 48.32 -50.56 -0.50
N ALA A 388 49.07 -49.72 0.21
CA ALA A 388 50.25 -50.21 0.92
C ALA A 388 49.86 -51.29 1.91
N LEU A 389 48.74 -51.11 2.61
CA LEU A 389 48.31 -52.11 3.57
C LEU A 389 47.98 -53.43 2.88
N ARG A 390 47.52 -53.38 1.62
CA ARG A 390 47.32 -54.61 0.87
C ARG A 390 48.65 -55.31 0.62
N SER A 391 49.70 -54.54 0.31
CA SER A 391 50.99 -55.14 -0.01
C SER A 391 51.59 -55.84 1.20
N GLY A 392 51.35 -55.33 2.40
CA GLY A 392 51.96 -55.90 3.59
C GLY A 392 53.40 -55.52 3.79
N ILE A 393 53.95 -54.66 2.94
CA ILE A 393 55.34 -54.24 3.03
C ILE A 393 55.44 -53.18 4.12
N PRO A 394 56.21 -53.42 5.19
CA PRO A 394 56.22 -52.50 6.33
C PRO A 394 56.65 -51.08 5.97
N GLU A 395 57.70 -50.92 5.18
CA GLU A 395 58.18 -49.58 4.85
C GLU A 395 57.16 -48.82 4.03
N ARG A 396 56.52 -49.50 3.07
CA ARG A 396 55.52 -48.85 2.23
C ARG A 396 54.33 -48.38 3.05
N ILE A 397 53.88 -49.19 4.02
CA ILE A 397 52.81 -48.77 4.93
C ILE A 397 53.28 -47.59 5.77
N ALA A 398 54.52 -47.64 6.27
CA ALA A 398 55.02 -46.57 7.13
C ALA A 398 55.08 -45.24 6.39
N ARG A 399 55.41 -45.28 5.10
CA ARG A 399 55.52 -44.03 4.33
C ARG A 399 54.18 -43.29 4.28
N TYR A 400 53.10 -44.02 4.04
CA TYR A 400 51.79 -43.42 3.85
C TYR A 400 50.92 -43.52 5.09
N SER A 401 51.52 -43.81 6.26
CA SER A 401 50.74 -44.03 7.46
C SER A 401 50.05 -42.75 7.96
N ASP A 402 50.58 -41.59 7.61
CA ASP A 402 50.04 -40.32 8.08
C ASP A 402 48.93 -39.78 7.21
N LEU A 403 48.52 -40.51 6.18
CA LEU A 403 47.54 -40.02 5.24
C LEU A 403 46.16 -39.93 5.88
N VAL A 404 45.47 -38.82 5.67
CA VAL A 404 44.14 -38.57 6.19
C VAL A 404 43.27 -37.99 5.08
N VAL A 405 42.03 -38.47 4.96
CA VAL A 405 41.10 -37.92 4.00
C VAL A 405 40.65 -36.54 4.48
N PRO A 406 40.86 -35.49 3.69
CA PRO A 406 40.55 -34.14 4.16
C PRO A 406 39.13 -33.70 3.83
N GLU A 407 38.58 -32.89 4.73
CA GLU A 407 37.33 -32.16 4.49
C GLU A 407 36.17 -33.11 4.17
N ILE A 408 36.11 -34.23 4.89
CA ILE A 408 35.02 -35.18 4.65
C ILE A 408 33.71 -34.67 5.27
N ASP A 409 33.79 -33.85 6.32
CA ASP A 409 32.57 -33.32 6.93
C ASP A 409 31.88 -32.33 6.02
N LYS A 410 32.64 -31.46 5.36
CA LYS A 410 32.06 -30.57 4.36
C LYS A 410 31.46 -31.36 3.20
N ARG A 411 32.09 -32.49 2.84
CA ARG A 411 31.53 -33.31 1.77
C ARG A 411 30.23 -33.98 2.21
N LEU A 412 30.13 -34.37 3.48
CA LEU A 412 28.86 -34.89 4.00
C LEU A 412 27.78 -33.82 3.97
N ILE A 413 28.14 -32.58 4.35
CA ILE A 413 27.21 -31.46 4.27
C ILE A 413 26.74 -31.29 2.83
N GLN A 414 27.66 -31.30 1.89
CA GLN A 414 27.31 -31.13 0.48
C GLN A 414 26.42 -32.27 -0.01
N LEU A 415 26.71 -33.50 0.40
CA LEU A 415 25.91 -34.64 -0.03
C LEU A 415 24.48 -34.54 0.48
N GLN A 416 24.29 -34.18 1.76
CA GLN A 416 22.93 -34.09 2.24
C GLN A 416 22.23 -32.83 1.73
N LEU A 417 22.96 -31.77 1.39
CA LEU A 417 22.34 -30.65 0.70
C LEU A 417 21.86 -31.05 -0.69
N ASP A 418 22.67 -31.84 -1.41
CA ASP A 418 22.25 -32.31 -2.73
C ASP A 418 21.05 -33.24 -2.61
N ILE A 419 21.03 -34.07 -1.55
CA ILE A 419 19.87 -34.92 -1.30
C ILE A 419 18.64 -34.06 -1.03
N ALA A 420 18.80 -32.97 -0.27
CA ALA A 420 17.68 -32.09 0.01
C ALA A 420 17.14 -31.46 -1.27
N ALA A 421 18.02 -31.11 -2.21
CA ALA A 421 17.59 -30.46 -3.44
C ALA A 421 16.73 -31.40 -4.30
N ILE A 422 17.13 -32.67 -4.41
CA ILE A 422 16.37 -33.59 -5.24
C ILE A 422 15.01 -33.89 -4.60
N GLN A 423 14.94 -33.92 -3.27
CA GLN A 423 13.67 -34.18 -2.60
C GLN A 423 12.67 -33.07 -2.85
N GLU A 424 13.11 -31.82 -2.78
CA GLU A 424 12.23 -30.67 -2.90
C GLU A 424 12.21 -30.09 -4.32
N GLN A 425 12.69 -30.86 -5.29
CA GLN A 425 12.57 -30.46 -6.68
C GLN A 425 11.11 -30.48 -7.10
N THR A 426 10.66 -29.40 -7.73
CA THR A 426 9.29 -29.35 -8.24
C THR A 426 9.13 -30.35 -9.37
N PRO A 427 7.92 -30.89 -9.56
CA PRO A 427 7.70 -31.84 -10.66
C PRO A 427 8.10 -31.29 -12.02
N GLU A 428 8.00 -29.97 -12.21
CA GLU A 428 8.47 -29.36 -13.44
C GLU A 428 9.99 -29.45 -13.56
N GLU A 429 10.71 -29.20 -12.47
CA GLU A 429 12.17 -29.26 -12.51
C GLU A 429 12.66 -30.67 -12.82
N LYS A 430 12.01 -31.67 -12.23
CA LYS A 430 12.38 -33.06 -12.51
C LYS A 430 12.20 -33.39 -13.99
N ALA A 431 11.08 -32.94 -14.57
CA ALA A 431 10.82 -33.22 -15.98
C ALA A 431 11.81 -32.52 -16.89
N LEU A 432 12.11 -31.24 -16.61
CA LEU A 432 13.01 -30.50 -17.48
C LEU A 432 14.43 -31.06 -17.46
N GLN A 433 14.83 -31.69 -16.36
CA GLN A 433 16.12 -32.35 -16.33
C GLN A 433 16.07 -33.72 -16.99
N GLU A 434 14.89 -34.36 -17.00
CA GLU A 434 14.74 -35.67 -17.64
C GLU A 434 14.61 -35.56 -19.15
N LEU A 435 14.34 -34.36 -19.66
CA LEU A 435 14.23 -34.13 -21.10
C LEU A 435 15.57 -33.66 -21.64
N ASP A 436 16.03 -34.30 -22.71
CA ASP A 436 17.39 -34.13 -23.19
C ASP A 436 17.56 -32.99 -24.19
N THR A 437 16.47 -32.37 -24.64
CA THR A 437 16.56 -31.40 -25.72
C THR A 437 15.71 -30.17 -25.40
N GLU A 438 16.14 -29.02 -25.93
CA GLU A 438 15.39 -27.78 -25.78
C GLU A 438 13.97 -27.93 -26.33
N ASP A 439 13.83 -28.60 -27.47
CA ASP A 439 12.51 -28.77 -28.08
C ASP A 439 11.58 -29.54 -27.17
N GLN A 440 12.09 -30.61 -26.54
CA GLN A 440 11.28 -31.41 -25.65
C GLN A 440 10.81 -30.60 -24.44
N ARG A 441 11.70 -29.76 -23.89
CA ARG A 441 11.32 -28.92 -22.77
C ARG A 441 10.28 -27.89 -23.18
N HIS A 442 10.43 -27.31 -24.37
CA HIS A 442 9.44 -26.37 -24.87
C HIS A 442 8.08 -27.04 -24.99
N LEU A 443 8.06 -28.27 -25.50
CA LEU A 443 6.81 -29.01 -25.62
C LEU A 443 6.20 -29.30 -24.25
N TYR A 444 7.02 -29.73 -23.29
CA TYR A 444 6.50 -29.99 -21.95
C TYR A 444 5.93 -28.73 -21.33
N LEU A 445 6.63 -27.60 -21.49
CA LEU A 445 6.13 -26.34 -20.94
C LEU A 445 4.83 -25.93 -21.59
N LEU A 447 2.52 -28.06 -22.85
CA LEU A 447 1.45 -29.01 -22.58
C LEU A 447 1.33 -29.39 -21.11
N LYS A 448 2.03 -28.70 -20.21
CA LYS A 448 2.04 -29.11 -18.81
C LYS A 448 0.70 -28.89 -18.13
N GLU A 449 -0.08 -27.90 -18.57
CA GLU A 449 -1.27 -27.51 -17.82
C GLU A 449 -2.41 -28.52 -17.98
N ASP A 450 -2.59 -29.06 -19.18
CA ASP A 450 -3.75 -29.90 -19.47
C ASP A 450 -3.40 -31.37 -19.67
N TYR A 451 -2.18 -31.78 -19.35
CA TYR A 451 -1.79 -33.17 -19.49
C TYR A 451 -0.95 -33.61 -18.29
N ASP A 452 -1.00 -34.90 -17.98
CA ASP A 452 -0.38 -35.44 -16.78
C ASP A 452 1.07 -35.78 -17.01
N SER A 453 1.89 -35.59 -15.97
CA SER A 453 3.33 -35.83 -16.07
C SER A 453 3.68 -37.30 -16.27
N SER A 454 2.77 -38.21 -15.91
CA SER A 454 3.08 -39.63 -16.01
C SER A 454 3.34 -40.05 -17.45
N LEU A 455 2.49 -39.62 -18.38
CA LEU A 455 2.65 -39.94 -19.79
C LEU A 455 3.44 -38.90 -20.55
N LEU A 456 3.39 -37.63 -20.12
CA LEU A 456 3.82 -36.53 -20.98
C LEU A 456 5.31 -36.62 -21.30
N ILE A 457 6.15 -36.75 -20.29
CA ILE A 457 7.60 -36.81 -20.50
C ILE A 457 7.99 -38.07 -21.29
N PRO A 458 7.56 -39.27 -20.89
CA PRO A 458 7.93 -40.46 -21.68
C PRO A 458 7.42 -40.40 -23.11
N THR A 459 6.21 -39.88 -23.32
CA THR A 459 5.67 -39.80 -24.68
C THR A 459 6.52 -38.88 -25.54
N ILE A 460 6.90 -37.72 -25.01
CA ILE A 460 7.74 -36.80 -25.77
C ILE A 460 9.10 -37.41 -26.05
N LYS A 461 9.69 -38.06 -25.04
CA LYS A 461 11.02 -38.64 -25.23
C LYS A 461 11.01 -39.73 -26.29
N LYS A 462 9.99 -40.60 -26.27
CA LYS A 462 9.93 -41.64 -27.30
C LYS A 462 9.53 -41.09 -28.66
N ALA A 463 8.72 -40.03 -28.69
CA ALA A 463 8.36 -39.41 -29.96
C ALA A 463 9.59 -38.81 -30.63
N PHE A 464 10.48 -38.19 -29.84
CA PHE A 464 11.73 -37.68 -30.39
C PHE A 464 12.77 -38.77 -30.59
N SER A 465 12.60 -39.92 -29.95
CA SER A 465 13.53 -41.03 -30.12
C SER A 465 13.25 -41.85 -31.39
N GLN A 466 12.03 -41.77 -31.92
CA GLN A 466 11.68 -42.50 -33.14
C GLN A 466 11.58 -41.59 -34.36
N ASN A 467 11.55 -40.27 -34.15
CA ASN A 467 11.64 -39.29 -35.25
C ASN A 467 12.73 -38.31 -34.85
N PRO A 468 14.00 -38.70 -35.01
CA PRO A 468 15.09 -37.87 -34.46
C PRO A 468 15.16 -36.48 -35.05
N THR A 469 15.26 -36.37 -36.38
CA THR A 469 15.29 -35.08 -37.06
C THR A 469 13.89 -34.79 -37.61
N THR A 471 10.68 -31.48 -37.03
CA THR A 471 10.40 -30.20 -36.40
C THR A 471 9.44 -30.36 -35.22
N ARG A 472 9.54 -29.41 -34.28
CA ARG A 472 8.59 -29.35 -33.17
C ARG A 472 7.16 -29.28 -33.68
N GLN A 473 6.95 -28.52 -34.75
CA GLN A 473 5.60 -28.25 -35.25
C GLN A 473 4.93 -29.53 -35.72
N LYS A 474 5.66 -30.37 -36.45
CA LYS A 474 5.09 -31.63 -36.92
C LYS A 474 4.96 -32.64 -35.79
N LEU A 475 5.81 -32.57 -34.78
CA LEU A 475 5.83 -33.54 -33.71
C LEU A 475 4.85 -33.24 -32.58
N LEU A 476 4.29 -32.04 -32.53
CA LEU A 476 3.25 -31.76 -31.54
C LEU A 476 2.04 -32.70 -31.68
N PRO A 477 1.44 -32.88 -32.86
CA PRO A 477 0.29 -33.80 -32.94
C PRO A 477 0.63 -35.25 -32.59
N LEU A 478 1.82 -35.72 -32.97
CA LEU A 478 2.18 -37.10 -32.68
C LEU A 478 2.24 -37.37 -31.19
N VAL A 479 2.82 -36.44 -30.43
CA VAL A 479 2.76 -36.52 -28.98
C VAL A 479 1.31 -36.46 -28.51
N LEU A 480 0.54 -35.53 -29.08
CA LEU A 480 -0.87 -35.42 -28.70
C LEU A 480 -1.64 -36.69 -29.04
N GLN A 481 -1.36 -37.28 -30.21
CA GLN A 481 -2.07 -38.48 -30.62
C GLN A 481 -1.83 -39.63 -29.64
N TRP A 482 -0.56 -39.85 -29.27
CA TRP A 482 -0.24 -40.93 -28.34
C TRP A 482 -0.87 -40.69 -26.97
N LEU A 483 -1.02 -39.43 -26.57
CA LEU A 483 -1.63 -39.14 -25.27
C LEU A 483 -3.14 -39.42 -25.28
N GLU A 485 -5.06 -41.37 -27.64
CA GLU A 485 -4.83 -42.80 -27.80
C GLU A 485 -3.93 -43.08 -29.00
N GLY A 486 -2.80 -43.73 -28.78
CA GLY A 486 -1.87 -43.94 -29.88
C GLY A 486 -0.81 -44.96 -29.55
N GLU A 487 -0.05 -45.32 -30.57
CA GLU A 487 0.98 -46.34 -30.44
C GLU A 487 2.03 -45.96 -29.40
N ALA B 3 0.59 -13.53 17.55
CA ALA B 3 0.42 -14.39 18.73
C ALA B 3 0.09 -15.82 18.33
N THR B 4 1.04 -16.73 18.58
CA THR B 4 0.88 -18.14 18.24
C THR B 4 1.04 -18.96 19.52
N ARG B 5 -0.09 -19.39 20.08
CA ARG B 5 -0.09 -20.23 21.28
C ARG B 5 -0.47 -21.65 20.90
N ILE B 6 0.16 -22.61 21.57
CA ILE B 6 -0.13 -24.03 21.38
C ILE B 6 -0.08 -24.72 22.73
N GLN B 7 -0.89 -25.78 22.88
CA GLN B 7 -0.83 -26.61 24.06
C GLN B 7 0.24 -27.68 23.89
N ALA B 8 1.03 -27.89 24.95
CA ALA B 8 2.23 -28.70 24.81
C ALA B 8 1.91 -30.18 24.72
N VAL B 9 2.65 -30.87 23.86
CA VAL B 9 2.64 -32.33 23.76
C VAL B 9 4.09 -32.79 23.95
N TYR B 10 4.32 -33.62 24.96
CA TYR B 10 5.67 -34.05 25.31
C TYR B 10 6.06 -35.27 24.49
N ARG B 11 7.24 -35.20 23.89
CA ARG B 11 7.72 -36.20 22.96
C ARG B 11 8.95 -36.91 23.54
N ASP B 12 9.00 -38.22 23.36
CA ASP B 12 10.08 -39.03 23.90
C ASP B 12 11.32 -38.87 23.01
N THR B 13 12.34 -38.19 23.53
CA THR B 13 13.57 -37.96 22.79
C THR B 13 14.49 -39.17 22.91
N GLY B 14 15.62 -39.12 22.21
CA GLY B 14 16.62 -40.16 22.28
C GLY B 14 17.91 -39.68 22.90
N VAL B 15 17.87 -38.53 23.57
CA VAL B 15 19.05 -37.91 24.15
C VAL B 15 18.86 -37.82 25.67
N GLU B 16 19.90 -38.18 26.41
CA GLU B 16 19.81 -38.21 27.87
C GLU B 16 19.72 -36.81 28.46
N ALA B 17 20.46 -35.86 27.90
CA ALA B 17 20.43 -34.50 28.43
C ALA B 17 19.04 -33.89 28.28
N TYR B 18 18.33 -34.23 27.20
CA TYR B 18 16.98 -33.73 26.98
C TYR B 18 15.93 -34.53 27.75
N ARG B 19 16.33 -35.62 28.40
CA ARG B 19 15.35 -36.52 29.01
C ARG B 19 14.61 -35.81 30.15
N ASP B 20 13.28 -35.96 30.14
CA ASP B 20 12.40 -35.37 31.15
C ASP B 20 12.61 -33.85 31.25
N ASN B 21 12.85 -33.22 30.11
CA ASN B 21 12.89 -31.76 30.02
C ASN B 21 11.68 -31.31 29.21
N PRO B 22 10.64 -30.77 29.85
CA PRO B 22 9.42 -30.43 29.11
C PRO B 22 9.66 -29.41 28.01
N PHE B 23 10.61 -28.50 28.19
CA PHE B 23 10.82 -27.43 27.21
C PHE B 23 11.36 -27.97 25.90
N ILE B 24 12.36 -28.85 25.97
CA ILE B 24 12.89 -29.46 24.75
C ILE B 24 11.90 -30.45 24.16
N GLU B 25 11.21 -31.22 25.01
CA GLU B 25 10.27 -32.22 24.52
C GLU B 25 9.11 -31.58 23.77
N ALA B 26 8.60 -30.46 24.27
CA ALA B 26 7.53 -29.75 23.56
C ALA B 26 7.99 -29.20 22.22
N LEU B 27 9.30 -28.99 22.06
CA LEU B 27 9.81 -28.47 20.81
C LEU B 27 9.59 -29.49 19.69
N PRO B 28 9.39 -29.02 18.46
CA PRO B 28 9.30 -29.94 17.33
C PRO B 28 10.62 -30.68 17.16
N PRO B 29 10.58 -31.89 16.62
CA PRO B 29 11.84 -32.66 16.47
C PRO B 29 12.83 -31.92 15.59
N LEU B 30 14.12 -32.12 15.91
CA LEU B 30 15.19 -31.53 15.10
C LEU B 30 15.06 -31.93 13.64
N GLN B 31 14.67 -33.19 13.40
CA GLN B 31 14.49 -33.66 12.03
C GLN B 31 13.43 -32.86 11.31
N GLU B 32 12.30 -32.57 11.98
CA GLU B 32 11.24 -31.81 11.36
C GLU B 32 11.71 -30.40 10.99
N SER B 33 12.36 -29.71 11.93
CA SER B 33 12.83 -28.36 11.67
C SER B 33 13.88 -28.33 10.56
N VAL B 34 14.72 -29.37 10.48
CA VAL B 34 15.66 -29.48 9.37
C VAL B 34 14.91 -29.76 8.07
N ASN B 35 13.93 -30.66 8.12
CA ASN B 35 13.17 -31.02 6.92
C ASN B 35 12.30 -29.85 6.46
N SER B 36 11.58 -29.23 7.40
CA SER B 36 10.68 -28.14 7.02
C SER B 36 11.44 -26.98 6.39
N ALA B 37 12.72 -26.82 6.74
CA ALA B 37 13.54 -25.79 6.11
C ALA B 37 13.63 -26.02 4.61
N ALA B 38 13.75 -27.28 4.20
CA ALA B 38 13.82 -27.60 2.79
C ALA B 38 12.46 -27.48 2.12
N SER B 39 11.38 -27.82 2.83
CA SER B 39 10.07 -28.00 2.24
C SER B 39 9.18 -26.76 2.29
N LEU B 40 9.37 -25.88 3.27
CA LEU B 40 8.47 -24.74 3.43
C LEU B 40 8.88 -23.62 2.48
N LYS B 41 8.23 -23.58 1.32
CA LYS B 41 8.45 -22.53 0.33
C LYS B 41 7.14 -21.80 0.09
N SER B 42 7.26 -20.54 -0.35
CA SER B 42 6.09 -19.75 -0.74
C SER B 42 6.27 -19.29 -2.18
N SER B 43 5.20 -19.38 -2.97
CA SER B 43 5.22 -18.98 -4.36
C SER B 43 3.87 -18.35 -4.70
N LEU B 44 3.65 -18.12 -5.99
CA LEU B 44 2.46 -17.44 -6.47
C LEU B 44 1.63 -18.41 -7.31
N GLN B 45 0.31 -18.27 -7.22
CA GLN B 45 -0.62 -19.09 -7.99
C GLN B 45 -0.83 -18.43 -9.34
N LEU B 46 -0.10 -18.89 -10.35
CA LEU B 46 -0.19 -18.36 -11.71
C LEU B 46 -0.78 -19.43 -12.62
N THR B 47 -2.04 -19.23 -13.02
CA THR B 47 -2.63 -19.98 -14.10
C THR B 47 -2.38 -19.26 -15.42
N SER B 48 -2.64 -19.96 -16.53
CA SER B 48 -2.49 -19.33 -17.83
C SER B 48 -3.48 -18.20 -18.04
N SER B 49 -4.57 -18.18 -17.27
CA SER B 49 -5.53 -17.07 -17.36
C SER B 49 -4.89 -15.75 -16.97
N ASP B 50 -4.08 -15.77 -15.90
CA ASP B 50 -3.42 -14.54 -15.45
C ASP B 50 -2.49 -13.98 -16.51
N LEU B 51 -1.93 -14.84 -17.36
CA LEU B 51 -1.08 -14.38 -18.45
C LEU B 51 -1.88 -13.58 -19.48
N GLN B 52 -3.17 -13.90 -19.63
CA GLN B 52 -4.00 -13.26 -20.65
C GLN B 52 -4.53 -11.90 -20.24
N LYS B 53 -4.39 -11.52 -18.97
CA LYS B 53 -5.13 -10.38 -18.43
C LYS B 53 -4.42 -9.07 -18.79
N SER B 54 -5.01 -7.97 -18.32
CA SER B 54 -4.57 -6.64 -18.69
C SER B 54 -3.17 -6.34 -18.15
N ARG B 55 -2.53 -5.33 -18.76
CA ARG B 55 -1.17 -4.97 -18.35
C ARG B 55 -1.13 -4.46 -16.92
N VAL B 56 -2.14 -3.69 -16.51
CA VAL B 56 -2.17 -3.22 -15.12
C VAL B 56 -2.32 -4.39 -14.16
N ILE B 57 -3.21 -5.33 -14.48
CA ILE B 57 -3.41 -6.50 -13.64
C ILE B 57 -2.13 -7.34 -13.58
N ARG B 58 -1.51 -7.57 -14.73
CA ARG B 58 -0.31 -8.40 -14.77
C ARG B 58 0.85 -7.71 -14.07
N ALA B 59 0.96 -6.39 -14.19
CA ALA B 59 2.01 -5.67 -13.47
C ALA B 59 1.79 -5.72 -11.97
N HIS B 60 0.52 -5.61 -11.54
CA HIS B 60 0.22 -5.75 -10.12
C HIS B 60 0.62 -7.14 -9.62
N THR B 61 0.34 -8.17 -10.42
CA THR B 61 0.74 -9.53 -10.03
C THR B 61 2.25 -9.67 -10.00
N ILE B 62 2.95 -9.05 -10.95
CA ILE B 62 4.42 -9.13 -11.00
C ILE B 62 5.03 -8.47 -9.78
N CYS B 63 4.51 -7.32 -9.39
CA CYS B 63 5.02 -6.60 -8.22
C CYS B 63 4.81 -7.36 -6.91
N ARG B 64 4.13 -8.50 -6.95
CA ARG B 64 3.94 -9.29 -5.74
C ARG B 64 4.96 -10.40 -5.57
N ILE B 65 5.75 -10.71 -6.60
CA ILE B 65 6.86 -11.68 -6.53
C ILE B 65 7.87 -11.28 -5.46
N PRO B 66 8.20 -10.00 -5.32
CA PRO B 66 9.14 -9.59 -4.28
C PRO B 66 8.73 -10.04 -2.89
N ASP B 67 7.44 -10.04 -2.58
CA ASP B 67 6.99 -10.29 -1.22
C ASP B 67 6.29 -11.62 -1.00
N ASP B 68 5.93 -12.35 -2.07
CA ASP B 68 5.21 -13.61 -1.94
C ASP B 68 5.93 -14.78 -2.58
N TYR B 69 7.20 -14.64 -2.93
CA TYR B 69 7.99 -15.73 -3.49
C TYR B 69 9.18 -16.01 -2.57
N PHE B 70 9.29 -17.25 -2.11
CA PHE B 70 10.42 -17.70 -1.32
C PHE B 70 10.84 -19.07 -1.83
N GLN B 71 12.12 -19.21 -2.20
CA GLN B 71 12.66 -20.49 -2.62
C GLN B 71 13.78 -20.89 -1.66
N PRO B 72 13.63 -22.00 -0.94
CA PRO B 72 14.69 -22.41 -0.02
C PRO B 72 15.94 -22.85 -0.76
N LEU B 73 17.09 -22.66 -0.10
CA LEU B 73 18.39 -23.00 -0.65
C LEU B 73 19.20 -23.74 0.41
N GLY B 74 20.45 -24.06 0.07
CA GLY B 74 21.26 -24.86 0.96
C GLY B 74 21.56 -24.18 2.29
N THR B 75 21.88 -22.88 2.24
CA THR B 75 22.22 -22.16 3.47
C THR B 75 21.05 -22.12 4.45
N HIS B 76 19.82 -22.15 3.94
CA HIS B 76 18.65 -22.10 4.81
C HIS B 76 18.58 -23.33 5.71
N LEU B 77 18.87 -24.52 5.16
CA LEU B 77 18.88 -25.73 5.97
C LEU B 77 19.96 -25.66 7.06
N LEU B 78 21.14 -25.16 6.69
CA LEU B 78 22.22 -25.03 7.67
C LEU B 78 21.82 -24.09 8.80
N LEU B 79 21.24 -22.94 8.45
CA LEU B 79 20.80 -22.00 9.47
C LEU B 79 19.70 -22.59 10.33
N SER B 80 18.80 -23.38 9.73
CA SER B 80 17.73 -24.01 10.50
C SER B 80 18.30 -24.99 11.52
N GLU B 81 19.26 -25.82 11.11
CA GLU B 81 19.87 -26.75 12.06
C GLU B 81 20.61 -26.00 13.14
N ARG B 82 21.31 -24.91 12.79
CA ARG B 82 22.02 -24.13 13.79
C ARG B 82 21.04 -23.55 14.81
N ILE B 83 19.92 -23.00 14.35
CA ILE B 83 18.95 -22.41 15.25
C ILE B 83 18.34 -23.47 16.17
N SER B 84 18.00 -24.64 15.61
CA SER B 84 17.44 -25.70 16.43
C SER B 84 18.44 -26.20 17.46
N VAL B 85 19.70 -26.34 17.07
CA VAL B 85 20.74 -26.78 17.99
C VAL B 85 20.92 -25.75 19.10
N ILE B 87 18.53 -23.64 20.25
CA ILE B 87 17.37 -23.65 21.12
C ILE B 87 17.39 -24.86 22.05
N ARG B 88 17.71 -26.03 21.50
CA ARG B 88 17.78 -27.22 22.35
C ARG B 88 18.94 -27.14 23.33
N GLY B 89 20.12 -26.68 22.86
CA GLY B 89 21.27 -26.57 23.73
C GLY B 89 21.12 -25.49 24.79
N GLY B 90 20.41 -24.41 24.47
CA GLY B 90 20.14 -23.39 25.48
C GLY B 90 19.32 -23.93 26.63
N TYR B 91 18.48 -24.93 26.36
CA TYR B 91 17.61 -25.51 27.38
C TYR B 91 18.22 -26.67 28.13
N VAL B 92 19.38 -27.18 27.72
CA VAL B 92 19.95 -28.34 28.42
C VAL B 92 20.32 -27.97 29.85
N GLY B 93 20.81 -26.74 30.05
CA GLY B 93 21.12 -26.29 31.40
C GLY B 93 19.89 -26.00 32.23
N ARG B 94 18.80 -25.58 31.58
CA ARG B 94 17.60 -25.16 32.29
C ARG B 94 16.62 -26.33 32.40
N ASN B 95 16.99 -27.31 33.24
CA ASN B 95 16.06 -28.36 33.62
C ASN B 95 15.52 -28.07 35.00
N PRO B 96 14.22 -27.83 35.15
CA PRO B 96 13.69 -27.45 36.48
C PRO B 96 13.91 -28.51 37.55
N LYS B 97 13.90 -29.79 37.18
CA LYS B 97 14.05 -30.86 38.17
C LYS B 97 15.50 -31.28 38.35
N THR B 98 16.31 -31.25 37.29
CA THR B 98 17.72 -31.57 37.42
C THR B 98 18.43 -30.41 38.12
N GLY B 99 18.46 -30.45 39.45
CA GLY B 99 18.86 -29.31 40.25
C GLY B 99 20.28 -28.82 40.04
N ASP B 100 21.27 -29.67 40.25
CA ASP B 100 22.67 -29.26 40.21
C ASP B 100 23.45 -30.17 39.29
N LEU B 101 24.28 -29.56 38.43
CA LEU B 101 25.10 -30.32 37.50
C LEU B 101 26.36 -30.85 38.17
N GLN B 102 27.06 -29.99 38.91
CA GLN B 102 28.29 -30.39 39.58
C GLN B 102 28.02 -31.43 40.66
N LYS B 103 26.87 -31.32 41.34
CA LYS B 103 26.57 -32.24 42.43
C LYS B 103 26.36 -33.65 41.93
N HIS B 104 25.75 -33.80 40.75
CA HIS B 104 25.57 -35.13 40.18
C HIS B 104 26.91 -35.80 39.85
N LEU B 105 27.92 -35.01 39.47
CA LEU B 105 29.23 -35.59 39.21
C LEU B 105 29.81 -36.20 40.49
N GLN B 106 29.72 -35.48 41.60
CA GLN B 106 30.20 -36.02 42.87
C GLN B 106 29.37 -37.23 43.29
N ASN B 107 28.06 -37.18 43.11
CA ASN B 107 27.22 -38.32 43.49
C ASN B 107 27.57 -39.55 42.67
N GLY B 108 27.78 -39.39 41.36
CA GLY B 108 28.14 -40.51 40.52
C GLY B 108 29.52 -41.06 40.83
N TYR B 109 30.47 -40.17 41.11
CA TYR B 109 31.81 -40.63 41.51
C TYR B 109 31.73 -41.41 42.81
N GLU B 110 30.92 -40.93 43.75
CA GLU B 110 30.71 -41.66 45.01
C GLU B 110 30.08 -43.02 44.75
N ARG B 111 29.06 -43.07 43.89
CA ARG B 111 28.38 -44.33 43.59
C ARG B 111 29.31 -45.31 42.90
N VAL B 112 30.23 -44.83 42.07
CA VAL B 112 31.24 -45.69 41.48
C VAL B 112 32.21 -46.20 42.54
N GLN B 113 32.65 -45.31 43.44
CA GLN B 113 33.61 -45.72 44.46
C GLN B 113 33.01 -46.75 45.43
N THR B 114 31.72 -46.62 45.72
CA THR B 114 31.05 -47.63 46.55
C THR B 114 30.82 -48.92 45.75
N GLY B 115 30.23 -48.80 44.57
CA GLY B 115 29.94 -49.96 43.75
C GLY B 115 28.50 -50.01 43.27
N GLU B 116 27.72 -48.97 43.57
CA GLU B 116 26.35 -48.91 43.06
C GLU B 116 26.34 -48.82 41.53
N LEU B 117 27.21 -47.99 40.96
CA LEU B 117 27.34 -47.86 39.52
C LEU B 117 28.58 -48.63 39.06
N GLU B 118 28.39 -49.50 38.07
CA GLU B 118 29.52 -50.23 37.49
C GLU B 118 30.13 -49.51 36.31
N THR B 119 29.43 -48.52 35.74
CA THR B 119 29.98 -47.65 34.70
C THR B 119 29.56 -46.22 35.00
N PHE B 120 30.46 -45.29 34.69
CA PHE B 120 30.14 -43.87 34.77
C PHE B 120 31.16 -43.10 33.96
N ARG B 121 30.71 -42.01 33.35
CA ARG B 121 31.51 -41.21 32.43
C ARG B 121 31.58 -39.78 32.97
N PHE B 122 32.77 -39.36 33.38
CA PHE B 122 32.96 -37.96 33.74
C PHE B 122 32.93 -37.14 32.46
N GLU B 123 31.75 -36.65 32.11
CA GLU B 123 31.51 -36.14 30.77
C GLU B 123 32.19 -34.79 30.58
N GLU B 124 31.77 -33.79 31.36
CA GLU B 124 32.55 -32.59 31.69
C GLU B 124 31.66 -31.62 32.48
N GLN B 130 25.22 -19.93 24.28
CA GLN B 130 26.23 -19.44 23.34
C GLN B 130 25.59 -18.63 22.21
N SER B 131 26.12 -17.43 21.99
CA SER B 131 25.56 -16.52 21.00
C SER B 131 26.09 -16.83 19.60
N LEU B 132 25.63 -16.06 18.63
CA LEU B 132 26.06 -16.22 17.25
C LEU B 132 25.86 -14.89 16.53
N LEU B 133 26.53 -14.75 15.38
CA LEU B 133 26.54 -13.48 14.64
C LEU B 133 26.38 -13.80 13.16
N LEU B 134 25.24 -13.42 12.59
CA LEU B 134 24.96 -13.65 11.18
C LEU B 134 25.33 -12.41 10.38
N ILE B 135 26.45 -12.48 9.66
CA ILE B 135 27.02 -11.34 8.94
C ILE B 135 26.79 -11.55 7.45
N GLY B 136 26.17 -10.56 6.82
CA GLY B 136 25.93 -10.63 5.38
C GLY B 136 25.48 -9.30 4.82
N CYS B 137 25.64 -9.16 3.51
CA CYS B 137 25.25 -7.94 2.83
C CYS B 137 23.72 -7.77 2.85
N SER B 138 23.29 -6.54 2.56
CA SER B 138 21.87 -6.23 2.58
C SER B 138 21.23 -6.65 1.27
N GLY B 139 20.04 -7.25 1.37
CA GLY B 139 19.40 -7.89 0.25
C GLY B 139 19.74 -9.36 0.09
N SER B 140 20.62 -9.89 0.95
CA SER B 140 21.02 -11.28 0.85
C SER B 140 19.88 -12.22 1.22
N GLY B 141 19.06 -11.83 2.20
CA GLY B 141 17.94 -12.65 2.59
C GLY B 141 18.00 -13.10 4.03
N LYS B 142 18.69 -12.33 4.87
CA LYS B 142 18.84 -12.69 6.28
C LYS B 142 17.50 -12.64 7.01
N THR B 143 16.79 -11.51 6.90
CA THR B 143 15.58 -11.29 7.67
C THR B 143 14.47 -12.26 7.25
N THR B 144 14.26 -12.41 5.94
CA THR B 144 13.21 -13.29 5.47
C THR B 144 13.49 -14.74 5.80
N SER B 145 14.76 -15.17 5.68
CA SER B 145 15.11 -16.52 6.08
C SER B 145 14.85 -16.75 7.55
N LEU B 146 15.18 -15.76 8.38
CA LEU B 146 14.88 -15.87 9.81
C LEU B 146 13.39 -16.03 10.05
N HIS B 147 12.58 -15.21 9.38
CA HIS B 147 11.13 -15.29 9.57
C HIS B 147 10.61 -16.67 9.19
N ARG B 148 11.06 -17.20 8.06
CA ARG B 148 10.55 -18.50 7.60
C ARG B 148 11.04 -19.63 8.51
N ILE B 149 12.29 -19.56 8.97
CA ILE B 149 12.78 -20.59 9.88
C ILE B 149 12.03 -20.56 11.20
N LEU B 150 11.69 -19.36 11.69
CA LEU B 150 10.97 -19.26 12.95
C LEU B 150 9.52 -19.68 12.81
N ALA B 151 8.95 -19.55 11.60
CA ALA B 151 7.61 -20.09 11.37
C ALA B 151 7.56 -21.60 11.56
N THR B 152 8.71 -22.28 11.50
CA THR B 152 8.76 -23.71 11.72
C THR B 152 8.50 -24.09 13.18
N TYR B 153 8.61 -23.13 14.09
CA TYR B 153 8.42 -23.36 15.52
C TYR B 153 7.14 -22.70 16.01
N PRO B 154 6.55 -23.20 17.09
CA PRO B 154 5.47 -22.46 17.76
C PRO B 154 6.07 -21.39 18.66
N GLN B 155 5.63 -20.14 18.46
CA GLN B 155 6.22 -19.04 19.22
C GLN B 155 5.96 -19.18 20.71
N VAL B 156 4.73 -19.57 21.08
CA VAL B 156 4.37 -19.75 22.48
C VAL B 156 3.83 -21.17 22.66
N ILE B 157 4.44 -21.91 23.59
CA ILE B 157 3.98 -23.24 23.97
C ILE B 157 3.62 -23.21 25.44
N TYR B 158 2.36 -23.48 25.76
CA TYR B 158 1.91 -23.48 27.14
C TYR B 158 1.90 -24.90 27.69
N HIS B 159 2.46 -25.07 28.88
CA HIS B 159 2.49 -26.35 29.57
C HIS B 159 1.46 -26.33 30.69
N ARG B 160 0.47 -27.23 30.62
CA ARG B 160 -0.52 -27.34 31.68
C ARG B 160 0.07 -27.88 32.96
N GLU B 161 1.07 -28.76 32.87
CA GLU B 161 1.68 -29.39 34.04
C GLU B 161 2.37 -28.38 34.97
N LEU B 162 2.62 -27.18 34.49
CA LEU B 162 3.08 -26.07 35.33
C LEU B 162 2.28 -24.85 34.84
N ASN B 163 2.72 -23.64 35.16
CA ASN B 163 2.14 -22.43 34.60
C ASN B 163 3.18 -21.69 33.76
N VAL B 164 4.03 -22.44 33.08
CA VAL B 164 5.08 -21.84 32.26
C VAL B 164 4.52 -21.49 30.89
N GLU B 165 4.59 -20.20 30.54
CA GLU B 165 4.21 -19.71 29.22
C GLU B 165 5.49 -19.59 28.40
N GLN B 166 5.88 -20.68 27.77
CA GLN B 166 7.15 -20.74 27.06
C GLN B 166 7.09 -19.90 25.79
N VAL B 167 8.04 -18.98 25.65
CA VAL B 167 8.21 -18.19 24.44
C VAL B 167 9.46 -18.73 23.74
N VAL B 168 9.25 -19.49 22.66
CA VAL B 168 10.37 -20.18 22.02
C VAL B 168 11.30 -19.19 21.33
N TYR B 169 10.73 -18.26 20.56
CA TYR B 169 11.56 -17.31 19.82
C TYR B 169 11.00 -15.90 19.96
N LEU B 170 11.90 -14.92 20.01
CA LEU B 170 11.55 -13.52 20.02
C LEU B 170 12.51 -12.77 19.11
N LYS B 171 11.96 -11.98 18.19
CA LYS B 171 12.75 -11.23 17.22
C LYS B 171 12.59 -9.73 17.50
N ILE B 172 13.72 -9.04 17.60
CA ILE B 172 13.74 -7.59 17.77
C ILE B 172 14.45 -6.99 16.56
N ASP B 173 13.75 -6.16 15.81
CA ASP B 173 14.38 -5.37 14.76
C ASP B 173 14.89 -4.06 15.36
N CYS B 174 15.90 -3.49 14.71
CA CYS B 174 16.53 -2.27 15.18
C CYS B 174 16.05 -1.08 14.35
N SER B 175 15.81 0.03 15.03
CA SER B 175 15.33 1.24 14.36
C SER B 175 16.44 1.89 13.55
N HIS B 176 16.05 2.52 12.45
CA HIS B 176 16.99 3.31 11.66
C HIS B 176 17.55 4.43 12.50
N ASN B 177 18.88 4.60 12.47
CA ASN B 177 19.58 5.54 13.35
C ASN B 177 19.18 5.29 14.80
N GLY B 178 19.11 4.02 15.18
CA GLY B 178 18.61 3.63 16.48
C GLY B 178 19.65 3.73 17.57
N SER B 179 19.22 3.33 18.77
CA SER B 179 20.07 3.38 19.94
C SER B 179 19.94 2.08 20.72
N LEU B 180 20.97 1.76 21.50
CA LEU B 180 20.93 0.57 22.35
C LEU B 180 19.79 0.65 23.35
N LYS B 181 19.41 1.86 23.75
CA LYS B 181 18.31 2.04 24.70
C LYS B 181 17.02 1.45 24.15
N GLU B 182 16.79 1.59 22.86
CA GLU B 182 15.51 1.17 22.26
C GLU B 182 15.39 -0.34 22.15
N ILE B 183 16.49 -1.08 22.21
CA ILE B 183 16.43 -2.52 22.06
C ILE B 183 15.68 -3.17 23.23
N CYS B 184 15.92 -2.69 24.45
CA CYS B 184 15.24 -3.24 25.62
C CYS B 184 13.74 -2.95 25.57
N LEU B 185 13.39 -1.71 25.27
CA LEU B 185 11.99 -1.32 25.13
C LEU B 185 11.31 -2.15 24.06
N ASN B 186 11.97 -2.33 22.91
CA ASN B 186 11.39 -3.14 21.85
C ASN B 186 11.34 -4.61 22.22
N PHE B 187 12.24 -5.08 23.08
CA PHE B 187 12.13 -6.45 23.61
C PHE B 187 10.82 -6.62 24.35
N PHE B 188 10.53 -5.69 25.27
CA PHE B 188 9.26 -5.76 26.01
C PHE B 188 8.07 -5.63 25.06
N ARG B 189 8.17 -4.73 24.08
CA ARG B 189 7.07 -4.56 23.12
C ARG B 189 6.81 -5.83 22.33
N ALA B 190 7.88 -6.46 21.82
CA ALA B 190 7.73 -7.65 21.02
C ALA B 190 7.17 -8.80 21.84
N LEU B 191 7.62 -8.93 23.09
CA LEU B 191 7.04 -9.95 23.95
C LEU B 191 5.56 -9.70 24.17
N ASP B 192 5.17 -8.43 24.38
CA ASP B 192 3.75 -8.12 24.52
C ASP B 192 2.97 -8.52 23.28
N ARG B 193 3.49 -8.16 22.10
CA ARG B 193 2.76 -8.44 20.86
C ARG B 193 2.70 -9.94 20.56
N ALA B 194 3.67 -10.70 21.06
CA ALA B 194 3.70 -12.14 20.82
C ALA B 194 3.13 -12.96 21.97
N LEU B 195 2.68 -12.31 23.04
CA LEU B 195 2.19 -13.04 24.20
C LEU B 195 0.87 -12.53 24.75
N GLY B 196 0.43 -11.32 24.36
CA GLY B 196 -0.79 -10.76 24.89
C GLY B 196 -0.63 -10.03 26.22
N SER B 197 0.60 -9.77 26.65
CA SER B 197 0.87 -9.06 27.88
C SER B 197 1.08 -7.58 27.59
N ASN B 198 1.40 -6.82 28.65
CA ASN B 198 1.62 -5.38 28.54
C ASN B 198 2.83 -4.96 29.35
N TYR B 199 3.96 -5.67 29.18
CA TYR B 199 5.18 -5.30 29.88
C TYR B 199 5.69 -3.92 29.49
N GLU B 200 5.34 -3.45 28.28
CA GLU B 200 5.86 -2.17 27.81
C GLU B 200 5.39 -1.02 28.71
N ARG B 201 4.14 -1.08 29.17
CA ARG B 201 3.60 0.01 29.97
C ARG B 201 4.30 0.13 31.32
N ARG B 202 4.66 -1.01 31.93
CA ARG B 202 5.18 -1.02 33.30
C ARG B 202 6.71 -1.01 33.34
N TYR B 203 7.36 -2.04 32.80
CA TYR B 203 8.81 -2.13 32.87
C TYR B 203 9.49 -1.17 31.90
N GLY B 204 8.94 -1.02 30.70
CA GLY B 204 9.54 -0.15 29.70
C GLY B 204 9.17 1.31 29.88
N LEU B 205 9.71 1.94 30.91
CA LEU B 205 9.48 3.35 31.18
C LEU B 205 10.81 4.09 31.18
N LYS B 206 10.76 5.36 30.78
CA LYS B 206 11.98 6.15 30.63
C LYS B 206 12.71 6.38 31.95
N ARG B 207 12.02 6.22 33.09
CA ARG B 207 12.67 6.38 34.37
C ARG B 207 13.75 5.33 34.58
N HIS B 208 13.57 4.14 34.03
CA HIS B 208 14.54 3.07 34.21
C HIS B 208 15.79 3.32 33.37
N GLY B 209 16.90 2.72 33.81
CA GLY B 209 18.13 2.71 33.05
C GLY B 209 18.34 1.37 32.36
N ILE B 210 19.42 1.32 31.56
CA ILE B 210 19.70 0.12 30.78
C ILE B 210 19.95 -1.07 31.69
N GLU B 211 20.70 -0.86 32.78
CA GLU B 211 21.03 -1.95 33.70
C GLU B 211 19.77 -2.59 34.26
N THR B 212 18.86 -1.76 34.78
CA THR B 212 17.62 -2.27 35.33
C THR B 212 16.81 -3.01 34.27
N LEU B 214 17.99 -4.45 31.60
CA LEU B 214 18.68 -5.71 31.29
C LEU B 214 18.31 -6.79 32.30
N ALA B 215 18.31 -6.44 33.58
CA ALA B 215 17.89 -7.42 34.59
C ALA B 215 16.44 -7.82 34.40
N LEU B 216 15.57 -6.86 34.07
CA LEU B 216 14.17 -7.17 33.83
C LEU B 216 14.00 -8.10 32.63
N SER B 218 16.16 -10.25 31.58
CA SER B 218 16.61 -11.56 32.03
C SER B 218 15.51 -12.27 32.80
N GLN B 219 14.89 -11.57 33.74
CA GLN B 219 13.86 -12.20 34.59
C GLN B 219 12.66 -12.62 33.76
N ILE B 220 12.21 -11.75 32.84
CA ILE B 220 11.05 -12.07 32.04
C ILE B 220 11.34 -13.23 31.09
N ALA B 221 12.54 -13.25 30.52
CA ALA B 221 12.91 -14.35 29.63
C ALA B 221 13.08 -15.66 30.38
N ASN B 222 13.46 -15.60 31.66
CA ASN B 222 13.53 -16.82 32.45
C ASN B 222 12.15 -17.28 32.92
N ALA B 223 11.22 -16.36 33.12
CA ALA B 223 9.84 -16.75 33.41
C ALA B 223 9.19 -17.39 32.18
N HIS B 224 9.30 -16.73 31.03
CA HIS B 224 8.87 -17.28 29.75
C HIS B 224 10.12 -17.78 29.04
N VAL B 225 10.48 -19.04 29.31
CA VAL B 225 11.81 -19.56 28.97
C VAL B 225 12.07 -19.34 27.49
N LEU B 226 13.08 -18.52 27.19
CA LEU B 226 13.31 -18.01 25.83
C LEU B 226 14.37 -18.86 25.15
N GLY B 227 13.95 -19.61 24.13
CA GLY B 227 14.90 -20.42 23.39
C GLY B 227 15.89 -19.59 22.59
N LEU B 228 15.42 -18.51 21.97
CA LEU B 228 16.27 -17.72 21.10
C LEU B 228 15.81 -16.27 21.11
N LEU B 229 16.77 -15.36 21.23
CA LEU B 229 16.53 -13.93 21.09
C LEU B 229 17.24 -13.45 19.82
N VAL B 230 16.49 -12.85 18.91
CA VAL B 230 17.01 -12.42 17.62
C VAL B 230 16.98 -10.89 17.58
N ILE B 231 18.15 -10.27 17.42
CA ILE B 231 18.27 -8.84 17.21
C ILE B 231 18.73 -8.63 15.78
N ASP B 232 17.90 -7.97 14.99
CA ASP B 232 18.12 -7.84 13.55
C ASP B 232 18.42 -6.40 13.19
N GLU B 233 19.05 -6.22 12.02
CA GLU B 233 19.36 -4.92 11.46
C GLU B 233 20.16 -4.06 12.44
N ILE B 234 21.13 -4.69 13.10
CA ILE B 234 22.03 -3.96 13.98
C ILE B 234 22.89 -2.96 13.21
N GLN B 235 22.91 -3.05 11.88
CA GLN B 235 23.54 -2.02 11.07
C GLN B 235 22.83 -0.68 11.25
N HIS B 236 21.54 -0.70 11.58
CA HIS B 236 20.78 0.53 11.72
C HIS B 236 21.18 1.31 12.98
N LEU B 237 21.68 0.60 13.99
CA LEU B 237 22.06 1.24 15.24
C LEU B 237 23.11 2.32 14.99
N SER B 238 22.85 3.51 15.51
CA SER B 238 23.72 4.66 15.26
C SER B 238 24.91 4.61 16.19
N ARG B 239 26.12 4.65 15.61
CA ARG B 239 27.33 4.64 16.43
C ARG B 239 27.40 5.88 17.32
N SER B 240 26.94 7.02 16.81
CA SER B 240 26.98 8.25 17.60
C SER B 240 26.07 8.16 18.82
N ARG B 241 24.81 7.75 18.61
CA ARG B 241 23.88 7.68 19.73
C ARG B 241 24.21 6.53 20.67
N SER B 242 24.61 5.38 20.12
CA SER B 242 24.90 4.22 20.96
C SER B 242 26.18 4.38 21.77
N GLY B 243 27.07 5.28 21.37
CA GLY B 243 28.23 5.61 22.17
C GLY B 243 29.55 5.05 21.71
N GLY B 244 29.68 4.67 20.44
CA GLY B 244 30.93 4.18 19.92
C GLY B 244 30.95 2.67 19.80
N SER B 245 31.92 2.18 19.03
CA SER B 245 31.94 0.77 18.66
C SER B 245 32.15 -0.14 19.88
N GLN B 246 33.08 0.23 20.77
CA GLN B 246 33.35 -0.63 21.92
C GLN B 246 32.15 -0.72 22.84
N GLU B 247 31.56 0.44 23.18
CA GLU B 247 30.41 0.46 24.08
C GLU B 247 29.32 -0.49 23.59
N LEU B 249 29.59 -2.99 21.57
CA LEU B 249 30.09 -4.34 21.74
C LEU B 249 29.89 -4.78 23.19
N ASN B 250 30.37 -3.97 24.12
CA ASN B 250 30.25 -4.32 25.53
C ASN B 250 28.81 -4.62 25.88
N PHE B 251 27.90 -3.74 25.47
CA PHE B 251 26.49 -3.93 25.76
C PHE B 251 26.04 -5.32 25.33
N PHE B 252 26.30 -5.66 24.07
CA PHE B 252 25.84 -6.95 23.55
C PHE B 252 26.40 -8.07 24.39
N VAL B 253 27.70 -8.02 24.68
CA VAL B 253 28.31 -9.09 25.47
C VAL B 253 27.59 -9.23 26.80
N THR B 254 27.42 -8.11 27.51
CA THR B 254 26.75 -8.17 28.79
C THR B 254 25.34 -8.72 28.63
N VAL B 256 24.15 -10.80 26.67
CA VAL B 256 24.06 -12.25 26.49
C VAL B 256 24.16 -12.95 27.84
N ASN B 257 25.02 -12.46 28.74
CA ASN B 257 25.21 -13.14 30.01
C ASN B 257 24.02 -12.94 30.94
N ILE B 258 23.42 -11.74 30.91
CA ILE B 258 22.33 -11.43 31.83
C ILE B 258 21.09 -12.24 31.49
N ILE B 259 20.68 -12.22 30.21
CA ILE B 259 19.44 -12.88 29.81
C ILE B 259 19.57 -14.39 29.97
N GLY B 260 20.75 -14.94 29.68
CA GLY B 260 20.96 -16.36 29.82
C GLY B 260 20.36 -17.20 28.73
N VAL B 261 19.97 -16.61 27.61
CA VAL B 261 19.37 -17.35 26.50
C VAL B 261 20.30 -17.26 25.30
N PRO B 262 20.26 -18.21 24.37
CA PRO B 262 21.00 -18.06 23.12
C PRO B 262 20.53 -16.82 22.37
N VAL B 263 21.49 -16.09 21.80
CA VAL B 263 21.23 -14.81 21.16
C VAL B 263 21.82 -14.83 19.76
N LEU B 265 22.59 -12.29 16.60
CA LEU B 265 22.69 -10.92 16.10
C LEU B 265 22.89 -10.97 14.60
N ILE B 266 22.07 -10.21 13.87
CA ILE B 266 22.07 -10.22 12.42
C ILE B 266 22.49 -8.84 11.93
N GLY B 267 23.51 -8.81 11.08
CA GLY B 267 24.02 -7.54 10.61
C GLY B 267 24.81 -7.68 9.33
N THR B 268 25.37 -6.58 8.91
CA THR B 268 26.14 -6.46 7.69
C THR B 268 27.63 -6.52 7.98
N PRO B 269 28.46 -6.76 6.96
CA PRO B 269 29.91 -6.77 7.19
C PRO B 269 30.46 -5.47 7.78
N LYS B 270 29.81 -4.34 7.53
CA LYS B 270 30.24 -3.11 8.19
C LYS B 270 29.98 -3.17 9.70
N ALA B 271 28.85 -3.76 10.10
CA ALA B 271 28.57 -3.93 11.52
C ALA B 271 29.51 -4.90 12.19
N ARG B 272 30.22 -5.72 11.40
CA ARG B 272 31.23 -6.61 11.94
C ARG B 272 32.41 -5.84 12.52
N GLU B 273 32.62 -4.60 12.06
CA GLU B 273 33.67 -3.75 12.64
C GLU B 273 33.44 -3.54 14.13
N ILE B 274 32.18 -3.58 14.57
CA ILE B 274 31.86 -3.44 15.99
C ILE B 274 32.44 -4.61 16.78
N PHE B 275 32.44 -5.80 16.18
CA PHE B 275 32.77 -7.04 16.87
C PHE B 275 34.18 -7.52 16.61
N GLU B 276 35.05 -6.69 16.03
CA GLU B 276 36.40 -7.13 15.74
C GLU B 276 37.26 -7.25 16.98
N ALA B 277 36.91 -6.55 18.07
CA ALA B 277 37.60 -6.77 19.33
C ALA B 277 37.33 -8.16 19.88
N ASP B 278 36.30 -8.84 19.37
CA ASP B 278 36.04 -10.24 19.67
C ASP B 278 35.94 -11.03 18.37
N PHE B 288 31.88 -13.70 19.89
CA PHE B 288 30.72 -14.38 19.30
C PHE B 288 31.11 -15.29 18.15
N GLY B 289 30.36 -16.36 17.95
CA GLY B 289 30.50 -17.15 16.75
C GLY B 289 29.91 -16.40 15.57
N ALA B 290 30.55 -16.55 14.40
CA ALA B 290 30.18 -15.81 13.21
C ALA B 290 29.88 -16.77 12.08
N ILE B 291 28.64 -16.78 11.62
CA ILE B 291 28.21 -17.51 10.43
C ILE B 291 27.87 -16.50 9.35
N PHE B 292 28.38 -16.73 8.14
CA PHE B 292 28.31 -15.74 7.07
C PHE B 292 27.20 -16.10 6.08
N TRP B 293 26.40 -15.09 5.71
CA TRP B 293 25.33 -15.24 4.74
C TRP B 293 25.83 -14.65 3.42
N ASP B 294 26.60 -15.45 2.69
CA ASP B 294 27.23 -15.00 1.47
C ASP B 294 26.25 -15.03 0.30
N PRO B 295 26.50 -14.21 -0.73
CA PRO B 295 25.62 -14.23 -1.91
C PRO B 295 25.74 -15.54 -2.67
N ILE B 296 24.74 -15.78 -3.52
CA ILE B 296 24.72 -16.99 -4.33
C ILE B 296 25.94 -17.03 -5.24
N GLN B 297 26.56 -18.20 -5.35
CA GLN B 297 27.74 -18.40 -6.19
C GLN B 297 27.32 -19.19 -7.42
N GLN B 298 27.70 -18.71 -8.60
CA GLN B 298 27.35 -19.41 -9.83
C GLN B 298 28.26 -20.61 -10.09
N THR B 299 29.53 -20.54 -9.71
CA THR B 299 30.49 -21.61 -9.92
C THR B 299 30.94 -22.13 -8.57
N GLN B 300 30.64 -23.41 -8.31
CA GLN B 300 30.96 -24.04 -7.03
C GLN B 300 31.75 -25.31 -7.32
N ARG B 301 32.90 -25.44 -6.64
CA ARG B 301 33.79 -26.60 -6.82
C ARG B 301 34.26 -26.71 -8.28
N GLY B 302 34.56 -25.58 -8.89
CA GLY B 302 34.99 -25.57 -10.29
C GLY B 302 33.94 -26.15 -11.21
N LYS B 303 32.67 -25.83 -10.97
CA LYS B 303 31.54 -26.48 -11.62
C LYS B 303 30.36 -25.54 -11.49
N PRO B 304 29.48 -25.45 -12.50
CA PRO B 304 28.30 -24.58 -12.37
C PRO B 304 27.45 -25.00 -11.18
N ASN B 305 27.05 -24.00 -10.38
CA ASN B 305 26.22 -24.26 -9.21
C ASN B 305 24.79 -24.54 -9.65
N GLN B 306 24.25 -25.68 -9.22
CA GLN B 306 22.90 -26.05 -9.60
C GLN B 306 21.84 -25.32 -8.78
N GLU B 307 22.20 -24.79 -7.61
CA GLU B 307 21.23 -24.01 -6.84
C GLU B 307 20.86 -22.72 -7.56
N TRP B 308 21.85 -22.03 -8.14
CA TRP B 308 21.58 -20.82 -8.91
C TRP B 308 20.69 -21.14 -10.10
N ILE B 309 21.00 -22.21 -10.81
CA ILE B 309 20.21 -22.59 -11.98
C ILE B 309 18.78 -22.94 -11.58
N ALA B 310 18.63 -23.72 -10.50
CA ALA B 310 17.29 -24.10 -10.05
C ALA B 310 16.49 -22.89 -9.60
N PHE B 311 17.11 -21.98 -8.86
CA PHE B 311 16.40 -20.78 -8.40
C PHE B 311 15.96 -19.93 -9.57
N THR B 312 16.84 -19.73 -10.55
CA THR B 312 16.48 -18.90 -11.71
C THR B 312 15.44 -19.59 -12.59
N ASP B 313 15.48 -20.92 -12.69
CA ASP B 313 14.47 -21.62 -13.48
C ASP B 313 13.10 -21.57 -12.80
N ASN B 314 13.07 -21.70 -11.48
CA ASN B 314 11.80 -21.58 -10.76
C ASN B 314 11.26 -20.15 -10.84
N LEU B 315 12.14 -19.15 -10.69
CA LEU B 315 11.69 -17.77 -10.80
C LEU B 315 11.26 -17.42 -12.22
N TRP B 316 11.82 -18.12 -13.21
CA TRP B 316 11.47 -17.87 -14.60
C TRP B 316 10.01 -18.16 -14.87
N GLN B 317 9.43 -19.13 -14.17
CA GLN B 317 8.04 -19.49 -14.42
C GLN B 317 7.05 -18.46 -13.88
N LEU B 318 7.51 -17.49 -13.10
CA LEU B 318 6.67 -16.38 -12.67
C LEU B 318 6.86 -15.18 -13.59
N GLN B 319 6.59 -15.42 -14.88
CA GLN B 319 6.86 -14.45 -15.93
C GLN B 319 5.54 -14.19 -16.68
N LEU B 320 4.92 -13.06 -16.40
CA LEU B 320 3.64 -12.70 -17.02
C LEU B 320 3.85 -11.74 -18.18
N LEU B 321 4.55 -12.24 -19.20
CA LEU B 321 4.81 -11.49 -20.42
C LEU B 321 4.28 -12.31 -21.59
N GLN B 322 3.56 -11.65 -22.50
CA GLN B 322 2.85 -12.39 -23.54
C GLN B 322 3.81 -12.96 -24.58
N ARG B 323 4.79 -12.18 -25.03
CA ARG B 323 5.76 -12.66 -26.01
C ARG B 323 7.00 -13.24 -25.32
N LYS B 324 6.83 -13.80 -24.13
CA LYS B 324 7.94 -14.26 -23.31
C LYS B 324 8.65 -15.44 -23.95
N ASP B 325 9.87 -15.67 -23.49
CA ASP B 325 10.65 -16.85 -23.86
C ASP B 325 10.56 -17.85 -22.71
N ALA B 326 9.95 -19.02 -22.96
CA ALA B 326 9.67 -19.97 -21.89
C ALA B 326 10.93 -20.59 -21.30
N LEU B 327 12.01 -20.66 -22.07
CA LEU B 327 13.24 -21.29 -21.62
C LEU B 327 14.27 -20.22 -21.31
N LEU B 328 14.99 -20.37 -20.20
CA LEU B 328 15.98 -19.39 -19.78
C LEU B 328 17.30 -19.66 -20.48
N SER B 329 17.76 -18.68 -21.26
CA SER B 329 19.06 -18.79 -21.91
C SER B 329 20.18 -18.78 -20.88
N ASP B 330 21.28 -19.43 -21.21
CA ASP B 330 22.49 -19.26 -20.43
C ASP B 330 22.95 -17.82 -20.45
N GLU B 331 22.77 -17.15 -21.60
CA GLU B 331 23.10 -15.74 -21.73
C GLU B 331 22.35 -14.89 -20.70
N VAL B 332 21.03 -15.04 -20.65
CA VAL B 332 20.21 -14.20 -19.77
C VAL B 332 20.53 -14.50 -18.31
N ARG B 333 20.68 -15.79 -17.97
CA ARG B 333 21.02 -16.17 -16.60
C ARG B 333 22.37 -15.59 -16.18
N ASP B 334 23.36 -15.65 -17.08
CA ASP B 334 24.70 -15.21 -16.72
C ASP B 334 24.82 -13.70 -16.65
N VAL B 335 24.11 -12.97 -17.52
CA VAL B 335 24.03 -11.51 -17.35
C VAL B 335 23.29 -11.18 -16.06
N TRP B 336 22.27 -11.97 -15.74
CA TRP B 336 21.54 -11.81 -14.48
C TRP B 336 22.48 -11.91 -13.30
N TYR B 337 23.36 -12.92 -13.30
CA TYR B 337 24.35 -13.03 -12.24
C TYR B 337 25.35 -11.88 -12.28
N GLU B 338 25.84 -11.52 -13.47
CA GLU B 338 26.79 -10.43 -13.60
C GLU B 338 26.27 -9.16 -12.95
N LEU B 339 25.02 -8.79 -13.26
CA LEU B 339 24.45 -7.58 -12.70
C LEU B 339 24.12 -7.76 -11.22
N SER B 340 23.52 -8.90 -10.87
CA SER B 340 23.08 -9.10 -9.49
C SER B 340 24.25 -9.43 -8.56
N GLN B 341 25.23 -10.20 -9.05
CA GLN B 341 26.35 -10.68 -8.24
C GLN B 341 25.89 -11.61 -7.13
N GLY B 342 24.71 -12.20 -7.27
CA GLY B 342 24.24 -13.21 -6.35
C GLY B 342 23.45 -12.69 -5.17
N VAL B 343 23.43 -11.38 -4.93
CA VAL B 343 22.57 -10.87 -3.88
C VAL B 343 21.12 -11.04 -4.33
N ASP B 345 18.05 -9.83 -3.38
CA ASP B 345 17.15 -8.72 -3.70
C ASP B 345 17.32 -8.26 -5.14
N ILE B 346 18.58 -8.05 -5.57
CA ILE B 346 18.81 -7.52 -6.90
C ILE B 346 18.49 -8.56 -7.98
N VAL B 347 18.55 -9.85 -7.65
CA VAL B 347 18.05 -10.88 -8.57
C VAL B 347 16.56 -10.67 -8.84
N VAL B 348 15.77 -10.71 -7.76
CA VAL B 348 14.32 -10.53 -7.87
C VAL B 348 13.99 -9.12 -8.37
N LYS B 349 14.72 -8.11 -7.88
CA LYS B 349 14.48 -6.74 -8.32
C LYS B 349 14.70 -6.61 -9.82
N LEU B 350 15.79 -7.17 -10.33
CA LEU B 350 16.08 -7.09 -11.75
C LEU B 350 15.00 -7.80 -12.56
N PHE B 351 14.58 -8.99 -12.10
CA PHE B 351 13.50 -9.70 -12.78
C PHE B 351 12.23 -8.86 -12.86
N VAL B 352 11.78 -8.32 -11.72
CA VAL B 352 10.52 -7.59 -11.68
C VAL B 352 10.60 -6.31 -12.49
N LEU B 353 11.69 -5.55 -12.32
CA LEU B 353 11.84 -4.29 -13.02
C LEU B 353 11.94 -4.50 -14.53
N ALA B 354 12.65 -5.55 -14.95
CA ALA B 354 12.72 -5.86 -16.37
C ALA B 354 11.35 -6.19 -16.94
N GLN B 355 10.56 -6.97 -16.20
CA GLN B 355 9.21 -7.26 -16.67
C GLN B 355 8.38 -5.99 -16.79
N LEU B 356 8.51 -5.08 -15.81
CA LEU B 356 7.74 -3.82 -15.86
C LEU B 356 8.14 -2.99 -17.07
N ARG B 357 9.45 -2.85 -17.32
CA ARG B 357 9.89 -2.06 -18.47
C ARG B 357 9.45 -2.68 -19.78
N ALA B 358 9.51 -4.02 -19.86
CA ALA B 358 8.99 -4.71 -21.03
C ALA B 358 7.51 -4.41 -21.24
N LEU B 359 6.73 -4.48 -20.17
CA LEU B 359 5.31 -4.12 -20.28
C LEU B 359 5.14 -2.70 -20.80
N ALA B 360 6.00 -1.79 -20.35
CA ALA B 360 5.89 -0.39 -20.77
C ALA B 360 6.19 -0.22 -22.26
N LEU B 361 7.19 -0.93 -22.78
CA LEU B 361 7.70 -0.66 -24.13
C LEU B 361 7.21 -1.66 -25.18
N GLY B 362 6.21 -2.48 -24.87
CA GLY B 362 6.00 -3.62 -25.74
C GLY B 362 7.24 -4.49 -25.63
N ASN B 363 7.46 -5.33 -26.65
CA ASN B 363 8.60 -6.22 -26.65
C ASN B 363 8.64 -7.04 -25.36
N GLU B 364 7.52 -7.71 -25.09
CA GLU B 364 7.33 -8.41 -23.81
C GLU B 364 8.15 -9.69 -23.78
N ARG B 365 9.46 -9.52 -23.91
CA ARG B 365 10.44 -10.59 -23.87
C ARG B 365 11.68 -10.07 -23.18
N ILE B 366 12.21 -10.82 -22.22
CA ILE B 366 13.37 -10.40 -21.44
C ILE B 366 14.63 -10.75 -22.21
N THR B 367 15.42 -9.74 -22.54
CA THR B 367 16.72 -9.91 -23.17
C THR B 367 17.81 -9.45 -22.21
N ALA B 368 19.05 -9.75 -22.57
CA ALA B 368 20.18 -9.28 -21.77
C ALA B 368 20.27 -7.75 -21.81
N GLY B 369 19.96 -7.16 -22.97
CA GLY B 369 19.99 -5.71 -23.08
C GLY B 369 18.96 -5.04 -22.18
N LEU B 370 17.77 -5.63 -22.07
CA LEU B 370 16.77 -5.09 -21.16
C LEU B 370 17.24 -5.15 -19.72
N LEU B 371 17.87 -6.27 -19.32
CA LEU B 371 18.43 -6.37 -17.98
C LEU B 371 19.51 -5.31 -17.77
N ARG B 372 20.34 -5.07 -18.79
CA ARG B 372 21.39 -4.07 -18.68
C ARG B 372 20.82 -2.66 -18.53
N GLN B 373 19.76 -2.35 -19.28
CA GLN B 373 19.11 -1.05 -19.13
C GLN B 373 18.53 -0.89 -17.72
N VAL B 374 17.88 -1.95 -17.21
CA VAL B 374 17.32 -1.88 -15.87
C VAL B 374 18.42 -1.67 -14.83
N TYR B 375 19.53 -2.41 -14.97
CA TYR B 375 20.66 -2.26 -14.06
C TYR B 375 21.24 -0.85 -14.11
N GLN B 376 21.41 -0.31 -15.32
CA GLN B 376 22.01 1.01 -15.47
C GLN B 376 21.13 2.10 -14.90
N ASP B 377 19.81 1.97 -15.07
CA ASP B 377 18.92 3.08 -14.69
C ASP B 377 18.36 2.94 -13.28
N GLU B 378 17.72 1.81 -12.98
CA GLU B 378 16.92 1.70 -11.76
C GLU B 378 17.70 1.17 -10.56
N LEU B 379 18.96 0.75 -10.74
CA LEU B 379 19.72 0.14 -9.65
C LEU B 379 21.03 0.88 -9.37
N LYS B 380 21.09 2.17 -9.69
CA LYS B 380 22.30 2.94 -9.45
C LYS B 380 22.76 2.96 -7.99
N PRO B 381 21.89 3.15 -6.99
CA PRO B 381 22.41 3.27 -5.61
C PRO B 381 23.17 2.06 -5.12
N VAL B 382 22.82 0.84 -5.54
CA VAL B 382 23.52 -0.35 -5.07
C VAL B 382 24.70 -0.74 -5.96
N HIS B 383 25.01 0.06 -6.98
CA HIS B 383 26.18 -0.24 -7.81
C HIS B 383 27.46 -0.33 -7.00
N PRO B 384 27.81 0.63 -6.14
CA PRO B 384 29.11 0.52 -5.44
C PRO B 384 29.25 -0.75 -4.62
N LEU B 386 27.74 -3.70 -5.45
CA LEU B 386 27.87 -4.80 -6.39
C LEU B 386 29.28 -4.87 -6.97
N GLU B 387 29.76 -3.74 -7.48
CA GLU B 387 31.13 -3.71 -8.01
C GLU B 387 32.14 -4.12 -6.94
N ALA B 388 31.89 -3.72 -5.69
CA ALA B 388 32.76 -4.15 -4.60
C ALA B 388 32.80 -5.66 -4.52
N LEU B 389 31.62 -6.31 -4.55
CA LEU B 389 31.58 -7.76 -4.59
C LEU B 389 32.28 -8.30 -5.83
N ARG B 390 32.21 -7.57 -6.94
CA ARG B 390 32.91 -7.99 -8.14
C ARG B 390 34.42 -7.91 -7.96
N SER B 391 34.90 -6.98 -7.13
CA SER B 391 36.32 -6.83 -6.89
C SER B 391 36.85 -7.84 -5.88
N GLY B 392 35.98 -8.36 -5.00
CA GLY B 392 36.41 -9.30 -3.98
C GLY B 392 37.20 -8.68 -2.85
N ILE B 393 37.41 -7.37 -2.87
CA ILE B 393 38.20 -6.70 -1.84
C ILE B 393 37.34 -6.57 -0.59
N PRO B 394 37.76 -7.16 0.54
CA PRO B 394 36.90 -7.15 1.73
C PRO B 394 36.57 -5.76 2.25
N GLU B 395 37.51 -4.81 2.19
CA GLU B 395 37.25 -3.49 2.73
C GLU B 395 36.17 -2.75 1.95
N ARG B 396 36.22 -2.81 0.62
CA ARG B 396 35.19 -2.16 -0.20
C ARG B 396 33.82 -2.78 0.05
N ILE B 397 33.77 -4.12 0.08
CA ILE B 397 32.51 -4.82 0.30
C ILE B 397 31.93 -4.45 1.65
N ALA B 398 32.77 -4.37 2.68
CA ALA B 398 32.30 -3.94 3.99
C ALA B 398 31.81 -2.50 3.95
N ARG B 399 32.51 -1.62 3.23
CA ARG B 399 32.12 -0.21 3.17
C ARG B 399 30.74 -0.05 2.56
N TYR B 400 30.47 -0.75 1.45
CA TYR B 400 29.20 -0.61 0.75
C TYR B 400 28.20 -1.71 1.11
N SER B 401 28.40 -2.37 2.25
CA SER B 401 27.52 -3.47 2.64
C SER B 401 26.12 -3.00 2.98
N ASP B 402 25.97 -1.80 3.53
CA ASP B 402 24.66 -1.31 3.97
C ASP B 402 23.83 -0.72 2.84
N LEU B 403 24.38 -0.61 1.63
CA LEU B 403 23.72 0.12 0.57
C LEU B 403 22.48 -0.62 0.08
N VAL B 404 21.37 0.12 -0.05
CA VAL B 404 20.11 -0.41 -0.55
C VAL B 404 19.58 0.55 -1.61
N VAL B 405 18.58 0.09 -2.35
CA VAL B 405 17.91 0.95 -3.34
C VAL B 405 16.76 1.67 -2.63
N PRO B 406 16.90 2.96 -2.33
CA PRO B 406 15.84 3.66 -1.61
C PRO B 406 14.60 3.83 -2.46
N GLU B 407 13.46 3.98 -1.75
CA GLU B 407 12.15 4.27 -2.35
C GLU B 407 11.84 3.36 -3.54
N ILE B 408 12.10 2.06 -3.36
CA ILE B 408 11.83 1.10 -4.43
C ILE B 408 10.33 0.86 -4.58
N ASP B 409 9.58 0.89 -3.48
CA ASP B 409 8.14 0.66 -3.56
C ASP B 409 7.46 1.76 -4.36
N LYS B 410 7.82 3.02 -4.08
CA LYS B 410 7.26 4.13 -4.85
C LYS B 410 7.68 4.05 -6.31
N ARG B 411 8.91 3.61 -6.57
CA ARG B 411 9.35 3.48 -7.95
C ARG B 411 8.59 2.40 -8.70
N LEU B 412 8.29 1.29 -8.01
CA LEU B 412 7.45 0.25 -8.61
C LEU B 412 6.06 0.79 -8.93
N ILE B 413 5.49 1.58 -8.00
CA ILE B 413 4.21 2.21 -8.27
C ILE B 413 4.31 3.13 -9.48
N GLN B 414 5.40 3.89 -9.59
CA GLN B 414 5.57 4.82 -10.71
C GLN B 414 5.67 4.08 -12.04
N LEU B 415 6.45 3.00 -12.08
CA LEU B 415 6.58 2.24 -13.32
C LEU B 415 5.25 1.59 -13.70
N GLN B 416 4.51 1.11 -12.70
CA GLN B 416 3.20 0.55 -12.98
C GLN B 416 2.23 1.62 -13.50
N LEU B 417 2.34 2.84 -12.96
CA LEU B 417 1.55 3.95 -13.47
C LEU B 417 1.93 4.28 -14.91
N ASP B 418 3.22 4.25 -15.22
CA ASP B 418 3.67 4.44 -16.60
C ASP B 418 3.06 3.40 -17.51
N ILE B 419 3.00 2.16 -17.06
CA ILE B 419 2.32 1.11 -17.81
C ILE B 419 0.86 1.46 -18.01
N ALA B 420 0.20 1.97 -16.96
CA ALA B 420 -1.22 2.30 -17.05
C ALA B 420 -1.47 3.42 -18.06
N ALA B 421 -0.55 4.39 -18.15
CA ALA B 421 -0.72 5.50 -19.07
C ALA B 421 -0.59 5.09 -20.53
N ILE B 422 -0.15 3.87 -20.82
CA ILE B 422 0.01 3.43 -22.20
C ILE B 422 -1.37 3.30 -22.85
N GLN B 423 -1.54 3.97 -23.98
CA GLN B 423 -2.75 3.85 -24.78
C GLN B 423 -2.54 2.92 -25.99
N GLU B 424 -1.30 2.52 -26.25
CA GLU B 424 -0.99 1.62 -27.34
C GLU B 424 -1.42 0.19 -27.00
N GLN B 425 -1.47 -0.66 -28.02
CA GLN B 425 -1.87 -2.06 -27.84
C GLN B 425 -0.91 -2.95 -28.62
N THR B 426 -0.47 -4.04 -27.99
CA THR B 426 0.34 -5.02 -28.69
C THR B 426 -0.53 -5.82 -29.65
N PRO B 427 0.06 -6.39 -30.70
CA PRO B 427 -0.72 -7.28 -31.58
C PRO B 427 -1.34 -8.45 -30.84
N GLU B 428 -0.60 -9.04 -29.90
CA GLU B 428 -1.12 -10.16 -29.14
C GLU B 428 -2.27 -9.73 -28.24
N GLU B 429 -2.15 -8.54 -27.64
CA GLU B 429 -3.24 -7.99 -26.84
C GLU B 429 -4.49 -7.79 -27.69
N LYS B 430 -4.31 -7.32 -28.93
CA LYS B 430 -5.45 -7.18 -29.84
C LYS B 430 -6.08 -8.53 -30.14
N ALA B 431 -5.26 -9.54 -30.44
CA ALA B 431 -5.80 -10.86 -30.77
C ALA B 431 -6.57 -11.46 -29.60
N LEU B 432 -6.06 -11.26 -28.38
CA LEU B 432 -6.79 -11.72 -27.21
C LEU B 432 -8.12 -10.99 -27.07
N GLN B 433 -8.14 -9.70 -27.44
CA GLN B 433 -9.38 -8.94 -27.42
C GLN B 433 -10.43 -9.53 -28.36
N GLU B 434 -10.01 -9.96 -29.55
CA GLU B 434 -10.95 -10.49 -30.52
C GLU B 434 -11.58 -11.79 -30.04
N LEU B 435 -10.76 -12.73 -29.58
CA LEU B 435 -11.26 -13.98 -29.02
C LEU B 435 -11.97 -13.71 -27.69
N ASP B 436 -12.85 -14.63 -27.29
CA ASP B 436 -13.69 -14.39 -26.12
C ASP B 436 -13.40 -15.31 -24.95
N THR B 437 -13.51 -16.62 -25.10
CA THR B 437 -13.38 -17.51 -23.95
C THR B 437 -11.92 -17.73 -23.61
N GLU B 438 -11.66 -17.99 -22.32
CA GLU B 438 -10.29 -18.16 -21.84
C GLU B 438 -9.59 -19.31 -22.56
N ASP B 439 -10.30 -20.39 -22.84
CA ASP B 439 -9.68 -21.55 -23.47
C ASP B 439 -9.24 -21.23 -24.90
N GLN B 440 -10.05 -20.45 -25.62
CA GLN B 440 -9.69 -19.97 -26.95
C GLN B 440 -8.38 -19.20 -26.91
N ARG B 441 -8.29 -18.24 -25.99
CA ARG B 441 -7.11 -17.41 -25.86
C ARG B 441 -5.90 -18.22 -25.40
N HIS B 442 -6.13 -19.24 -24.58
CA HIS B 442 -5.06 -20.15 -24.19
C HIS B 442 -4.49 -20.87 -25.40
N LEU B 443 -5.37 -21.38 -26.25
CA LEU B 443 -4.92 -22.04 -27.49
C LEU B 443 -4.12 -21.08 -28.34
N TYR B 444 -4.62 -19.85 -28.50
CA TYR B 444 -3.91 -18.81 -29.23
C TYR B 444 -2.50 -18.62 -28.66
N LEU B 445 -2.42 -18.24 -27.39
CA LEU B 445 -1.12 -17.95 -26.77
C LEU B 445 -0.17 -19.15 -26.84
N LEU B 447 -0.06 -21.35 -29.34
CA LEU B 447 0.43 -21.52 -30.71
C LEU B 447 0.65 -20.19 -31.44
N LYS B 448 0.67 -19.05 -30.75
CA LYS B 448 0.65 -17.77 -31.44
C LYS B 448 1.95 -17.45 -32.17
N GLU B 449 3.08 -18.01 -31.75
CA GLU B 449 4.34 -17.69 -32.39
C GLU B 449 4.81 -18.76 -33.37
N ASP B 450 4.12 -19.90 -33.44
CA ASP B 450 4.36 -20.87 -34.49
C ASP B 450 3.43 -20.70 -35.69
N TYR B 451 2.47 -19.78 -35.60
CA TYR B 451 1.51 -19.55 -36.68
C TYR B 451 1.14 -18.08 -36.70
N ASP B 452 0.71 -17.61 -37.86
CA ASP B 452 0.31 -16.22 -38.03
C ASP B 452 -1.08 -16.00 -37.41
N SER B 453 -1.19 -14.94 -36.59
CA SER B 453 -2.42 -14.71 -35.83
C SER B 453 -3.62 -14.52 -36.75
N SER B 454 -3.41 -13.82 -37.89
CA SER B 454 -4.51 -13.49 -38.78
C SER B 454 -5.24 -14.74 -39.27
N LEU B 455 -4.49 -15.77 -39.65
CA LEU B 455 -5.10 -17.04 -40.02
C LEU B 455 -5.24 -17.99 -38.84
N LEU B 456 -4.72 -17.62 -37.67
CA LEU B 456 -4.79 -18.50 -36.50
C LEU B 456 -6.13 -18.37 -35.78
N ILE B 457 -6.52 -17.15 -35.41
CA ILE B 457 -7.70 -16.97 -34.56
C ILE B 457 -9.00 -17.46 -35.20
N PRO B 458 -9.28 -17.24 -36.50
CA PRO B 458 -10.59 -17.65 -37.01
C PRO B 458 -10.82 -19.15 -36.93
N THR B 459 -9.79 -19.94 -37.21
CA THR B 459 -9.91 -21.39 -37.11
C THR B 459 -10.21 -21.82 -35.68
N ILE B 460 -9.54 -21.19 -34.71
CA ILE B 460 -9.79 -21.51 -33.31
C ILE B 460 -11.24 -21.25 -32.96
N LYS B 461 -11.75 -20.07 -33.30
CA LYS B 461 -13.14 -19.75 -32.94
C LYS B 461 -14.13 -20.66 -33.66
N LYS B 462 -13.87 -20.96 -34.94
CA LYS B 462 -14.74 -21.86 -35.68
C LYS B 462 -14.80 -23.23 -35.03
N ALA B 463 -13.63 -23.80 -34.72
CA ALA B 463 -13.58 -25.13 -34.11
C ALA B 463 -14.26 -25.14 -32.75
N PHE B 464 -14.04 -24.10 -31.94
CA PHE B 464 -14.65 -24.06 -30.61
C PHE B 464 -16.17 -23.95 -30.70
N SER B 465 -16.68 -23.07 -31.57
CA SER B 465 -18.12 -22.90 -31.68
C SER B 465 -18.79 -24.16 -32.22
N GLN B 466 -18.16 -24.80 -33.20
CA GLN B 466 -18.76 -25.96 -33.85
C GLN B 466 -18.70 -27.24 -33.01
N ASN B 467 -17.93 -27.25 -31.93
CA ASN B 467 -17.84 -28.41 -31.03
C ASN B 467 -17.97 -27.93 -29.59
N PRO B 468 -19.17 -27.47 -29.18
CA PRO B 468 -19.32 -26.98 -27.80
C PRO B 468 -19.05 -28.04 -26.74
N THR B 469 -19.40 -29.30 -27.00
CA THR B 469 -19.22 -30.36 -26.01
C THR B 469 -17.76 -30.78 -25.90
N THR B 471 -13.86 -31.26 -25.41
CA THR B 471 -12.93 -30.71 -24.44
C THR B 471 -11.83 -29.93 -25.16
N ARG B 472 -11.31 -28.90 -24.48
CA ARG B 472 -10.21 -28.11 -25.05
C ARG B 472 -9.00 -28.99 -25.37
N GLN B 473 -8.75 -29.99 -24.51
CA GLN B 473 -7.66 -30.93 -24.75
C GLN B 473 -7.89 -31.70 -26.04
N LYS B 474 -9.14 -32.06 -26.32
CA LYS B 474 -9.47 -32.73 -27.57
C LYS B 474 -9.53 -31.76 -28.73
N LEU B 475 -9.85 -30.49 -28.48
CA LEU B 475 -9.95 -29.50 -29.56
C LEU B 475 -8.61 -29.05 -30.08
N LEU B 476 -7.56 -29.07 -29.25
CA LEU B 476 -6.24 -28.66 -29.73
C LEU B 476 -5.76 -29.50 -30.91
N PRO B 477 -5.82 -30.83 -30.89
CA PRO B 477 -5.43 -31.59 -32.09
C PRO B 477 -6.23 -31.24 -33.33
N LEU B 478 -7.52 -30.97 -33.18
CA LEU B 478 -8.35 -30.61 -34.33
C LEU B 478 -7.87 -29.32 -34.96
N VAL B 479 -7.63 -28.29 -34.15
CA VAL B 479 -7.15 -27.02 -34.67
C VAL B 479 -5.78 -27.21 -35.33
N LEU B 480 -4.96 -28.10 -34.76
CA LEU B 480 -3.68 -28.40 -35.39
C LEU B 480 -3.89 -29.02 -36.78
N GLN B 481 -4.81 -29.97 -36.89
CA GLN B 481 -5.07 -30.60 -38.18
C GLN B 481 -5.57 -29.59 -39.21
N TRP B 482 -6.52 -28.74 -38.81
CA TRP B 482 -7.04 -27.74 -39.75
C TRP B 482 -5.95 -26.76 -40.18
N LEU B 483 -5.05 -26.41 -39.26
CA LEU B 483 -3.96 -25.49 -39.59
C LEU B 483 -3.01 -26.10 -40.61
N GLU B 485 -3.76 -28.63 -42.75
CA GLU B 485 -4.47 -29.25 -43.87
C GLU B 485 -5.33 -28.22 -44.59
N ARG C 5 -32.44 -2.48 -4.49
CA ARG C 5 -31.22 -3.25 -4.34
C ARG C 5 -30.90 -4.01 -5.63
N ILE C 6 -29.77 -4.73 -5.63
CA ILE C 6 -29.37 -5.57 -6.75
C ILE C 6 -29.20 -6.98 -6.22
N GLN C 7 -29.93 -7.92 -6.82
CA GLN C 7 -29.85 -9.31 -6.39
C GLN C 7 -28.60 -9.99 -6.95
N ALA C 8 -28.17 -11.04 -6.27
CA ALA C 8 -26.86 -11.63 -6.53
C ALA C 8 -26.90 -12.60 -7.70
N VAL C 9 -25.83 -12.56 -8.50
CA VAL C 9 -25.58 -13.54 -9.56
C VAL C 9 -24.14 -13.99 -9.42
N TYR C 10 -23.93 -15.30 -9.26
CA TYR C 10 -22.61 -15.83 -8.95
C TYR C 10 -21.87 -16.23 -10.21
N ARG C 11 -20.56 -15.97 -10.20
CA ARG C 11 -19.65 -16.37 -11.26
C ARG C 11 -18.43 -17.03 -10.66
N ASP C 12 -17.83 -17.94 -11.40
CA ASP C 12 -16.71 -18.73 -10.89
C ASP C 12 -15.44 -17.90 -10.93
N THR C 13 -15.04 -17.39 -9.77
CA THR C 13 -13.72 -16.78 -9.65
C THR C 13 -12.65 -17.85 -9.80
N GLY C 14 -11.61 -17.55 -10.58
CA GLY C 14 -10.60 -18.55 -10.87
C GLY C 14 -9.85 -19.00 -9.63
N VAL C 15 -9.60 -18.08 -8.70
CA VAL C 15 -8.84 -18.41 -7.50
C VAL C 15 -9.63 -19.43 -6.68
N GLU C 16 -9.00 -20.56 -6.38
CA GLU C 16 -9.65 -21.57 -5.55
C GLU C 16 -9.86 -21.08 -4.13
N ALA C 17 -8.95 -20.22 -3.64
CA ALA C 17 -9.19 -19.57 -2.35
C ALA C 17 -10.41 -18.66 -2.40
N TYR C 18 -10.60 -17.96 -3.52
CA TYR C 18 -11.77 -17.13 -3.72
C TYR C 18 -12.99 -17.92 -4.16
N ARG C 19 -12.82 -19.20 -4.49
CA ARG C 19 -13.91 -20.00 -5.03
C ARG C 19 -15.00 -20.21 -3.97
N ASP C 20 -16.25 -20.13 -4.42
CA ASP C 20 -17.43 -20.36 -3.59
C ASP C 20 -17.44 -19.45 -2.35
N ASN C 21 -16.84 -18.27 -2.48
CA ASN C 21 -17.05 -17.20 -1.51
C ASN C 21 -18.22 -16.38 -2.03
N PRO C 22 -19.42 -16.57 -1.49
CA PRO C 22 -20.62 -15.99 -2.13
C PRO C 22 -20.55 -14.49 -2.28
N PHE C 23 -19.86 -13.79 -1.38
CA PHE C 23 -19.71 -12.35 -1.51
C PHE C 23 -18.81 -12.00 -2.69
N ILE C 24 -17.66 -12.67 -2.80
CA ILE C 24 -16.73 -12.39 -3.90
C ILE C 24 -17.27 -12.93 -5.21
N GLU C 25 -17.86 -14.13 -5.20
CA GLU C 25 -18.28 -14.76 -6.45
C GLU C 25 -19.35 -13.95 -7.15
N ALA C 26 -20.22 -13.27 -6.39
CA ALA C 26 -21.21 -12.39 -7.00
C ALA C 26 -20.62 -11.07 -7.47
N LEU C 27 -19.44 -10.70 -6.98
CA LEU C 27 -18.87 -9.40 -7.30
C LEU C 27 -18.57 -9.31 -8.81
N PRO C 28 -18.70 -8.12 -9.40
CA PRO C 28 -18.24 -7.91 -10.77
C PRO C 28 -16.76 -8.22 -10.89
N PRO C 29 -16.34 -8.86 -11.98
CA PRO C 29 -14.94 -9.30 -12.11
C PRO C 29 -13.96 -8.13 -12.11
N LEU C 30 -12.70 -8.47 -11.84
CA LEU C 30 -11.67 -7.44 -11.73
C LEU C 30 -11.35 -6.80 -13.08
N GLN C 31 -11.21 -7.62 -14.12
CA GLN C 31 -10.75 -7.08 -15.41
C GLN C 31 -11.83 -6.24 -16.06
N GLU C 32 -13.10 -6.62 -15.92
CA GLU C 32 -14.16 -5.76 -16.44
C GLU C 32 -14.28 -4.47 -15.63
N SER C 33 -13.98 -4.51 -14.34
CA SER C 33 -13.97 -3.27 -13.57
C SER C 33 -12.84 -2.34 -14.04
N VAL C 34 -11.66 -2.90 -14.33
CA VAL C 34 -10.57 -2.09 -14.83
C VAL C 34 -10.89 -1.55 -16.21
N ASN C 35 -11.46 -2.39 -17.08
CA ASN C 35 -11.90 -1.92 -18.39
C ASN C 35 -12.98 -0.85 -18.26
N SER C 36 -13.82 -0.95 -17.22
CA SER C 36 -14.79 0.08 -16.94
C SER C 36 -14.11 1.38 -16.53
N ALA C 37 -13.03 1.29 -15.75
CA ALA C 37 -12.25 2.50 -15.48
C ALA C 37 -11.72 3.10 -16.77
N ALA C 38 -11.31 2.24 -17.70
CA ALA C 38 -10.81 2.72 -19.00
C ALA C 38 -11.90 3.41 -19.82
N SER C 39 -13.11 2.85 -19.83
CA SER C 39 -14.17 3.31 -20.72
C SER C 39 -15.28 4.09 -20.03
N LEU C 40 -15.10 4.48 -18.77
CA LEU C 40 -16.05 5.34 -18.08
C LEU C 40 -15.56 6.78 -18.18
N LYS C 41 -15.96 7.45 -19.27
CA LYS C 41 -15.64 8.85 -19.50
C LYS C 41 -16.94 9.64 -19.54
N SER C 42 -16.95 10.77 -18.83
CA SER C 42 -18.07 11.70 -18.89
C SER C 42 -17.73 12.78 -19.92
N SER C 43 -18.52 12.84 -20.99
CA SER C 43 -18.28 13.79 -22.06
C SER C 43 -19.55 14.57 -22.34
N LEU C 44 -19.37 15.77 -22.87
CA LEU C 44 -20.48 16.67 -23.15
C LEU C 44 -20.72 16.71 -24.66
N GLN C 45 -21.90 16.25 -25.08
CA GLN C 45 -22.24 16.26 -26.50
C GLN C 45 -22.25 17.69 -26.99
N LEU C 46 -21.58 17.94 -28.12
CA LEU C 46 -21.29 19.32 -28.50
C LEU C 46 -21.03 19.41 -30.00
N THR C 47 -20.84 20.64 -30.46
CA THR C 47 -20.38 21.00 -31.81
C THR C 47 -21.37 20.65 -32.91
N SER C 48 -22.57 20.18 -32.58
CA SER C 48 -23.59 20.02 -33.60
C SER C 48 -24.11 21.37 -34.07
N SER C 49 -24.65 22.16 -33.14
CA SER C 49 -25.02 23.55 -33.39
C SER C 49 -24.71 24.46 -32.21
N ASP C 50 -23.95 23.98 -31.22
CA ASP C 50 -23.76 24.72 -29.98
C ASP C 50 -22.93 25.98 -30.16
N LEU C 51 -22.08 26.04 -31.18
CA LEU C 51 -21.30 27.24 -31.43
C LEU C 51 -22.20 28.41 -31.79
N GLN C 52 -23.24 28.17 -32.59
CA GLN C 52 -24.17 29.21 -33.00
C GLN C 52 -25.14 29.63 -31.91
N LYS C 53 -25.17 28.92 -30.78
CA LYS C 53 -26.07 29.27 -29.70
C LYS C 53 -25.63 30.58 -29.06
N SER C 54 -26.51 31.14 -28.22
CA SER C 54 -26.25 32.41 -27.58
C SER C 54 -24.95 32.36 -26.79
N ARG C 55 -24.37 33.53 -26.56
CA ARG C 55 -23.14 33.60 -25.75
C ARG C 55 -23.40 33.11 -24.33
N VAL C 56 -24.57 33.42 -23.78
CA VAL C 56 -24.92 32.94 -22.45
C VAL C 56 -25.10 31.43 -22.44
N ILE C 57 -25.72 30.87 -23.48
CA ILE C 57 -25.91 29.42 -23.55
C ILE C 57 -24.55 28.73 -23.67
N ARG C 58 -23.66 29.30 -24.49
CA ARG C 58 -22.31 28.76 -24.61
C ARG C 58 -21.59 28.81 -23.28
N ALA C 59 -21.74 29.92 -22.54
CA ALA C 59 -21.12 30.02 -21.22
C ALA C 59 -21.68 28.99 -20.25
N HIS C 60 -22.99 28.74 -20.33
CA HIS C 60 -23.59 27.73 -19.46
C HIS C 60 -22.99 26.35 -19.74
N THR C 61 -22.83 26.01 -21.02
CA THR C 61 -22.19 24.74 -21.36
C THR C 61 -20.72 24.69 -20.90
N ILE C 62 -20.01 25.81 -21.07
CA ILE C 62 -18.60 25.85 -20.70
C ILE C 62 -18.44 25.66 -19.19
N CYS C 63 -19.31 26.28 -18.40
CA CYS C 63 -19.28 26.09 -16.95
C CYS C 63 -19.87 24.75 -16.52
N ARG C 64 -20.65 24.08 -17.38
CA ARG C 64 -21.02 22.70 -17.10
C ARG C 64 -19.83 21.78 -17.25
N ILE C 65 -18.86 22.15 -18.11
CA ILE C 65 -17.68 21.29 -18.32
C ILE C 65 -17.05 20.82 -17.01
N PRO C 66 -16.77 21.69 -16.02
CA PRO C 66 -16.03 21.22 -14.83
C PRO C 66 -16.64 20.03 -14.11
N ASP C 67 -17.95 20.00 -13.93
CA ASP C 67 -18.62 18.94 -13.21
C ASP C 67 -19.18 17.87 -14.12
N ASP C 68 -18.99 18.00 -15.44
CA ASP C 68 -19.59 17.07 -16.41
C ASP C 68 -18.57 16.55 -17.42
N TYR C 69 -17.27 16.74 -17.17
CA TYR C 69 -16.25 16.19 -18.06
C TYR C 69 -15.29 15.32 -17.24
N PHE C 70 -15.15 14.05 -17.63
CA PHE C 70 -14.19 13.13 -17.05
C PHE C 70 -13.41 12.46 -18.16
N GLN C 71 -12.09 12.52 -18.06
CA GLN C 71 -11.22 11.81 -18.99
C GLN C 71 -10.44 10.76 -18.20
N PRO C 72 -10.66 9.47 -18.44
CA PRO C 72 -9.98 8.44 -17.65
C PRO C 72 -8.47 8.47 -17.86
N LEU C 73 -7.74 8.18 -16.78
CA LEU C 73 -6.28 8.28 -16.82
C LEU C 73 -5.66 7.03 -16.17
N GLY C 74 -4.35 6.91 -16.33
CA GLY C 74 -3.65 5.72 -15.88
C GLY C 74 -3.64 5.55 -14.38
N THR C 75 -3.44 6.65 -13.64
CA THR C 75 -3.51 6.59 -12.19
C THR C 75 -4.91 6.18 -11.73
N HIS C 76 -5.94 6.63 -12.45
CA HIS C 76 -7.30 6.21 -12.17
C HIS C 76 -7.46 4.71 -12.38
N LEU C 77 -6.89 4.18 -13.47
CA LEU C 77 -6.94 2.73 -13.70
C LEU C 77 -6.23 1.96 -12.58
N LEU C 78 -5.06 2.43 -12.17
CA LEU C 78 -4.32 1.74 -11.11
C LEU C 78 -5.08 1.76 -9.80
N LEU C 79 -5.72 2.90 -9.48
CA LEU C 79 -6.53 2.97 -8.26
C LEU C 79 -7.72 2.02 -8.35
N SER C 80 -8.33 1.90 -9.53
CA SER C 80 -9.44 0.95 -9.69
C SER C 80 -8.98 -0.47 -9.41
N GLU C 81 -7.84 -0.85 -9.99
CA GLU C 81 -7.29 -2.19 -9.73
C GLU C 81 -7.04 -2.41 -8.25
N ARG C 82 -6.39 -1.45 -7.60
CA ARG C 82 -6.08 -1.60 -6.18
C ARG C 82 -7.35 -1.70 -5.34
N ILE C 83 -8.36 -0.90 -5.65
CA ILE C 83 -9.60 -0.91 -4.89
C ILE C 83 -10.29 -2.26 -5.02
N SER C 84 -10.38 -2.79 -6.24
CA SER C 84 -11.03 -4.09 -6.41
C SER C 84 -10.27 -5.19 -5.67
N VAL C 85 -8.94 -5.21 -5.80
CA VAL C 85 -8.14 -6.22 -5.14
C VAL C 85 -8.28 -6.10 -3.63
N ILE C 87 -10.89 -4.89 -1.93
CA ILE C 87 -12.21 -5.40 -1.53
C ILE C 87 -12.18 -6.92 -1.42
N ARG C 88 -11.73 -7.58 -2.48
CA ARG C 88 -11.77 -9.04 -2.45
C ARG C 88 -10.64 -9.64 -1.61
N GLY C 89 -9.69 -8.85 -1.14
CA GLY C 89 -8.69 -9.33 -0.21
C GLY C 89 -9.19 -9.19 1.22
N GLY C 90 -10.01 -8.18 1.47
CA GLY C 90 -10.72 -8.11 2.73
C GLY C 90 -11.70 -9.24 2.89
N TYR C 91 -12.37 -9.64 1.81
CA TYR C 91 -13.39 -10.68 1.92
C TYR C 91 -12.84 -12.10 2.01
N VAL C 92 -11.52 -12.32 1.93
CA VAL C 92 -11.00 -13.69 2.03
C VAL C 92 -11.15 -14.24 3.44
N GLY C 93 -10.83 -13.42 4.45
CA GLY C 93 -10.78 -13.93 5.81
C GLY C 93 -12.11 -14.43 6.33
N ARG C 94 -13.21 -13.83 5.89
CA ARG C 94 -14.54 -14.21 6.36
C ARG C 94 -14.91 -15.61 5.89
N ASP C 100 -10.88 -21.94 16.56
CA ASP C 100 -11.57 -22.26 15.31
C ASP C 100 -10.56 -22.85 14.33
N LEU C 101 -9.56 -22.05 13.95
CA LEU C 101 -8.38 -22.54 13.26
C LEU C 101 -7.27 -22.93 14.24
N GLN C 102 -7.42 -22.51 15.51
CA GLN C 102 -6.58 -23.02 16.58
C GLN C 102 -6.60 -24.53 16.63
N LYS C 103 -7.74 -25.15 16.31
CA LYS C 103 -7.82 -26.60 16.27
C LYS C 103 -6.89 -27.17 15.20
N HIS C 104 -6.86 -26.56 14.01
CA HIS C 104 -5.94 -27.03 12.98
C HIS C 104 -4.49 -26.86 13.41
N LEU C 105 -4.18 -25.72 14.04
CA LEU C 105 -2.80 -25.48 14.47
C LEU C 105 -2.36 -26.53 15.50
N GLN C 106 -3.21 -26.78 16.50
CA GLN C 106 -2.89 -27.77 17.53
C GLN C 106 -2.81 -29.18 16.95
N ASN C 107 -3.71 -29.50 16.02
CA ASN C 107 -3.69 -30.79 15.35
C ASN C 107 -2.38 -30.98 14.61
N GLY C 108 -1.92 -29.94 13.90
CA GLY C 108 -0.65 -30.04 13.20
C GLY C 108 0.51 -30.24 14.15
N TYR C 109 0.50 -29.55 15.29
CA TYR C 109 1.59 -29.73 16.26
C TYR C 109 1.60 -31.15 16.81
N GLU C 110 0.43 -31.70 17.13
CA GLU C 110 0.35 -33.08 17.60
C GLU C 110 0.84 -34.06 16.54
N ARG C 111 0.46 -33.83 15.29
CA ARG C 111 0.91 -34.69 14.20
C ARG C 111 2.42 -34.62 14.03
N VAL C 112 2.99 -33.43 14.14
CA VAL C 112 4.45 -33.27 14.04
C VAL C 112 5.13 -34.06 15.14
N GLN C 113 4.61 -33.96 16.37
CA GLN C 113 5.23 -34.70 17.47
C GLN C 113 5.09 -36.21 17.28
N THR C 114 3.93 -36.66 16.78
CA THR C 114 3.76 -38.08 16.50
C THR C 114 4.72 -38.55 15.41
N GLY C 115 5.11 -37.66 14.51
CA GLY C 115 5.96 -38.02 13.40
C GLY C 115 5.23 -38.28 12.11
N GLU C 116 3.89 -38.20 12.12
CA GLU C 116 3.13 -38.30 10.88
C GLU C 116 3.50 -37.19 9.92
N LEU C 117 3.64 -35.97 10.45
CA LEU C 117 4.01 -34.81 9.64
C LEU C 117 5.49 -34.50 9.83
N GLU C 118 6.22 -34.43 8.72
CA GLU C 118 7.62 -34.06 8.72
C GLU C 118 7.83 -32.61 8.31
N THR C 119 6.76 -31.83 8.22
CA THR C 119 6.83 -30.43 7.83
C THR C 119 5.53 -29.75 8.23
N PHE C 120 5.63 -28.57 8.83
CA PHE C 120 4.45 -27.78 9.16
C PHE C 120 4.86 -26.33 9.39
N ARG C 121 4.01 -25.42 8.93
CA ARG C 121 4.23 -23.99 9.08
C ARG C 121 3.19 -23.44 10.04
N PHE C 122 3.63 -22.79 11.11
CA PHE C 122 2.74 -22.20 12.11
C PHE C 122 2.36 -20.80 11.62
N GLU C 123 1.17 -20.69 11.06
CA GLU C 123 0.75 -19.44 10.43
C GLU C 123 0.65 -18.31 11.46
N GLU C 124 1.07 -17.12 11.04
CA GLU C 124 1.08 -15.95 11.91
C GLU C 124 -0.25 -15.22 11.86
N GLN C 130 -7.16 -5.04 5.40
CA GLN C 130 -6.02 -4.22 5.00
C GLN C 130 -6.25 -2.75 5.31
N SER C 131 -5.33 -1.91 4.86
CA SER C 131 -5.46 -0.46 5.00
C SER C 131 -4.58 0.20 3.96
N LEU C 132 -5.14 1.17 3.24
CA LEU C 132 -4.41 1.92 2.22
C LEU C 132 -4.63 3.40 2.45
N LEU C 133 -3.53 4.17 2.41
CA LEU C 133 -3.57 5.61 2.63
C LEU C 133 -3.33 6.31 1.30
N LEU C 134 -4.35 7.00 0.80
CA LEU C 134 -4.23 7.80 -0.41
C LEU C 134 -3.87 9.23 -0.03
N ILE C 135 -2.71 9.70 -0.49
CA ILE C 135 -2.22 11.04 -0.21
C ILE C 135 -2.11 11.79 -1.54
N GLY C 136 -2.66 13.00 -1.57
CA GLY C 136 -2.58 13.83 -2.77
C GLY C 136 -3.00 15.25 -2.52
N CYS C 137 -2.36 16.19 -3.20
CA CYS C 137 -2.72 17.60 -3.08
C CYS C 137 -4.15 17.80 -3.57
N SER C 138 -4.85 18.74 -2.93
CA SER C 138 -6.23 19.00 -3.27
C SER C 138 -6.34 19.51 -4.70
N GLY C 139 -7.45 19.15 -5.35
CA GLY C 139 -7.65 19.45 -6.75
C GLY C 139 -7.07 18.43 -7.71
N SER C 140 -6.57 17.31 -7.22
CA SER C 140 -5.99 16.30 -8.10
C SER C 140 -7.06 15.37 -8.69
N GLY C 141 -8.18 15.20 -7.99
CA GLY C 141 -9.29 14.42 -8.51
C GLY C 141 -9.58 13.16 -7.72
N LYS C 142 -9.11 13.10 -6.46
CA LYS C 142 -9.30 11.90 -5.65
C LYS C 142 -10.77 11.59 -5.45
N THR C 143 -11.55 12.58 -5.04
CA THR C 143 -12.97 12.35 -4.74
C THR C 143 -13.73 11.90 -5.99
N THR C 144 -13.54 12.62 -7.10
CA THR C 144 -14.27 12.30 -8.33
C THR C 144 -13.87 10.92 -8.85
N SER C 145 -12.56 10.63 -8.87
CA SER C 145 -12.10 9.33 -9.36
C SER C 145 -12.60 8.20 -8.48
N LEU C 146 -12.58 8.40 -7.16
CA LEU C 146 -13.10 7.39 -6.25
C LEU C 146 -14.58 7.13 -6.49
N HIS C 147 -15.36 8.21 -6.67
CA HIS C 147 -16.79 8.04 -6.92
C HIS C 147 -17.04 7.28 -8.22
N ARG C 148 -16.28 7.63 -9.27
CA ARG C 148 -16.46 6.98 -10.56
C ARG C 148 -16.08 5.50 -10.49
N ILE C 149 -15.04 5.17 -9.73
CA ILE C 149 -14.67 3.76 -9.53
C ILE C 149 -15.74 3.03 -8.74
N LEU C 150 -16.16 3.61 -7.61
CA LEU C 150 -17.09 2.94 -6.71
C LEU C 150 -18.43 2.69 -7.39
N ALA C 151 -18.81 3.54 -8.35
CA ALA C 151 -20.04 3.30 -9.09
C ALA C 151 -20.00 1.99 -9.87
N THR C 152 -18.81 1.59 -10.36
CA THR C 152 -18.72 0.38 -11.17
C THR C 152 -19.15 -0.85 -10.38
N TYR C 153 -18.99 -0.84 -9.06
CA TYR C 153 -19.45 -1.90 -8.19
C TYR C 153 -20.80 -1.54 -7.58
N PRO C 154 -21.76 -2.45 -7.56
CA PRO C 154 -23.02 -2.17 -6.86
C PRO C 154 -22.79 -2.02 -5.36
N GLN C 155 -23.52 -1.09 -4.75
CA GLN C 155 -23.29 -0.82 -3.32
C GLN C 155 -23.85 -1.93 -2.45
N VAL C 156 -25.05 -2.41 -2.74
CA VAL C 156 -25.71 -3.42 -1.92
C VAL C 156 -26.03 -4.63 -2.80
N ILE C 157 -25.60 -5.80 -2.35
CA ILE C 157 -25.89 -7.06 -3.00
C ILE C 157 -26.71 -7.91 -2.02
N TYR C 158 -27.89 -8.33 -2.45
CA TYR C 158 -28.76 -9.14 -1.61
C TYR C 158 -28.56 -10.61 -1.92
N HIS C 159 -28.37 -11.42 -0.88
CA HIS C 159 -28.23 -12.86 -1.04
C HIS C 159 -29.53 -13.52 -0.60
N ARG C 160 -30.29 -14.07 -1.56
CA ARG C 160 -31.59 -14.64 -1.25
C ARG C 160 -31.47 -15.83 -0.29
N GLU C 161 -30.46 -16.68 -0.50
CA GLU C 161 -30.36 -17.91 0.27
C GLU C 161 -29.98 -17.66 1.73
N LEU C 162 -29.14 -16.66 1.99
CA LEU C 162 -28.64 -16.42 3.34
C LEU C 162 -29.20 -15.16 3.98
N ASN C 163 -30.06 -14.42 3.29
CA ASN C 163 -30.65 -13.18 3.78
C ASN C 163 -29.58 -12.25 4.37
N VAL C 164 -28.58 -11.95 3.54
CA VAL C 164 -27.51 -11.03 3.89
C VAL C 164 -27.53 -9.87 2.90
N GLU C 165 -27.54 -8.65 3.43
CA GLU C 165 -27.39 -7.44 2.64
C GLU C 165 -25.92 -7.05 2.70
N GLN C 166 -25.19 -7.31 1.61
CA GLN C 166 -23.76 -7.02 1.54
C GLN C 166 -23.57 -5.59 1.07
N VAL C 167 -22.89 -4.79 1.90
CA VAL C 167 -22.50 -3.43 1.52
C VAL C 167 -21.11 -3.53 0.91
N VAL C 168 -21.03 -3.45 -0.42
CA VAL C 168 -19.75 -3.56 -1.10
C VAL C 168 -18.86 -2.37 -0.76
N TYR C 169 -19.41 -1.16 -0.83
CA TYR C 169 -18.65 0.04 -0.51
C TYR C 169 -19.48 0.98 0.33
N LEU C 170 -18.83 1.62 1.31
CA LEU C 170 -19.43 2.66 2.13
C LEU C 170 -18.44 3.82 2.20
N LYS C 171 -18.86 4.99 1.74
CA LYS C 171 -18.02 6.18 1.72
C LYS C 171 -18.46 7.15 2.79
N ILE C 172 -17.49 7.72 3.50
CA ILE C 172 -17.74 8.70 4.56
C ILE C 172 -16.91 9.94 4.28
N ASP C 173 -17.51 11.11 4.46
CA ASP C 173 -16.82 12.38 4.32
C ASP C 173 -16.76 13.09 5.67
N CYS C 174 -15.77 13.96 5.81
CA CYS C 174 -15.52 14.67 7.06
C CYS C 174 -15.94 16.14 6.90
N SER C 175 -16.62 16.66 7.92
CA SER C 175 -17.15 18.01 7.85
C SER C 175 -16.04 19.04 7.72
N HIS C 176 -16.44 20.29 7.51
CA HIS C 176 -15.49 21.37 7.25
C HIS C 176 -14.43 21.45 8.34
N ASN C 177 -14.86 21.46 9.59
CA ASN C 177 -14.00 21.19 10.74
C ASN C 177 -14.64 20.05 11.51
N GLY C 178 -14.05 18.86 11.41
CA GLY C 178 -14.71 17.67 11.90
C GLY C 178 -14.07 17.03 13.11
N SER C 179 -14.85 16.21 13.81
CA SER C 179 -14.36 15.47 14.96
C SER C 179 -14.44 13.97 14.68
N LEU C 180 -13.47 13.25 15.26
CA LEU C 180 -13.49 11.80 15.21
C LEU C 180 -14.80 11.26 15.77
N LYS C 181 -15.38 11.98 16.73
CA LYS C 181 -16.69 11.62 17.27
C LYS C 181 -17.78 11.80 16.23
N GLU C 182 -17.68 12.84 15.40
CA GLU C 182 -18.67 13.10 14.36
C GLU C 182 -18.64 12.05 13.26
N ILE C 183 -17.46 11.48 13.00
CA ILE C 183 -17.32 10.50 11.94
C ILE C 183 -18.21 9.27 12.19
N CYS C 184 -18.47 8.94 13.45
CA CYS C 184 -19.31 7.78 13.76
C CYS C 184 -20.75 7.98 13.28
N LEU C 185 -21.32 9.15 13.61
CA LEU C 185 -22.64 9.49 13.11
C LEU C 185 -22.66 9.51 11.59
N ASN C 186 -21.57 9.98 10.98
CA ASN C 186 -21.51 9.99 9.51
C ASN C 186 -21.61 8.58 8.94
N PHE C 187 -20.88 7.63 9.55
CA PHE C 187 -20.94 6.23 9.15
C PHE C 187 -22.37 5.70 9.20
N PHE C 188 -23.03 5.88 10.35
CA PHE C 188 -24.40 5.39 10.51
C PHE C 188 -25.35 6.06 9.52
N ARG C 189 -25.12 7.34 9.23
CA ARG C 189 -25.96 8.07 8.28
C ARG C 189 -25.85 7.49 6.87
N ALA C 190 -24.62 7.28 6.39
CA ALA C 190 -24.43 6.77 5.05
C ALA C 190 -25.07 5.40 4.90
N LEU C 191 -24.98 4.57 5.94
CA LEU C 191 -25.56 3.24 5.82
C LEU C 191 -27.05 3.33 5.54
N ASP C 192 -27.78 4.19 6.26
CA ASP C 192 -29.22 4.26 6.02
C ASP C 192 -29.51 4.78 4.63
N ARG C 193 -28.76 5.80 4.18
CA ARG C 193 -28.98 6.29 2.82
C ARG C 193 -28.83 5.17 1.80
N ALA C 194 -27.99 4.17 2.09
CA ALA C 194 -27.84 3.05 1.17
C ALA C 194 -28.94 1.99 1.36
N LEU C 195 -29.32 1.68 2.59
CA LEU C 195 -30.09 0.47 2.87
C LEU C 195 -31.47 0.70 3.49
N GLY C 196 -31.97 1.93 3.56
CA GLY C 196 -33.23 2.18 4.23
C GLY C 196 -33.21 1.85 5.71
N SER C 197 -32.05 1.93 6.35
CA SER C 197 -31.89 1.46 7.72
C SER C 197 -32.36 2.52 8.73
N ASN C 198 -32.40 2.09 10.00
CA ASN C 198 -32.77 2.96 11.13
C ASN C 198 -31.68 2.97 12.19
N TYR C 199 -30.45 2.61 11.81
CA TYR C 199 -29.36 2.54 12.75
C TYR C 199 -29.02 3.91 13.32
N GLU C 200 -29.30 4.98 12.56
CA GLU C 200 -29.05 6.33 13.07
C GLU C 200 -30.03 6.71 14.17
N ARG C 201 -31.27 6.22 14.10
CA ARG C 201 -32.17 6.35 15.23
C ARG C 201 -31.69 5.52 16.40
N ARG C 202 -31.23 4.29 16.14
CA ARG C 202 -30.86 3.41 17.25
C ARG C 202 -29.61 3.88 17.99
N TYR C 203 -28.63 4.43 17.28
CA TYR C 203 -27.38 4.85 17.90
C TYR C 203 -27.14 6.34 17.67
N GLY C 204 -26.24 6.91 18.47
CA GLY C 204 -25.92 8.33 18.34
C GLY C 204 -26.19 9.18 19.56
N LEU C 205 -26.00 8.61 20.75
CA LEU C 205 -26.14 9.36 22.00
C LEU C 205 -24.77 9.84 22.48
N LYS C 206 -24.78 10.99 23.17
CA LYS C 206 -23.52 11.54 23.69
C LYS C 206 -22.91 10.63 24.75
N ARG C 207 -23.74 9.94 25.53
CA ARG C 207 -23.23 9.07 26.58
C ARG C 207 -22.42 7.90 26.02
N HIS C 208 -22.74 7.47 24.80
CA HIS C 208 -22.02 6.35 24.19
C HIS C 208 -20.54 6.68 24.06
N GLY C 209 -19.70 5.74 24.47
CA GLY C 209 -18.27 5.90 24.27
C GLY C 209 -17.89 5.69 22.82
N ILE C 210 -16.78 6.33 22.42
CA ILE C 210 -16.30 6.17 21.05
C ILE C 210 -15.94 4.72 20.78
N GLU C 211 -15.27 4.07 21.75
CA GLU C 211 -14.92 2.67 21.57
C GLU C 211 -16.16 1.79 21.46
N THR C 212 -17.15 1.99 22.33
CA THR C 212 -18.36 1.19 22.26
C THR C 212 -19.06 1.38 20.93
N LEU C 214 -17.69 2.20 18.30
CA LEU C 214 -16.86 1.59 17.29
C LEU C 214 -17.15 0.09 17.21
N ALA C 215 -17.28 -0.54 18.37
CA ALA C 215 -17.64 -1.94 18.40
C ALA C 215 -18.95 -2.15 17.68
N LEU C 216 -19.93 -1.27 17.91
CA LEU C 216 -21.20 -1.38 17.21
C LEU C 216 -20.97 -1.25 15.71
N SER C 218 -18.48 -2.07 14.10
CA SER C 218 -17.92 -3.35 13.68
C SER C 218 -19.01 -4.39 13.59
N GLN C 219 -19.89 -4.43 14.59
CA GLN C 219 -20.95 -5.43 14.61
C GLN C 219 -21.79 -5.28 13.35
N ILE C 220 -22.16 -4.05 13.03
CA ILE C 220 -22.97 -3.82 11.84
C ILE C 220 -22.21 -4.27 10.60
N ALA C 221 -20.90 -4.01 10.57
CA ALA C 221 -20.11 -4.43 9.42
C ALA C 221 -20.13 -5.94 9.30
N ASN C 222 -20.08 -6.63 10.44
CA ASN C 222 -20.15 -8.08 10.42
C ASN C 222 -21.50 -8.55 9.92
N ALA C 223 -22.57 -7.84 10.31
CA ALA C 223 -23.92 -8.26 9.94
C ALA C 223 -24.19 -7.98 8.47
N HIS C 224 -23.77 -6.81 7.99
CA HIS C 224 -23.81 -6.42 6.59
C HIS C 224 -22.34 -6.27 6.21
N VAL C 225 -21.71 -7.39 5.85
CA VAL C 225 -20.31 -7.46 5.44
C VAL C 225 -19.96 -6.28 4.54
N LEU C 226 -18.88 -5.61 4.89
CA LEU C 226 -18.49 -4.35 4.27
C LEU C 226 -17.16 -4.57 3.56
N GLY C 227 -17.19 -4.52 2.23
CA GLY C 227 -15.97 -4.75 1.46
C GLY C 227 -14.93 -3.68 1.70
N LEU C 228 -15.36 -2.42 1.81
CA LEU C 228 -14.42 -1.32 1.90
C LEU C 228 -15.09 -0.13 2.57
N LEU C 229 -14.37 0.50 3.49
CA LEU C 229 -14.79 1.74 4.13
C LEU C 229 -13.86 2.86 3.66
N VAL C 230 -14.44 3.93 3.12
CA VAL C 230 -13.68 5.01 2.54
C VAL C 230 -13.95 6.30 3.32
N ILE C 231 -12.87 6.96 3.76
CA ILE C 231 -12.97 8.25 4.41
C ILE C 231 -12.36 9.29 3.48
N ASP C 232 -13.15 10.28 3.08
CA ASP C 232 -12.74 11.27 2.11
C ASP C 232 -12.60 12.65 2.76
N GLU C 233 -11.73 13.46 2.17
CA GLU C 233 -11.46 14.82 2.66
C GLU C 233 -11.09 14.80 4.14
N ILE C 234 -10.25 13.85 4.53
CA ILE C 234 -9.74 13.80 5.90
C ILE C 234 -8.88 15.01 6.19
N GLN C 235 -8.46 15.73 5.16
CA GLN C 235 -7.72 16.97 5.32
C GLN C 235 -8.56 17.99 6.08
N HIS C 236 -7.88 19.02 6.57
CA HIS C 236 -8.49 20.10 7.37
C HIS C 236 -9.47 19.54 8.41
N LEU C 237 -9.03 18.47 9.08
CA LEU C 237 -9.73 17.95 10.24
C LEU C 237 -9.16 18.64 11.48
N SER C 238 -10.01 19.34 12.22
CA SER C 238 -9.56 20.13 13.35
C SER C 238 -8.72 19.29 14.30
N ARG C 239 -7.44 19.66 14.44
CA ARG C 239 -6.52 18.88 15.27
C ARG C 239 -6.94 18.90 16.73
N SER C 240 -7.46 20.03 17.20
CA SER C 240 -7.94 20.09 18.58
C SER C 240 -9.10 19.14 18.81
N ARG C 241 -10.04 19.07 17.85
CA ARG C 241 -11.14 18.13 17.96
C ARG C 241 -10.65 16.69 17.89
N SER C 242 -9.67 16.42 17.04
CA SER C 242 -9.19 15.05 16.85
C SER C 242 -8.37 14.56 18.04
N GLY C 243 -7.64 15.46 18.70
CA GLY C 243 -6.71 15.09 19.75
C GLY C 243 -5.28 15.18 19.28
N GLY C 244 -4.38 14.65 20.11
CA GLY C 244 -2.99 14.58 19.72
C GLY C 244 -2.80 13.73 18.47
N SER C 245 -1.76 14.04 17.71
CA SER C 245 -1.57 13.38 16.41
C SER C 245 -1.34 11.88 16.58
N GLN C 246 -0.43 11.51 17.49
CA GLN C 246 -0.19 10.09 17.74
C GLN C 246 -1.49 9.39 18.11
N GLU C 247 -2.19 9.93 19.10
CA GLU C 247 -3.49 9.38 19.47
C GLU C 247 -4.40 9.25 18.26
N LEU C 249 -3.66 8.81 15.14
CA LEU C 249 -3.21 7.62 14.43
C LEU C 249 -3.79 6.39 15.09
N ASN C 250 -3.62 6.31 16.42
CA ASN C 250 -4.17 5.21 17.17
C ASN C 250 -5.64 5.04 16.82
N PHE C 251 -6.42 6.08 17.05
CA PHE C 251 -7.84 5.97 16.75
C PHE C 251 -7.98 5.17 15.46
N PHE C 252 -7.45 5.72 14.37
CA PHE C 252 -7.76 5.16 13.07
C PHE C 252 -7.37 3.68 13.01
N VAL C 253 -6.14 3.35 13.40
CA VAL C 253 -5.70 1.96 13.27
C VAL C 253 -6.58 1.05 14.14
N THR C 254 -6.85 1.48 15.37
CA THR C 254 -7.74 0.71 16.24
C THR C 254 -9.06 0.45 15.53
N VAL C 256 -9.71 0.33 12.44
CA VAL C 256 -9.55 -0.67 11.39
C VAL C 256 -9.53 -2.06 11.99
N ASN C 257 -8.84 -2.21 13.12
CA ASN C 257 -8.71 -3.54 13.72
C ASN C 257 -10.06 -4.07 14.18
N ILE C 258 -10.87 -3.20 14.80
CA ILE C 258 -12.17 -3.65 15.29
C ILE C 258 -13.12 -3.95 14.14
N ILE C 259 -13.16 -3.08 13.11
CA ILE C 259 -14.09 -3.31 12.02
C ILE C 259 -13.71 -4.56 11.23
N GLY C 260 -12.41 -4.78 11.01
CA GLY C 260 -12.02 -5.88 10.15
C GLY C 260 -12.33 -5.64 8.70
N VAL C 261 -12.54 -4.39 8.32
CA VAL C 261 -12.93 -4.01 6.95
C VAL C 261 -11.80 -3.19 6.36
N PRO C 262 -11.42 -3.43 5.10
CA PRO C 262 -10.41 -2.59 4.46
C PRO C 262 -10.80 -1.12 4.53
N VAL C 263 -9.86 -0.28 4.94
CA VAL C 263 -10.10 1.14 5.17
C VAL C 263 -9.17 1.92 4.26
N LEU C 265 -8.06 5.84 3.20
CA LEU C 265 -8.08 7.22 3.67
C LEU C 265 -7.59 8.13 2.54
N ILE C 266 -8.42 9.09 2.16
CA ILE C 266 -8.10 10.03 1.11
C ILE C 266 -7.64 11.33 1.78
N GLY C 267 -6.42 11.75 1.46
CA GLY C 267 -5.84 12.86 2.18
C GLY C 267 -4.87 13.72 1.40
N THR C 268 -4.13 14.56 2.10
CA THR C 268 -3.25 15.58 1.57
C THR C 268 -1.85 15.36 2.12
N PRO C 269 -0.81 15.93 1.49
CA PRO C 269 0.56 15.74 2.01
C PRO C 269 0.72 16.13 3.48
N LYS C 270 -0.04 17.10 3.96
CA LYS C 270 -0.05 17.36 5.40
C LYS C 270 -0.56 16.14 6.16
N ALA C 271 -1.52 15.41 5.59
CA ALA C 271 -1.98 14.18 6.22
C ALA C 271 -0.90 13.11 6.18
N ARG C 272 -0.06 13.07 5.13
CA ARG C 272 1.10 12.19 5.16
C ARG C 272 2.03 12.57 6.31
N GLU C 273 2.22 13.88 6.53
CA GLU C 273 2.98 14.34 7.69
C GLU C 273 2.36 13.81 8.98
N ILE C 274 1.03 13.83 9.07
CA ILE C 274 0.35 13.38 10.29
C ILE C 274 0.49 11.87 10.50
N PHE C 275 0.47 11.08 9.42
CA PHE C 275 0.46 9.63 9.55
C PHE C 275 1.77 8.95 9.12
N GLU C 276 2.88 9.69 9.07
CA GLU C 276 4.16 9.09 8.69
C GLU C 276 4.47 7.82 9.48
N ALA C 277 4.18 7.82 10.78
CA ALA C 277 4.44 6.63 11.60
C ALA C 277 3.26 5.67 11.58
N GLY C 287 1.02 -1.35 9.14
CA GLY C 287 -0.36 -1.70 8.85
C GLY C 287 -1.01 -0.77 7.83
N PHE C 288 -0.27 0.25 7.42
CA PHE C 288 -0.75 1.24 6.45
C PHE C 288 0.14 1.23 5.21
N GLY C 289 -0.49 1.15 4.04
CA GLY C 289 0.20 1.26 2.76
C GLY C 289 -0.21 2.55 2.08
N ALA C 290 0.74 3.21 1.44
CA ALA C 290 0.54 4.54 0.90
C ALA C 290 0.74 4.53 -0.62
N ILE C 291 -0.28 5.01 -1.35
CA ILE C 291 -0.20 5.29 -2.77
C ILE C 291 -0.52 6.75 -2.96
N PHE C 292 0.30 7.45 -3.74
CA PHE C 292 0.23 8.91 -3.82
C PHE C 292 -0.30 9.37 -5.16
N TRP C 293 -1.32 10.22 -5.12
CA TRP C 293 -1.84 10.89 -6.31
C TRP C 293 -1.12 12.23 -6.46
N ASP C 294 -0.41 12.40 -7.55
CA ASP C 294 0.43 13.55 -7.78
C ASP C 294 0.07 14.23 -9.09
N PRO C 295 0.37 15.52 -9.23
CA PRO C 295 0.02 16.23 -10.46
C PRO C 295 0.70 15.62 -11.68
N ILE C 296 0.03 15.75 -12.82
CA ILE C 296 0.59 15.27 -14.09
C ILE C 296 1.93 15.95 -14.35
N GLN C 297 2.90 15.17 -14.78
CA GLN C 297 4.24 15.67 -15.07
C GLN C 297 4.42 15.76 -16.58
N GLN C 298 4.91 16.91 -17.06
CA GLN C 298 4.97 17.15 -18.50
C GLN C 298 5.96 16.21 -19.19
N THR C 299 7.03 15.82 -18.51
CA THR C 299 8.05 14.96 -19.10
C THR C 299 8.35 13.79 -18.17
N GLN C 300 8.48 12.60 -18.75
CA GLN C 300 8.84 11.39 -18.03
C GLN C 300 10.30 11.07 -18.37
N ARG C 301 11.22 11.65 -17.59
CA ARG C 301 12.65 11.45 -17.76
C ARG C 301 13.09 11.74 -19.20
N GLY C 302 12.75 12.95 -19.65
CA GLY C 302 13.11 13.40 -20.98
C GLY C 302 12.15 12.99 -22.08
N LYS C 303 11.00 12.40 -21.74
CA LYS C 303 10.03 11.93 -22.71
C LYS C 303 8.74 12.72 -22.59
N PRO C 304 8.15 13.16 -23.71
CA PRO C 304 6.85 13.84 -23.64
C PRO C 304 5.80 12.93 -23.01
N ASN C 305 4.93 13.53 -22.19
CA ASN C 305 3.89 12.77 -21.52
C ASN C 305 2.62 12.83 -22.36
N GLN C 306 2.30 11.72 -23.02
CA GLN C 306 1.08 11.68 -23.81
C GLN C 306 -0.17 11.79 -22.96
N GLU C 307 -0.09 11.50 -21.66
CA GLU C 307 -1.22 11.78 -20.78
C GLU C 307 -1.58 13.26 -20.82
N TRP C 308 -0.58 14.12 -20.56
CA TRP C 308 -0.79 15.56 -20.63
C TRP C 308 -1.23 15.98 -22.03
N ILE C 309 -0.55 15.47 -23.05
CA ILE C 309 -0.85 15.90 -24.42
C ILE C 309 -2.29 15.56 -24.79
N ALA C 310 -2.69 14.30 -24.54
CA ALA C 310 -4.03 13.85 -24.91
C ALA C 310 -5.10 14.55 -24.09
N PHE C 311 -4.87 14.75 -22.79
CA PHE C 311 -5.84 15.49 -21.99
C PHE C 311 -6.04 16.89 -22.54
N THR C 312 -4.93 17.59 -22.84
CA THR C 312 -5.06 18.94 -23.37
C THR C 312 -5.78 18.96 -24.71
N ASP C 313 -5.47 18.00 -25.59
CA ASP C 313 -6.13 17.98 -26.90
C ASP C 313 -7.63 17.76 -26.77
N ASN C 314 -8.02 16.76 -25.97
CA ASN C 314 -9.44 16.45 -25.83
C ASN C 314 -10.19 17.59 -25.13
N LEU C 315 -9.55 18.24 -24.15
CA LEU C 315 -10.19 19.37 -23.50
C LEU C 315 -10.28 20.57 -24.42
N TRP C 316 -9.26 20.76 -25.27
CA TRP C 316 -9.26 21.86 -26.23
C TRP C 316 -10.41 21.71 -27.21
N GLN C 317 -10.68 20.48 -27.65
CA GLN C 317 -11.81 20.26 -28.55
C GLN C 317 -13.13 20.66 -27.91
N LEU C 318 -13.20 20.76 -26.58
CA LEU C 318 -14.37 21.27 -25.88
C LEU C 318 -14.28 22.80 -25.78
N GLN C 319 -14.39 23.44 -26.95
CA GLN C 319 -14.29 24.90 -27.04
C GLN C 319 -15.45 25.42 -27.87
N LEU C 320 -16.25 26.29 -27.26
CA LEU C 320 -17.34 26.97 -27.97
C LEU C 320 -16.96 28.39 -28.34
N LEU C 321 -15.70 28.76 -28.17
CA LEU C 321 -15.22 30.10 -28.49
C LEU C 321 -14.96 30.22 -29.99
N GLN C 322 -15.37 31.36 -30.56
CA GLN C 322 -15.12 31.62 -31.96
C GLN C 322 -13.63 31.73 -32.24
N ARG C 323 -13.28 31.66 -33.52
CA ARG C 323 -11.92 31.86 -34.04
C ARG C 323 -10.85 31.23 -33.15
N LYS C 324 -11.13 30.02 -32.66
CA LYS C 324 -10.23 29.30 -31.77
C LYS C 324 -9.11 28.63 -32.56
N ASP C 325 -8.03 28.30 -31.85
CA ASP C 325 -6.96 27.51 -32.45
C ASP C 325 -7.49 26.13 -32.83
N ALA C 326 -7.17 25.69 -34.05
CA ALA C 326 -7.56 24.35 -34.47
C ALA C 326 -6.89 23.29 -33.60
N LEU C 327 -5.62 23.49 -33.27
CA LEU C 327 -4.88 22.60 -32.40
C LEU C 327 -4.16 23.43 -31.33
N LEU C 328 -3.93 22.80 -30.18
CA LEU C 328 -3.25 23.49 -29.09
C LEU C 328 -1.81 23.79 -29.49
N SER C 329 -1.41 25.05 -29.37
CA SER C 329 -0.03 25.42 -29.63
C SER C 329 0.86 24.99 -28.47
N ASP C 330 2.13 24.73 -28.79
CA ASP C 330 3.07 24.30 -27.76
C ASP C 330 3.29 25.39 -26.72
N GLU C 331 3.33 26.66 -27.15
CA GLU C 331 3.47 27.75 -26.19
C GLU C 331 2.31 27.77 -25.21
N VAL C 332 1.08 27.62 -25.71
CA VAL C 332 -0.08 27.65 -24.83
C VAL C 332 -0.09 26.44 -23.92
N ARG C 333 0.30 25.27 -24.43
CA ARG C 333 0.36 24.08 -23.57
C ARG C 333 1.41 24.24 -22.47
N ASP C 334 2.57 24.78 -22.81
CA ASP C 334 3.60 25.00 -21.81
C ASP C 334 3.18 26.05 -20.78
N VAL C 335 2.47 27.10 -21.22
CA VAL C 335 1.95 28.09 -20.28
C VAL C 335 0.90 27.44 -19.36
N TRP C 336 0.02 26.62 -19.94
CA TRP C 336 -0.95 25.88 -19.15
C TRP C 336 -0.26 25.07 -18.07
N TYR C 337 0.78 24.33 -18.45
CA TYR C 337 1.48 23.52 -17.46
C TYR C 337 2.21 24.40 -16.44
N GLU C 338 2.87 25.47 -16.88
CA GLU C 338 3.59 26.34 -15.96
C GLU C 338 2.64 26.88 -14.89
N LEU C 339 1.46 27.32 -15.29
CA LEU C 339 0.53 27.89 -14.33
C LEU C 339 -0.15 26.83 -13.47
N SER C 340 -0.49 25.67 -14.06
CA SER C 340 -1.30 24.69 -13.35
C SER C 340 -0.48 23.72 -12.52
N GLN C 341 0.74 23.40 -12.96
CA GLN C 341 1.62 22.41 -12.34
C GLN C 341 1.04 21.00 -12.37
N GLY C 342 0.13 20.75 -13.31
CA GLY C 342 -0.45 19.43 -13.48
C GLY C 342 -1.65 19.15 -12.60
N VAL C 343 -2.10 20.11 -11.80
CA VAL C 343 -3.26 19.90 -10.94
C VAL C 343 -4.53 20.03 -11.78
N ASP C 345 -7.87 20.27 -11.16
CA ASP C 345 -8.82 21.33 -10.87
C ASP C 345 -8.33 22.67 -11.43
N ILE C 346 -7.06 22.98 -11.21
CA ILE C 346 -6.50 24.21 -11.76
C ILE C 346 -6.60 24.23 -13.27
N VAL C 347 -6.27 23.10 -13.91
CA VAL C 347 -6.30 23.03 -15.37
C VAL C 347 -7.70 23.35 -15.90
N VAL C 348 -8.70 22.63 -15.39
CA VAL C 348 -10.05 22.77 -15.92
C VAL C 348 -10.66 24.13 -15.55
N LYS C 349 -10.41 24.59 -14.32
CA LYS C 349 -10.90 25.89 -13.89
C LYS C 349 -10.33 26.99 -14.76
N LEU C 350 -9.02 26.93 -15.04
CA LEU C 350 -8.39 27.95 -15.87
C LEU C 350 -8.95 27.91 -17.28
N PHE C 351 -9.13 26.72 -17.83
CA PHE C 351 -9.71 26.61 -19.17
C PHE C 351 -11.07 27.31 -19.23
N VAL C 352 -11.96 26.98 -18.29
CA VAL C 352 -13.30 27.55 -18.30
C VAL C 352 -13.25 29.06 -18.07
N LEU C 353 -12.44 29.52 -17.12
CA LEU C 353 -12.40 30.94 -16.79
C LEU C 353 -11.86 31.77 -17.95
N ALA C 354 -10.78 31.29 -18.60
CA ALA C 354 -10.25 32.02 -19.74
C ALA C 354 -11.22 32.01 -20.90
N GLN C 355 -11.92 30.89 -21.11
CA GLN C 355 -12.96 30.85 -22.14
C GLN C 355 -14.03 31.90 -21.88
N LEU C 356 -14.45 32.01 -20.62
CA LEU C 356 -15.49 32.98 -20.26
C LEU C 356 -15.02 34.41 -20.47
N ARG C 357 -13.79 34.71 -20.03
CA ARG C 357 -13.27 36.06 -20.20
C ARG C 357 -13.12 36.42 -21.67
N ALA C 358 -12.66 35.46 -22.50
CA ALA C 358 -12.58 35.71 -23.93
C ALA C 358 -13.96 35.95 -24.53
N LEU C 359 -14.96 35.17 -24.10
CA LEU C 359 -16.32 35.37 -24.58
C LEU C 359 -16.80 36.77 -24.27
N ALA C 360 -16.51 37.25 -23.06
CA ALA C 360 -16.91 38.60 -22.68
C ALA C 360 -16.16 39.66 -23.49
N LEU C 361 -14.84 39.49 -23.66
CA LEU C 361 -14.04 40.52 -24.31
C LEU C 361 -14.28 40.58 -25.81
N GLY C 362 -14.71 39.47 -26.44
CA GLY C 362 -14.92 39.42 -27.86
C GLY C 362 -13.77 38.83 -28.65
N ASN C 363 -12.57 38.78 -28.05
CA ASN C 363 -11.43 38.10 -28.68
C ASN C 363 -11.55 36.62 -28.38
N GLU C 364 -12.44 35.96 -29.13
CA GLU C 364 -12.81 34.59 -28.81
C GLU C 364 -11.68 33.60 -29.04
N ARG C 365 -10.58 34.00 -29.70
CA ARG C 365 -9.38 33.18 -29.66
C ARG C 365 -8.78 33.23 -28.27
N ILE C 366 -8.27 32.09 -27.81
CA ILE C 366 -7.68 31.96 -26.48
C ILE C 366 -6.17 32.03 -26.61
N THR C 367 -5.54 32.80 -25.72
CA THR C 367 -4.10 33.02 -25.80
C THR C 367 -3.45 32.88 -24.42
N ALA C 368 -2.11 32.88 -24.45
CA ALA C 368 -1.34 32.91 -23.23
C ALA C 368 -1.73 34.10 -22.37
N GLY C 369 -2.05 35.23 -23.01
CA GLY C 369 -2.47 36.39 -22.25
C GLY C 369 -3.76 36.14 -21.47
N LEU C 370 -4.75 35.53 -22.11
CA LEU C 370 -5.99 35.20 -21.43
C LEU C 370 -5.73 34.26 -20.26
N LEU C 371 -4.94 33.21 -20.50
CA LEU C 371 -4.66 32.25 -19.43
C LEU C 371 -3.94 32.92 -18.26
N ARG C 372 -2.92 33.72 -18.54
CA ARG C 372 -2.12 34.34 -17.49
C ARG C 372 -2.90 35.41 -16.74
N GLN C 373 -3.69 36.21 -17.48
CA GLN C 373 -4.56 37.18 -16.84
C GLN C 373 -5.51 36.52 -15.88
N VAL C 374 -6.15 35.43 -16.30
CA VAL C 374 -7.08 34.75 -15.41
C VAL C 374 -6.33 34.15 -14.21
N TYR C 375 -5.14 33.60 -14.46
CA TYR C 375 -4.32 33.04 -13.38
C TYR C 375 -4.11 34.08 -12.30
N GLN C 376 -3.48 35.20 -12.65
CA GLN C 376 -3.23 36.24 -11.65
C GLN C 376 -4.52 36.89 -11.13
N ASP C 377 -5.57 36.98 -11.95
CA ASP C 377 -6.76 37.71 -11.56
C ASP C 377 -7.59 36.95 -10.55
N GLU C 378 -7.71 35.63 -10.72
CA GLU C 378 -8.64 34.83 -9.93
C GLU C 378 -7.98 33.75 -9.09
N LEU C 379 -6.86 33.17 -9.54
CA LEU C 379 -6.25 32.03 -8.88
C LEU C 379 -5.15 32.43 -7.91
N LYS C 380 -5.14 33.69 -7.47
CA LYS C 380 -4.19 34.12 -6.45
C LYS C 380 -4.23 33.27 -5.18
N PRO C 381 -5.40 32.91 -4.62
CA PRO C 381 -5.40 32.15 -3.35
C PRO C 381 -4.57 30.87 -3.41
N VAL C 382 -4.50 30.21 -4.57
CA VAL C 382 -3.79 28.95 -4.69
C VAL C 382 -2.36 29.13 -5.18
N HIS C 383 -1.93 30.36 -5.46
CA HIS C 383 -0.60 30.58 -6.00
C HIS C 383 0.54 30.05 -5.12
N PRO C 384 0.54 30.23 -3.79
CA PRO C 384 1.62 29.62 -3.00
C PRO C 384 1.81 28.15 -3.29
N LEU C 386 1.03 26.29 -5.80
CA LEU C 386 1.60 26.07 -7.14
C LEU C 386 3.08 26.39 -7.15
N GLU C 387 3.47 27.50 -6.52
CA GLU C 387 4.89 27.81 -6.43
C GLU C 387 5.64 26.63 -5.81
N ALA C 388 5.14 26.14 -4.69
CA ALA C 388 5.77 24.99 -4.04
C ALA C 388 5.87 23.83 -5.01
N LEU C 389 4.82 23.62 -5.80
CA LEU C 389 4.78 22.50 -6.73
C LEU C 389 5.92 22.63 -7.74
N ARG C 390 6.16 23.84 -8.22
CA ARG C 390 7.29 24.02 -9.14
C ARG C 390 8.62 23.87 -8.41
N SER C 391 8.67 24.26 -7.13
CA SER C 391 9.92 24.12 -6.38
C SER C 391 10.24 22.65 -6.15
N GLY C 392 9.23 21.80 -6.10
CA GLY C 392 9.42 20.39 -5.86
C GLY C 392 9.91 20.07 -4.46
N ILE C 393 9.68 20.96 -3.51
CA ILE C 393 10.15 20.79 -2.14
C ILE C 393 9.01 20.22 -1.31
N PRO C 394 9.16 19.03 -0.70
CA PRO C 394 8.03 18.39 -0.01
C PRO C 394 7.46 19.20 1.13
N GLU C 395 8.30 19.84 1.94
CA GLU C 395 7.80 20.70 3.01
C GLU C 395 6.98 21.85 2.45
N ARG C 396 7.46 22.46 1.37
CA ARG C 396 6.75 23.56 0.74
C ARG C 396 5.39 23.12 0.22
N ILE C 397 5.32 21.95 -0.43
CA ILE C 397 4.04 21.51 -0.97
C ILE C 397 3.07 21.14 0.16
N ALA C 398 3.58 20.49 1.21
CA ALA C 398 2.72 20.06 2.30
C ALA C 398 2.13 21.25 3.05
N ARG C 399 2.91 22.31 3.22
CA ARG C 399 2.43 23.45 4.00
C ARG C 399 1.22 24.12 3.35
N TYR C 400 1.20 24.19 2.02
CA TYR C 400 0.14 24.89 1.30
C TYR C 400 -0.85 23.94 0.61
N SER C 401 -0.72 22.62 0.80
CA SER C 401 -1.61 21.70 0.10
C SER C 401 -3.08 21.93 0.43
N ASP C 402 -3.40 22.16 1.72
CA ASP C 402 -4.80 22.36 2.10
C ASP C 402 -5.42 23.63 1.53
N LEU C 403 -4.68 24.42 0.76
CA LEU C 403 -5.24 25.63 0.16
C LEU C 403 -6.18 25.25 -0.98
N VAL C 404 -7.37 25.82 -0.97
CA VAL C 404 -8.38 25.61 -2.00
C VAL C 404 -9.02 26.95 -2.33
N VAL C 405 -9.26 27.20 -3.60
CA VAL C 405 -9.93 28.44 -4.03
C VAL C 405 -11.33 28.46 -3.44
N PRO C 406 -11.67 29.46 -2.63
CA PRO C 406 -12.96 29.44 -1.94
C PRO C 406 -14.09 30.07 -2.74
N GLU C 407 -15.21 29.35 -2.84
CA GLU C 407 -16.43 29.83 -3.48
C GLU C 407 -16.17 30.37 -4.89
N ILE C 408 -15.47 29.56 -5.69
CA ILE C 408 -15.25 29.90 -7.10
C ILE C 408 -16.56 29.84 -7.89
N ASP C 409 -17.56 29.13 -7.36
CA ASP C 409 -18.85 29.05 -8.03
C ASP C 409 -19.52 30.42 -8.12
N LYS C 410 -19.40 31.22 -7.05
CA LYS C 410 -19.93 32.58 -7.10
C LYS C 410 -19.26 33.40 -8.18
N ARG C 411 -17.94 33.28 -8.32
CA ARG C 411 -17.24 34.05 -9.36
C ARG C 411 -17.66 33.59 -10.75
N LEU C 412 -17.88 32.28 -10.92
CA LEU C 412 -18.32 31.77 -12.22
C LEU C 412 -19.71 32.29 -12.58
N ILE C 413 -20.65 32.28 -11.63
CA ILE C 413 -21.97 32.81 -11.93
C ILE C 413 -21.90 34.32 -12.18
N GLN C 414 -21.01 35.02 -11.46
CA GLN C 414 -20.81 36.45 -11.72
C GLN C 414 -20.30 36.71 -13.13
N LEU C 415 -19.36 35.88 -13.59
CA LEU C 415 -18.82 36.03 -14.94
C LEU C 415 -19.90 35.76 -15.98
N GLN C 416 -20.74 34.76 -15.73
CA GLN C 416 -21.88 34.52 -16.62
C GLN C 416 -22.81 35.73 -16.66
N LEU C 417 -23.05 36.35 -15.50
CA LEU C 417 -23.88 37.55 -15.45
C LEU C 417 -23.26 38.69 -16.27
N ASP C 418 -21.93 38.84 -16.17
CA ASP C 418 -21.26 39.88 -16.94
C ASP C 418 -21.42 39.65 -18.44
N ILE C 419 -21.26 38.40 -18.88
CA ILE C 419 -21.45 38.08 -20.29
C ILE C 419 -22.89 38.37 -20.72
N ALA C 420 -23.86 38.04 -19.86
CA ALA C 420 -25.26 38.31 -20.19
C ALA C 420 -25.51 39.81 -20.34
N ALA C 421 -24.92 40.62 -19.47
CA ALA C 421 -25.07 42.06 -19.58
C ALA C 421 -24.49 42.57 -20.90
N ILE C 422 -23.30 42.07 -21.27
CA ILE C 422 -22.71 42.44 -22.56
C ILE C 422 -23.66 42.09 -23.70
N GLN C 423 -24.24 40.88 -23.65
CA GLN C 423 -25.13 40.46 -24.73
C GLN C 423 -26.39 41.32 -24.81
N GLU C 424 -26.95 41.69 -23.65
CA GLU C 424 -28.25 42.36 -23.64
C GLU C 424 -28.16 43.87 -23.59
N GLN C 425 -26.96 44.45 -23.69
CA GLN C 425 -26.87 45.88 -23.97
C GLN C 425 -27.72 46.25 -25.19
N THR C 426 -28.48 47.35 -25.06
CA THR C 426 -29.34 47.86 -26.13
C THR C 426 -28.57 48.84 -27.02
N PRO C 427 -29.05 49.07 -28.24
CA PRO C 427 -28.42 50.11 -29.08
C PRO C 427 -28.39 51.48 -28.43
N GLU C 428 -29.45 51.85 -27.72
CA GLU C 428 -29.49 53.11 -27.00
C GLU C 428 -28.40 53.17 -25.94
N GLU C 429 -28.26 52.09 -25.18
CA GLU C 429 -27.22 51.96 -24.17
C GLU C 429 -25.83 52.11 -24.78
N LYS C 430 -25.58 51.38 -25.88
CA LYS C 430 -24.28 51.44 -26.54
C LYS C 430 -24.02 52.82 -27.13
N ALA C 431 -25.04 53.50 -27.64
CA ALA C 431 -24.86 54.84 -28.18
C ALA C 431 -24.45 55.82 -27.10
N LEU C 432 -25.15 55.79 -25.96
CA LEU C 432 -24.79 56.68 -24.85
C LEU C 432 -23.39 56.36 -24.34
N GLN C 433 -23.03 55.08 -24.29
CA GLN C 433 -21.68 54.72 -23.86
C GLN C 433 -20.63 55.16 -24.88
N GLU C 434 -20.97 55.07 -26.18
CA GLU C 434 -20.05 55.47 -27.24
C GLU C 434 -19.74 56.96 -27.16
N LEU C 435 -20.78 57.78 -27.02
CA LEU C 435 -20.57 59.22 -26.94
C LEU C 435 -19.84 59.58 -25.66
N ASP C 436 -18.84 60.45 -25.78
CA ASP C 436 -17.95 60.72 -24.66
C ASP C 436 -18.54 61.75 -23.69
N THR C 437 -18.78 62.97 -24.16
CA THR C 437 -19.07 64.08 -23.27
C THR C 437 -20.58 64.27 -23.06
N GLU C 438 -20.90 65.02 -22.00
CA GLU C 438 -22.29 65.29 -21.66
C GLU C 438 -23.01 66.01 -22.79
N ASP C 439 -22.34 66.97 -23.43
CA ASP C 439 -22.97 67.73 -24.51
C ASP C 439 -23.29 66.82 -25.69
N GLN C 440 -22.37 65.92 -26.03
CA GLN C 440 -22.62 64.94 -27.08
C GLN C 440 -23.82 64.08 -26.75
N ARG C 441 -23.87 63.56 -25.52
CA ARG C 441 -24.97 62.69 -25.12
C ARG C 441 -26.30 63.46 -25.10
N HIS C 442 -26.26 64.72 -24.68
CA HIS C 442 -27.46 65.55 -24.66
C HIS C 442 -27.99 65.78 -26.08
N LEU C 443 -27.08 66.06 -27.02
CA LEU C 443 -27.50 66.22 -28.41
C LEU C 443 -28.13 64.93 -28.94
N TYR C 444 -27.51 63.79 -28.63
CA TYR C 444 -28.08 62.52 -29.03
C TYR C 444 -29.48 62.33 -28.47
N LEU C 445 -29.64 62.61 -27.17
CA LEU C 445 -30.94 62.38 -26.54
C LEU C 445 -32.01 63.30 -27.12
N LEU C 447 -32.08 64.57 -30.21
CA LEU C 447 -32.35 64.28 -31.62
C LEU C 447 -32.65 62.82 -31.90
N LYS C 448 -32.70 61.97 -30.87
CA LYS C 448 -32.83 60.53 -31.07
C LYS C 448 -34.10 60.16 -31.81
N GLU C 449 -35.23 60.74 -31.42
CA GLU C 449 -36.49 60.36 -32.02
C GLU C 449 -36.57 60.82 -33.48
N ASP C 450 -36.14 62.05 -33.75
CA ASP C 450 -36.34 62.61 -35.08
C ASP C 450 -35.32 62.13 -36.10
N TYR C 451 -34.13 61.73 -35.68
CA TYR C 451 -33.13 61.23 -36.63
C TYR C 451 -32.61 59.87 -36.21
N ASP C 452 -32.08 59.14 -37.18
CA ASP C 452 -31.64 57.76 -36.96
C ASP C 452 -30.24 57.72 -36.35
N SER C 453 -30.08 56.82 -35.37
CA SER C 453 -28.87 56.78 -34.56
C SER C 453 -27.63 56.48 -35.40
N SER C 454 -27.77 55.60 -36.39
CA SER C 454 -26.62 55.12 -37.18
C SER C 454 -25.84 56.28 -37.78
N LEU C 455 -26.56 57.32 -38.23
CA LEU C 455 -25.89 58.53 -38.69
C LEU C 455 -25.76 59.58 -37.60
N LEU C 456 -26.65 59.58 -36.61
CA LEU C 456 -26.65 60.63 -35.60
C LEU C 456 -25.38 60.60 -34.76
N ILE C 457 -25.04 59.42 -34.22
CA ILE C 457 -23.88 59.32 -33.32
C ILE C 457 -22.59 59.73 -34.04
N PRO C 458 -22.24 59.15 -35.21
CA PRO C 458 -21.03 59.59 -35.90
C PRO C 458 -21.02 61.09 -36.11
N THR C 459 -22.06 61.63 -36.75
CA THR C 459 -22.08 63.05 -37.06
C THR C 459 -21.78 63.89 -35.82
N ILE C 460 -22.51 63.63 -34.73
CA ILE C 460 -22.24 64.35 -33.49
C ILE C 460 -20.75 64.33 -33.19
N LYS C 461 -20.20 63.12 -33.07
CA LYS C 461 -18.78 63.02 -32.73
C LYS C 461 -17.95 63.87 -33.69
N LYS C 462 -18.21 63.72 -34.99
CA LYS C 462 -17.48 64.47 -36.00
C LYS C 462 -17.45 65.94 -35.64
N ALA C 463 -18.64 66.51 -35.44
CA ALA C 463 -18.73 67.92 -35.15
C ALA C 463 -17.88 68.27 -33.94
N PHE C 464 -18.02 67.49 -32.87
CA PHE C 464 -17.36 67.87 -31.63
C PHE C 464 -15.85 67.71 -31.74
N SER C 465 -15.38 66.90 -32.68
CA SER C 465 -13.94 66.81 -32.89
C SER C 465 -13.44 67.93 -33.78
N GLN C 466 -14.30 68.41 -34.70
CA GLN C 466 -13.84 69.47 -35.59
C GLN C 466 -13.94 70.85 -34.94
N ASN C 467 -14.81 70.98 -33.95
CA ASN C 467 -15.05 72.27 -33.29
C ASN C 467 -15.09 72.05 -31.78
N PRO C 468 -13.93 71.82 -31.16
CA PRO C 468 -13.93 71.50 -29.72
C PRO C 468 -14.34 72.66 -28.83
N THR C 469 -14.02 73.91 -29.23
CA THR C 469 -14.35 75.05 -28.38
C THR C 469 -15.84 75.37 -28.39
N THR C 471 -19.89 75.63 -28.34
CA THR C 471 -20.92 75.17 -27.42
C THR C 471 -21.90 74.25 -28.15
N ARG C 472 -22.64 73.46 -27.36
CA ARG C 472 -23.66 72.60 -27.98
C ARG C 472 -24.77 73.44 -28.60
N GLN C 473 -25.07 74.59 -28.00
CA GLN C 473 -26.11 75.48 -28.53
C GLN C 473 -25.75 75.97 -29.92
N LYS C 474 -24.46 76.25 -30.16
CA LYS C 474 -23.99 76.67 -31.46
C LYS C 474 -23.66 75.52 -32.39
N LEU C 475 -23.47 74.31 -31.85
CA LEU C 475 -23.12 73.16 -32.67
C LEU C 475 -24.32 72.37 -33.15
N LEU C 476 -25.49 72.53 -32.51
CA LEU C 476 -26.70 71.90 -33.03
C LEU C 476 -27.02 72.29 -34.47
N PRO C 477 -26.95 73.57 -34.87
CA PRO C 477 -27.21 73.88 -36.29
C PRO C 477 -26.29 73.15 -37.26
N LEU C 478 -25.01 73.00 -36.91
CA LEU C 478 -24.07 72.33 -37.79
C LEU C 478 -24.43 70.86 -37.95
N VAL C 479 -24.76 70.20 -36.84
CA VAL C 479 -25.16 68.79 -36.90
C VAL C 479 -26.44 68.63 -37.72
N LEU C 480 -27.40 69.53 -37.51
CA LEU C 480 -28.65 69.46 -38.27
C LEU C 480 -28.40 69.64 -39.76
N GLN C 481 -27.53 70.58 -40.13
CA GLN C 481 -27.19 70.78 -41.54
C GLN C 481 -26.54 69.53 -42.12
N TRP C 482 -25.55 68.97 -41.41
CA TRP C 482 -24.87 67.78 -41.92
C TRP C 482 -25.81 66.59 -42.00
N LEU C 483 -26.87 66.59 -41.19
CA LEU C 483 -27.82 65.49 -41.21
C LEU C 483 -28.70 65.49 -42.46
N ALA D 3 -54.26 28.81 -17.25
CA ALA D 3 -54.80 27.84 -18.19
C ALA D 3 -54.24 28.06 -19.59
N THR D 4 -52.94 27.82 -19.75
CA THR D 4 -52.27 27.93 -21.04
C THR D 4 -52.16 26.53 -21.63
N ARG D 5 -53.24 26.10 -22.28
CA ARG D 5 -53.36 24.75 -22.81
C ARG D 5 -52.97 24.72 -24.28
N ILE D 6 -52.01 23.85 -24.61
CA ILE D 6 -51.57 23.61 -25.98
C ILE D 6 -51.38 22.12 -26.19
N GLN D 7 -51.37 21.71 -27.46
CA GLN D 7 -50.98 20.36 -27.81
C GLN D 7 -49.47 20.28 -28.04
N ALA D 8 -48.92 19.09 -27.81
CA ALA D 8 -47.47 18.94 -27.73
C ALA D 8 -46.84 18.82 -29.11
N VAL D 9 -45.67 19.43 -29.26
CA VAL D 9 -44.81 19.27 -30.43
C VAL D 9 -43.40 18.94 -29.92
N TYR D 10 -42.72 18.03 -30.60
CA TYR D 10 -41.47 17.47 -30.12
C TYR D 10 -40.30 17.89 -31.01
N ARG D 11 -39.14 18.11 -30.38
CA ARG D 11 -37.89 18.41 -31.07
C ARG D 11 -36.81 17.49 -30.53
N ASP D 12 -35.80 17.23 -31.36
CA ASP D 12 -34.68 16.37 -30.97
C ASP D 12 -33.69 17.21 -30.17
N THR D 13 -33.59 16.93 -28.87
CA THR D 13 -32.68 17.63 -27.99
C THR D 13 -31.23 17.26 -28.32
N GLY D 14 -30.33 18.17 -27.98
CA GLY D 14 -28.91 17.90 -28.20
C GLY D 14 -28.38 16.79 -27.31
N VAL D 15 -28.75 16.80 -26.02
CA VAL D 15 -28.27 15.79 -25.10
C VAL D 15 -28.95 14.46 -25.40
N GLU D 16 -28.15 13.38 -25.38
CA GLU D 16 -28.71 12.05 -25.63
C GLU D 16 -29.71 11.65 -24.57
N ALA D 17 -29.46 12.01 -23.31
CA ALA D 17 -30.34 11.62 -22.22
C ALA D 17 -31.73 12.24 -22.39
N TYR D 18 -31.79 13.48 -22.90
CA TYR D 18 -33.07 14.15 -23.08
C TYR D 18 -33.88 13.58 -24.24
N ARG D 19 -33.26 12.79 -25.12
CA ARG D 19 -33.91 12.41 -26.37
C ARG D 19 -35.05 11.42 -26.14
N ASP D 20 -36.10 11.57 -26.96
CA ASP D 20 -37.27 10.69 -26.95
C ASP D 20 -37.99 10.71 -25.60
N ASN D 21 -37.89 11.81 -24.87
CA ASN D 21 -38.72 12.03 -23.69
C ASN D 21 -39.78 13.06 -24.04
N PRO D 22 -41.05 12.67 -24.14
CA PRO D 22 -42.08 13.63 -24.61
C PRO D 22 -42.15 14.90 -23.79
N PHE D 23 -41.89 14.81 -22.49
CA PHE D 23 -42.01 15.98 -21.61
C PHE D 23 -40.94 17.01 -21.94
N ILE D 24 -39.68 16.59 -22.04
CA ILE D 24 -38.61 17.51 -22.39
C ILE D 24 -38.76 18.01 -23.82
N GLU D 25 -39.15 17.11 -24.73
CA GLU D 25 -39.23 17.48 -26.14
C GLU D 25 -40.38 18.46 -26.39
N ALA D 26 -41.45 18.40 -25.59
CA ALA D 26 -42.55 19.34 -25.77
C ALA D 26 -42.13 20.76 -25.42
N LEU D 27 -41.40 20.94 -24.33
CA LEU D 27 -41.07 22.28 -23.88
C LEU D 27 -40.06 22.95 -24.82
N PRO D 28 -40.12 24.28 -24.96
CA PRO D 28 -39.31 24.97 -25.96
C PRO D 28 -37.83 24.96 -25.59
N PRO D 29 -36.94 25.16 -26.54
CA PRO D 29 -35.50 25.07 -26.25
C PRO D 29 -35.02 26.15 -25.29
N LEU D 30 -33.93 25.81 -24.57
CA LEU D 30 -33.36 26.71 -23.58
C LEU D 30 -33.00 28.07 -24.18
N GLN D 31 -32.48 28.06 -25.41
CA GLN D 31 -32.09 29.32 -26.05
C GLN D 31 -33.27 30.27 -26.16
N GLU D 32 -34.43 29.74 -26.56
CA GLU D 32 -35.62 30.58 -26.64
C GLU D 32 -36.03 31.12 -25.28
N SER D 33 -36.02 30.27 -24.24
CA SER D 33 -36.42 30.72 -22.92
C SER D 33 -35.53 31.86 -22.45
N VAL D 34 -34.21 31.70 -22.58
CA VAL D 34 -33.28 32.72 -22.12
C VAL D 34 -33.46 34.01 -22.93
N ASN D 35 -33.54 33.89 -24.26
CA ASN D 35 -33.62 35.10 -25.07
C ASN D 35 -34.97 35.80 -24.92
N SER D 36 -36.04 35.04 -24.69
CA SER D 36 -37.35 35.63 -24.43
C SER D 36 -37.34 36.40 -23.12
N ALA D 37 -36.76 35.81 -22.06
CA ALA D 37 -36.62 36.54 -20.81
C ALA D 37 -35.76 37.78 -21.00
N ALA D 38 -34.72 37.69 -21.83
CA ALA D 38 -33.83 38.82 -22.08
C ALA D 38 -34.56 39.95 -22.81
N SER D 39 -35.40 39.62 -23.77
CA SER D 39 -36.11 40.60 -24.57
C SER D 39 -37.50 40.91 -24.01
N LEU D 40 -37.81 40.42 -22.82
CA LEU D 40 -39.00 40.87 -22.09
C LEU D 40 -39.13 42.38 -22.16
N LYS D 41 -40.30 42.85 -22.58
CA LYS D 41 -40.53 44.26 -22.84
C LYS D 41 -41.52 44.83 -21.83
N SER D 42 -41.19 46.00 -21.30
CA SER D 42 -42.17 46.78 -20.55
C SER D 42 -43.30 47.19 -21.47
N SER D 43 -44.54 47.04 -20.99
CA SER D 43 -45.69 47.48 -21.78
C SER D 43 -45.80 48.99 -21.85
N LEU D 44 -45.09 49.71 -20.99
CA LEU D 44 -45.13 51.18 -21.00
C LEU D 44 -44.20 51.71 -22.07
N GLN D 45 -44.72 51.83 -23.29
CA GLN D 45 -44.03 52.51 -24.37
C GLN D 45 -44.54 53.93 -24.44
N LEU D 46 -43.64 54.89 -24.22
CA LEU D 46 -44.01 56.29 -24.26
C LEU D 46 -43.73 56.87 -25.65
N THR D 47 -44.41 57.98 -25.93
CA THR D 47 -44.23 58.73 -27.16
C THR D 47 -43.85 60.17 -26.80
N SER D 48 -43.33 60.89 -27.80
CA SER D 48 -42.96 62.28 -27.58
C SER D 48 -44.17 63.13 -27.17
N SER D 49 -45.35 62.82 -27.72
CA SER D 49 -46.56 63.57 -27.40
C SER D 49 -46.97 63.42 -25.94
N ASP D 50 -46.57 62.34 -25.27
CA ASP D 50 -47.04 62.09 -23.91
C ASP D 50 -46.53 63.13 -22.91
N LEU D 51 -45.44 63.81 -23.22
CA LEU D 51 -44.95 64.88 -22.35
C LEU D 51 -45.71 66.18 -22.54
N GLN D 52 -46.53 66.27 -23.61
CA GLN D 52 -47.29 67.47 -23.91
C GLN D 52 -48.72 67.45 -23.36
N LYS D 53 -49.15 66.34 -22.79
CA LYS D 53 -50.56 66.13 -22.46
C LYS D 53 -50.87 66.65 -21.06
N SER D 54 -52.06 66.31 -20.57
CA SER D 54 -52.52 66.82 -19.29
C SER D 54 -51.73 66.22 -18.14
N ARG D 55 -51.69 66.98 -17.04
CA ARG D 55 -51.04 66.49 -15.82
C ARG D 55 -51.69 65.22 -15.32
N VAL D 56 -53.01 65.09 -15.47
CA VAL D 56 -53.71 63.89 -15.00
C VAL D 56 -53.26 62.66 -15.78
N ILE D 57 -53.22 62.77 -17.12
CA ILE D 57 -52.80 61.65 -17.95
C ILE D 57 -51.35 61.29 -17.67
N ARG D 58 -50.48 62.30 -17.55
CA ARG D 58 -49.08 62.04 -17.26
C ARG D 58 -48.92 61.35 -15.91
N ALA D 59 -49.65 61.81 -14.89
CA ALA D 59 -49.56 61.21 -13.57
C ALA D 59 -50.03 59.76 -13.58
N HIS D 60 -51.10 59.48 -14.33
CA HIS D 60 -51.57 58.10 -14.42
C HIS D 60 -50.53 57.20 -15.07
N THR D 61 -49.91 57.66 -16.16
CA THR D 61 -48.87 56.86 -16.80
C THR D 61 -47.68 56.64 -15.86
N ILE D 62 -47.28 57.69 -15.15
CA ILE D 62 -46.21 57.55 -14.17
C ILE D 62 -46.57 56.50 -13.14
N CYS D 63 -47.80 56.57 -12.61
CA CYS D 63 -48.25 55.58 -11.63
C CYS D 63 -48.32 54.18 -12.21
N ARG D 64 -48.49 54.05 -13.53
CA ARG D 64 -48.47 52.72 -14.14
C ARG D 64 -47.06 52.22 -14.40
N ILE D 65 -46.04 53.07 -14.30
CA ILE D 65 -44.66 52.59 -14.40
C ILE D 65 -44.42 51.34 -13.56
N PRO D 66 -44.76 51.30 -12.25
CA PRO D 66 -44.42 50.10 -11.46
C PRO D 66 -44.97 48.79 -11.99
N ASP D 67 -46.22 48.79 -12.49
CA ASP D 67 -46.84 47.54 -12.91
C ASP D 67 -46.41 47.14 -14.31
N ASP D 68 -46.22 48.10 -15.21
CA ASP D 68 -46.01 47.81 -16.62
C ASP D 68 -44.57 48.04 -17.09
N TYR D 69 -43.63 48.27 -16.18
CA TYR D 69 -42.24 48.45 -16.59
C TYR D 69 -41.39 47.31 -16.04
N PHE D 70 -40.61 46.68 -16.92
CA PHE D 70 -39.67 45.61 -16.57
C PHE D 70 -38.40 45.80 -17.35
N GLN D 71 -37.26 45.84 -16.64
CA GLN D 71 -35.96 45.86 -17.29
C GLN D 71 -35.22 44.57 -16.97
N PRO D 72 -35.08 43.66 -17.94
CA PRO D 72 -34.36 42.40 -17.66
C PRO D 72 -32.90 42.64 -17.37
N LEU D 73 -32.45 42.20 -16.20
CA LEU D 73 -31.05 42.24 -15.82
C LEU D 73 -30.45 40.84 -15.95
N GLY D 74 -29.12 40.76 -15.81
CA GLY D 74 -28.43 39.49 -16.03
C GLY D 74 -28.84 38.41 -15.05
N THR D 75 -29.18 38.80 -13.82
CA THR D 75 -29.63 37.83 -12.84
C THR D 75 -30.89 37.12 -13.29
N HIS D 76 -31.76 37.82 -14.03
CA HIS D 76 -32.96 37.19 -14.57
C HIS D 76 -32.60 36.08 -15.57
N LEU D 77 -31.62 36.34 -16.44
CA LEU D 77 -31.19 35.32 -17.39
C LEU D 77 -30.57 34.12 -16.67
N LEU D 78 -29.78 34.40 -15.65
CA LEU D 78 -29.20 33.32 -14.84
C LEU D 78 -30.30 32.46 -14.23
N LEU D 79 -31.32 33.10 -13.66
CA LEU D 79 -32.42 32.36 -13.05
C LEU D 79 -33.23 31.59 -14.09
N SER D 80 -33.38 32.14 -15.30
CA SER D 80 -34.08 31.43 -16.36
C SER D 80 -33.36 30.14 -16.72
N GLU D 81 -32.04 30.21 -16.87
CA GLU D 81 -31.27 28.99 -17.14
C GLU D 81 -31.35 28.01 -15.97
N ARG D 82 -31.33 28.53 -14.74
CA ARG D 82 -31.48 27.68 -13.57
C ARG D 82 -32.79 26.91 -13.61
N ILE D 83 -33.89 27.61 -13.89
CA ILE D 83 -35.21 26.99 -13.94
C ILE D 83 -35.27 25.95 -15.04
N SER D 84 -34.72 26.27 -16.22
CA SER D 84 -34.74 25.33 -17.32
C SER D 84 -34.02 24.04 -16.95
N VAL D 85 -32.83 24.17 -16.33
CA VAL D 85 -32.09 22.99 -15.91
C VAL D 85 -32.87 22.21 -14.87
N ILE D 87 -36.13 21.99 -14.44
CA ILE D 87 -37.26 21.29 -15.06
C ILE D 87 -36.78 20.10 -15.87
N ARG D 88 -35.75 20.29 -16.70
CA ARG D 88 -35.28 19.21 -17.55
C ARG D 88 -34.70 18.07 -16.73
N GLY D 89 -33.94 18.39 -15.67
CA GLY D 89 -33.45 17.35 -14.78
C GLY D 89 -34.56 16.62 -14.06
N GLY D 90 -35.60 17.35 -13.64
CA GLY D 90 -36.74 16.69 -13.03
C GLY D 90 -37.45 15.75 -13.99
N TYR D 91 -37.45 16.08 -15.28
CA TYR D 91 -38.09 15.22 -16.27
C TYR D 91 -37.19 14.09 -16.78
N VAL D 92 -35.89 14.16 -16.51
CA VAL D 92 -35.03 13.01 -16.82
C VAL D 92 -35.41 11.82 -15.96
N GLY D 93 -35.80 12.07 -14.70
CA GLY D 93 -35.93 10.98 -13.74
C GLY D 93 -36.99 9.96 -14.12
N ARG D 94 -38.13 10.42 -14.62
CA ARG D 94 -39.23 9.54 -14.99
C ARG D 94 -39.55 9.72 -16.48
N ASN D 95 -39.00 8.84 -17.30
CA ASN D 95 -39.34 8.77 -18.72
C ASN D 95 -40.42 7.72 -18.91
N PRO D 96 -41.59 8.06 -19.46
CA PRO D 96 -42.72 7.15 -19.67
C PRO D 96 -42.35 5.77 -20.20
N LEU D 101 -33.80 2.53 -11.78
CA LEU D 101 -33.65 1.75 -13.00
C LEU D 101 -33.37 0.28 -12.66
N GLN D 102 -34.20 -0.29 -11.77
CA GLN D 102 -33.90 -1.59 -11.19
C GLN D 102 -33.78 -2.68 -12.24
N LYS D 103 -34.65 -2.66 -13.26
CA LYS D 103 -34.59 -3.68 -14.30
C LYS D 103 -33.24 -3.65 -15.02
N HIS D 104 -32.83 -2.47 -15.48
CA HIS D 104 -31.54 -2.33 -16.12
C HIS D 104 -30.41 -2.69 -15.17
N LEU D 105 -30.52 -2.28 -13.90
CA LEU D 105 -29.47 -2.58 -12.93
C LEU D 105 -29.22 -4.09 -12.86
N GLN D 106 -30.29 -4.86 -12.64
CA GLN D 106 -30.13 -6.30 -12.49
C GLN D 106 -29.71 -6.96 -13.80
N ASN D 107 -30.28 -6.52 -14.92
CA ASN D 107 -29.95 -7.17 -16.19
C ASN D 107 -28.52 -6.88 -16.62
N GLY D 108 -28.06 -5.64 -16.41
CA GLY D 108 -26.67 -5.33 -16.69
C GLY D 108 -25.71 -6.04 -15.76
N TYR D 109 -26.10 -6.21 -14.49
CA TYR D 109 -25.27 -6.98 -13.57
C TYR D 109 -25.16 -8.43 -14.05
N GLU D 110 -26.27 -9.01 -14.51
CA GLU D 110 -26.24 -10.35 -15.06
C GLU D 110 -25.38 -10.44 -16.32
N ARG D 111 -25.48 -9.43 -17.18
CA ARG D 111 -24.65 -9.40 -18.39
C ARG D 111 -23.17 -9.30 -18.04
N VAL D 112 -22.84 -8.49 -17.03
CA VAL D 112 -21.45 -8.39 -16.56
C VAL D 112 -20.97 -9.76 -16.08
N GLN D 113 -21.79 -10.46 -15.30
CA GLN D 113 -21.38 -11.76 -14.80
C GLN D 113 -21.22 -12.78 -15.93
N THR D 114 -22.07 -12.71 -16.96
CA THR D 114 -21.95 -13.62 -18.09
C THR D 114 -20.79 -13.25 -19.02
N GLY D 115 -20.34 -12.00 -19.01
CA GLY D 115 -19.26 -11.57 -19.87
C GLY D 115 -19.69 -11.00 -21.19
N GLU D 116 -20.98 -11.05 -21.53
CA GLU D 116 -21.48 -10.46 -22.76
C GLU D 116 -21.41 -8.94 -22.73
N LEU D 117 -21.15 -8.33 -21.57
CA LEU D 117 -21.04 -6.89 -21.42
C LEU D 117 -19.70 -6.59 -20.76
N GLU D 118 -18.78 -5.99 -21.51
CA GLU D 118 -17.43 -5.76 -20.99
C GLU D 118 -17.37 -4.62 -19.98
N THR D 119 -18.30 -3.68 -20.03
CA THR D 119 -18.27 -2.55 -19.10
C THR D 119 -19.70 -2.12 -18.77
N PHE D 120 -19.91 -1.70 -17.53
CA PHE D 120 -21.22 -1.25 -17.08
C PHE D 120 -21.04 -0.19 -16.01
N ARG D 121 -22.02 0.70 -15.92
CA ARG D 121 -22.05 1.76 -14.91
C ARG D 121 -23.35 1.68 -14.14
N PHE D 122 -23.26 1.72 -12.81
CA PHE D 122 -24.43 1.66 -11.95
C PHE D 122 -24.89 3.05 -11.55
N ALA D 129 -36.06 15.68 -8.49
CA ALA D 129 -36.33 15.80 -7.07
C ALA D 129 -35.40 16.81 -6.41
N GLN D 130 -34.96 17.80 -7.20
CA GLN D 130 -34.10 18.86 -6.69
C GLN D 130 -34.91 19.89 -5.91
N SER D 131 -34.23 20.63 -5.04
CA SER D 131 -34.86 21.68 -4.25
C SER D 131 -33.93 22.87 -4.15
N LEU D 132 -34.46 24.07 -4.38
CA LEU D 132 -33.69 25.30 -4.30
C LEU D 132 -34.42 26.32 -3.43
N LEU D 133 -33.68 27.36 -3.04
CA LEU D 133 -34.19 28.40 -2.15
C LEU D 133 -33.77 29.76 -2.71
N LEU D 134 -34.74 30.56 -3.15
CA LEU D 134 -34.47 31.92 -3.60
C LEU D 134 -34.61 32.86 -2.41
N ILE D 135 -33.49 33.40 -1.94
CA ILE D 135 -33.47 34.25 -0.75
C ILE D 135 -33.04 35.66 -1.14
N GLY D 136 -33.85 36.65 -0.77
CA GLY D 136 -33.54 38.04 -1.02
C GLY D 136 -34.49 38.94 -0.28
N CYS D 137 -34.11 40.21 -0.18
CA CYS D 137 -34.94 41.19 0.51
C CYS D 137 -36.21 41.48 -0.27
N SER D 138 -37.22 41.99 0.43
CA SER D 138 -38.45 42.40 -0.21
C SER D 138 -38.18 43.58 -1.15
N GLY D 139 -38.87 43.58 -2.28
CA GLY D 139 -38.62 44.58 -3.30
C GLY D 139 -37.46 44.28 -4.22
N SER D 140 -36.77 43.15 -4.04
CA SER D 140 -35.67 42.80 -4.90
C SER D 140 -36.13 42.34 -6.28
N GLY D 141 -37.41 41.99 -6.43
CA GLY D 141 -37.95 41.57 -7.70
C GLY D 141 -38.18 40.09 -7.87
N LYS D 142 -38.14 39.30 -6.80
CA LYS D 142 -38.23 37.85 -6.92
C LYS D 142 -39.55 37.41 -7.55
N THR D 143 -40.66 37.90 -7.01
CA THR D 143 -41.97 37.45 -7.48
C THR D 143 -42.18 37.82 -8.95
N THR D 144 -41.92 39.08 -9.31
CA THR D 144 -42.12 39.51 -10.68
C THR D 144 -41.17 38.80 -11.64
N SER D 145 -39.91 38.61 -11.24
CA SER D 145 -38.96 37.91 -12.09
C SER D 145 -39.43 36.48 -12.34
N LEU D 146 -39.88 35.79 -11.29
CA LEU D 146 -40.31 34.42 -11.48
C LEU D 146 -41.57 34.35 -12.35
N HIS D 147 -42.52 35.26 -12.14
CA HIS D 147 -43.73 35.26 -12.94
C HIS D 147 -43.39 35.47 -14.41
N ARG D 148 -42.53 36.45 -14.69
CA ARG D 148 -42.17 36.76 -16.07
C ARG D 148 -41.41 35.60 -16.71
N ILE D 149 -40.54 34.94 -15.97
CA ILE D 149 -39.79 33.81 -16.51
C ILE D 149 -40.72 32.63 -16.78
N LEU D 150 -41.59 32.32 -15.82
CA LEU D 150 -42.52 31.20 -15.99
C LEU D 150 -43.47 31.44 -17.15
N ALA D 151 -43.77 32.71 -17.46
CA ALA D 151 -44.62 33.01 -18.61
C ALA D 151 -44.01 32.55 -19.93
N THR D 152 -42.68 32.41 -20.00
CA THR D 152 -42.05 31.95 -21.24
C THR D 152 -42.39 30.50 -21.55
N TYR D 153 -42.71 29.71 -20.52
CA TYR D 153 -43.13 28.32 -20.67
C TYR D 153 -44.65 28.24 -20.74
N PRO D 154 -45.18 27.22 -21.42
CA PRO D 154 -46.61 26.95 -21.33
C PRO D 154 -46.93 26.14 -20.08
N GLN D 155 -47.97 26.54 -19.35
CA GLN D 155 -48.30 25.87 -18.10
C GLN D 155 -48.80 24.45 -18.34
N VAL D 156 -49.61 24.24 -19.37
CA VAL D 156 -50.20 22.94 -19.65
C VAL D 156 -49.87 22.53 -21.08
N ILE D 157 -49.19 21.39 -21.22
CA ILE D 157 -48.92 20.77 -22.51
C ILE D 157 -49.57 19.39 -22.51
N TYR D 158 -50.40 19.12 -23.50
CA TYR D 158 -51.20 17.89 -23.50
C TYR D 158 -50.65 16.90 -24.52
N HIS D 159 -50.42 15.66 -24.07
CA HIS D 159 -49.99 14.57 -24.93
C HIS D 159 -51.14 13.59 -25.10
N ARG D 160 -51.70 13.53 -26.31
CA ARG D 160 -52.83 12.64 -26.59
C ARG D 160 -52.45 11.17 -26.43
N GLU D 161 -51.19 10.83 -26.71
CA GLU D 161 -50.75 9.44 -26.64
C GLU D 161 -51.13 8.79 -25.32
N LEU D 162 -50.69 9.38 -24.21
CA LEU D 162 -51.05 8.88 -22.89
C LEU D 162 -52.21 9.67 -22.28
N ASN D 163 -52.81 10.58 -23.03
CA ASN D 163 -53.94 11.38 -22.55
C ASN D 163 -53.55 12.12 -21.27
N VAL D 164 -52.35 12.71 -21.28
CA VAL D 164 -51.74 13.27 -20.07
C VAL D 164 -51.61 14.78 -20.23
N GLU D 165 -52.07 15.51 -19.21
CA GLU D 165 -51.96 16.95 -19.15
C GLU D 165 -50.75 17.31 -18.30
N GLN D 166 -49.64 17.62 -18.96
CA GLN D 166 -48.38 17.99 -18.30
C GLN D 166 -48.45 19.42 -17.78
N VAL D 167 -48.40 19.57 -16.46
CA VAL D 167 -48.30 20.88 -15.82
C VAL D 167 -46.81 21.18 -15.66
N VAL D 168 -46.28 22.04 -16.54
CA VAL D 168 -44.85 22.36 -16.49
C VAL D 168 -44.50 23.06 -15.18
N TYR D 169 -45.33 24.02 -14.77
CA TYR D 169 -45.07 24.78 -13.55
C TYR D 169 -46.38 25.06 -12.82
N LEU D 170 -46.30 25.05 -11.49
CA LEU D 170 -47.40 25.44 -10.62
C LEU D 170 -46.87 26.35 -9.54
N LYS D 171 -47.55 27.47 -9.31
CA LYS D 171 -47.11 28.46 -8.33
C LYS D 171 -48.15 28.58 -7.23
N ILE D 172 -47.68 28.59 -5.98
CA ILE D 172 -48.52 28.77 -4.80
C ILE D 172 -47.99 29.97 -4.02
N ASP D 173 -48.89 30.85 -3.62
CA ASP D 173 -48.55 31.98 -2.77
C ASP D 173 -49.07 31.73 -1.37
N CYS D 174 -48.37 32.29 -0.38
CA CYS D 174 -48.69 32.08 1.02
C CYS D 174 -49.38 33.32 1.58
N SER D 175 -50.47 33.09 2.32
CA SER D 175 -51.27 34.17 2.88
C SER D 175 -50.59 34.80 4.09
N HIS D 176 -50.95 36.05 4.36
CA HIS D 176 -50.48 36.72 5.56
C HIS D 176 -51.05 36.03 6.79
N ASN D 177 -50.20 35.80 7.80
CA ASN D 177 -50.53 34.94 8.92
C ASN D 177 -51.00 33.57 8.43
N GLY D 178 -50.35 33.09 7.38
CA GLY D 178 -50.74 31.85 6.76
C GLY D 178 -50.31 30.62 7.54
N SER D 179 -50.86 29.48 7.15
CA SER D 179 -50.60 28.22 7.80
C SER D 179 -50.00 27.18 6.86
N LEU D 180 -49.39 26.16 7.45
CA LEU D 180 -48.78 25.09 6.66
C LEU D 180 -49.81 24.33 5.83
N LYS D 181 -51.02 24.14 6.37
CA LYS D 181 -52.09 23.47 5.62
C LYS D 181 -52.68 24.28 4.46
N GLU D 182 -52.69 25.60 4.59
CA GLU D 182 -53.21 26.44 3.53
C GLU D 182 -52.40 26.29 2.26
N ILE D 183 -51.11 25.94 2.38
CA ILE D 183 -50.31 25.73 1.18
C ILE D 183 -50.85 24.57 0.36
N CYS D 184 -51.20 23.46 1.01
CA CYS D 184 -51.78 22.33 0.30
C CYS D 184 -53.13 22.69 -0.30
N LEU D 185 -53.96 23.39 0.48
CA LEU D 185 -55.26 23.81 -0.03
C LEU D 185 -55.11 24.68 -1.28
N ASN D 186 -54.21 25.67 -1.22
CA ASN D 186 -54.01 26.56 -2.36
C ASN D 186 -53.31 25.86 -3.50
N PHE D 187 -52.50 24.83 -3.22
CA PHE D 187 -51.94 24.01 -4.29
C PHE D 187 -53.06 23.38 -5.12
N PHE D 188 -54.01 22.75 -4.45
CA PHE D 188 -55.14 22.16 -5.17
C PHE D 188 -55.93 23.24 -5.91
N ARG D 189 -56.14 24.39 -5.26
CA ARG D 189 -56.91 25.47 -5.88
C ARG D 189 -56.22 26.00 -7.14
N ALA D 190 -54.90 26.20 -7.08
CA ALA D 190 -54.17 26.75 -8.22
C ALA D 190 -54.07 25.72 -9.33
N LEU D 191 -53.94 24.43 -9.00
CA LEU D 191 -53.96 23.42 -10.05
C LEU D 191 -55.31 23.37 -10.74
N ASP D 192 -56.40 23.55 -9.97
CA ASP D 192 -57.72 23.68 -10.59
C ASP D 192 -57.77 24.87 -11.52
N ARG D 193 -57.27 26.02 -11.07
CA ARG D 193 -57.30 27.22 -11.92
C ARG D 193 -56.51 27.01 -13.21
N ALA D 194 -55.36 26.32 -13.12
CA ALA D 194 -54.53 26.12 -14.30
C ALA D 194 -55.05 25.04 -15.23
N LEU D 195 -55.77 24.03 -14.70
CA LEU D 195 -56.12 22.86 -15.49
C LEU D 195 -57.62 22.68 -15.72
N GLY D 196 -58.46 23.60 -15.26
CA GLY D 196 -59.89 23.37 -15.38
C GLY D 196 -60.34 22.16 -14.59
N SER D 197 -59.81 21.98 -13.39
CA SER D 197 -59.96 20.73 -12.64
C SER D 197 -60.87 20.92 -11.44
N ASN D 198 -61.21 19.78 -10.82
CA ASN D 198 -62.08 19.72 -9.65
C ASN D 198 -61.33 19.23 -8.42
N TYR D 199 -59.99 19.31 -8.45
CA TYR D 199 -59.19 18.71 -7.39
C TYR D 199 -59.42 19.39 -6.05
N GLU D 200 -59.66 20.70 -6.03
CA GLU D 200 -59.96 21.35 -4.76
C GLU D 200 -61.15 20.67 -4.09
N ARG D 201 -62.29 20.62 -4.78
CA ARG D 201 -63.47 19.98 -4.21
C ARG D 201 -63.19 18.53 -3.82
N ARG D 202 -62.57 17.77 -4.72
CA ARG D 202 -62.49 16.33 -4.52
C ARG D 202 -61.49 15.95 -3.42
N TYR D 203 -60.31 16.56 -3.42
CA TYR D 203 -59.21 16.14 -2.55
C TYR D 203 -58.90 17.13 -1.42
N GLY D 204 -59.62 18.24 -1.30
CA GLY D 204 -59.32 19.15 -0.22
C GLY D 204 -60.53 19.38 0.67
N LEU D 205 -60.44 18.89 1.89
CA LEU D 205 -61.50 19.01 2.87
C LEU D 205 -60.89 19.48 4.18
N LYS D 206 -61.68 20.22 4.96
CA LYS D 206 -61.23 20.61 6.29
C LYS D 206 -60.95 19.40 7.16
N ARG D 207 -61.56 18.26 6.85
CA ARG D 207 -61.28 17.02 7.57
C ARG D 207 -59.86 16.52 7.27
N HIS D 208 -59.41 16.66 6.02
CA HIS D 208 -58.11 16.15 5.63
C HIS D 208 -56.98 16.90 6.33
N GLY D 209 -55.95 16.16 6.73
CA GLY D 209 -54.80 16.73 7.40
C GLY D 209 -53.62 16.91 6.46
N ILE D 210 -52.54 17.46 7.02
CA ILE D 210 -51.33 17.72 6.24
C ILE D 210 -50.74 16.41 5.71
N GLU D 211 -50.69 15.39 6.56
CA GLU D 211 -50.10 14.11 6.16
C GLU D 211 -50.88 13.47 5.01
N THR D 212 -52.22 13.52 5.07
CA THR D 212 -53.03 12.96 4.00
C THR D 212 -52.92 13.78 2.72
N LEU D 214 -50.56 15.94 1.71
CA LEU D 214 -49.28 15.86 1.02
C LEU D 214 -49.26 14.66 0.08
N ALA D 215 -49.63 13.48 0.59
CA ALA D 215 -49.69 12.30 -0.25
C ALA D 215 -50.57 12.55 -1.47
N LEU D 216 -51.79 13.02 -1.23
CA LEU D 216 -52.67 13.34 -2.36
C LEU D 216 -51.95 14.23 -3.36
N SER D 218 -48.86 14.67 -3.94
CA SER D 218 -47.84 13.93 -4.66
C SER D 218 -48.49 13.14 -5.79
N GLN D 219 -49.58 12.45 -5.48
CA GLN D 219 -50.23 11.66 -6.50
C GLN D 219 -50.57 12.53 -7.69
N ILE D 220 -51.27 13.64 -7.44
CA ILE D 220 -51.64 14.53 -8.54
C ILE D 220 -50.39 14.99 -9.28
N ALA D 221 -49.33 15.31 -8.52
CA ALA D 221 -48.14 15.90 -9.12
C ALA D 221 -47.45 14.92 -10.05
N ASN D 222 -47.62 13.62 -9.79
CA ASN D 222 -47.08 12.64 -10.70
C ASN D 222 -48.05 12.29 -11.81
N ALA D 223 -49.35 12.46 -11.58
CA ALA D 223 -50.34 12.19 -12.62
C ALA D 223 -50.26 13.24 -13.72
N HIS D 224 -50.24 14.51 -13.31
CA HIS D 224 -49.96 15.62 -14.20
C HIS D 224 -48.49 15.96 -13.96
N VAL D 225 -47.61 15.43 -14.81
CA VAL D 225 -46.17 15.51 -14.57
C VAL D 225 -45.75 16.95 -14.32
N LEU D 226 -45.24 17.21 -13.12
CA LEU D 226 -44.95 18.57 -12.67
C LEU D 226 -43.45 18.82 -12.79
N GLY D 227 -43.09 19.84 -13.55
CA GLY D 227 -41.69 20.16 -13.74
C GLY D 227 -41.14 21.08 -12.67
N LEU D 228 -42.02 21.82 -12.01
CA LEU D 228 -41.59 22.77 -10.99
C LEU D 228 -42.78 23.17 -10.13
N LEU D 229 -42.56 23.19 -8.82
CA LEU D 229 -43.51 23.73 -7.86
C LEU D 229 -42.85 24.88 -7.13
N VAL D 230 -43.54 26.02 -7.05
CA VAL D 230 -43.01 27.21 -6.42
C VAL D 230 -43.95 27.62 -5.28
N ILE D 231 -43.41 27.69 -4.07
CA ILE D 231 -44.13 28.25 -2.93
C ILE D 231 -43.51 29.63 -2.71
N ASP D 232 -44.25 30.67 -3.09
CA ASP D 232 -43.72 32.03 -3.09
C ASP D 232 -44.23 32.79 -1.87
N GLU D 233 -43.45 33.79 -1.46
CA GLU D 233 -43.76 34.63 -0.31
C GLU D 233 -43.99 33.79 0.95
N ILE D 234 -43.01 32.92 1.24
CA ILE D 234 -43.04 32.13 2.45
C ILE D 234 -42.81 32.96 3.70
N GLN D 235 -42.44 34.23 3.53
CA GLN D 235 -42.21 35.11 4.68
C GLN D 235 -43.48 35.36 5.46
N HIS D 236 -44.64 35.30 4.80
CA HIS D 236 -45.89 35.67 5.45
C HIS D 236 -46.35 34.64 6.46
N LEU D 237 -45.93 33.37 6.30
CA LEU D 237 -46.44 32.30 7.13
C LEU D 237 -46.17 32.57 8.60
N SER D 238 -47.21 32.44 9.43
CA SER D 238 -47.08 32.68 10.86
C SER D 238 -46.45 31.47 11.52
N ARG D 239 -45.32 31.69 12.21
CA ARG D 239 -44.63 30.58 12.87
C ARG D 239 -45.48 30.00 13.99
N SER D 240 -46.20 30.84 14.73
CA SER D 240 -47.07 30.35 15.78
C SER D 240 -48.18 29.45 15.21
N ARG D 241 -48.78 29.87 14.10
CA ARG D 241 -49.84 29.07 13.49
C ARG D 241 -49.30 27.79 12.85
N SER D 242 -48.08 27.84 12.31
CA SER D 242 -47.51 26.68 11.64
C SER D 242 -46.71 25.77 12.57
N GLY D 243 -46.59 26.12 13.85
CA GLY D 243 -46.01 25.23 14.83
C GLY D 243 -44.55 25.45 15.13
N GLY D 244 -43.95 26.54 14.66
CA GLY D 244 -42.55 26.81 14.89
C GLY D 244 -41.70 26.51 13.65
N SER D 245 -40.54 27.19 13.59
CA SER D 245 -39.66 27.08 12.44
C SER D 245 -39.21 25.63 12.24
N GLN D 246 -38.99 24.91 13.33
CA GLN D 246 -38.63 23.51 13.23
C GLN D 246 -39.66 22.76 12.40
N GLU D 247 -40.89 22.71 12.91
CA GLU D 247 -41.96 22.01 12.21
C GLU D 247 -42.06 22.49 10.76
N LEU D 249 -39.87 23.73 8.72
CA LEU D 249 -38.80 23.12 7.95
C LEU D 249 -39.13 21.66 7.65
N ASN D 250 -39.50 20.92 8.69
CA ASN D 250 -39.80 19.50 8.50
C ASN D 250 -40.86 19.34 7.43
N PHE D 251 -41.93 20.12 7.53
CA PHE D 251 -42.97 20.08 6.53
C PHE D 251 -42.31 20.10 5.16
N PHE D 252 -41.61 21.20 4.87
CA PHE D 252 -41.06 21.36 3.54
C PHE D 252 -40.22 20.15 3.15
N VAL D 253 -39.37 19.68 4.06
CA VAL D 253 -38.47 18.60 3.68
C VAL D 253 -39.28 17.38 3.25
N THR D 254 -40.22 16.98 4.11
CA THR D 254 -41.05 15.85 3.78
C THR D 254 -41.75 16.08 2.46
N VAL D 256 -40.92 17.78 -0.09
CA VAL D 256 -40.03 17.58 -1.22
C VAL D 256 -39.85 16.10 -1.49
N ASN D 257 -39.60 15.34 -0.43
CA ASN D 257 -39.33 13.91 -0.61
C ASN D 257 -40.56 13.17 -1.13
N ILE D 258 -41.75 13.63 -0.75
CA ILE D 258 -42.98 12.94 -1.11
C ILE D 258 -43.42 13.30 -2.52
N ILE D 259 -43.44 14.60 -2.84
CA ILE D 259 -43.86 15.03 -4.17
C ILE D 259 -42.89 14.54 -5.22
N GLY D 260 -41.58 14.65 -4.98
CA GLY D 260 -40.64 14.13 -5.95
C GLY D 260 -40.55 14.92 -7.23
N VAL D 261 -40.93 16.19 -7.21
CA VAL D 261 -40.74 17.07 -8.36
C VAL D 261 -39.86 18.22 -7.90
N PRO D 262 -39.18 18.90 -8.82
CA PRO D 262 -38.37 20.06 -8.44
C PRO D 262 -39.21 21.11 -7.73
N VAL D 263 -38.72 21.58 -6.59
CA VAL D 263 -39.45 22.52 -5.73
C VAL D 263 -38.55 23.70 -5.43
N LEU D 265 -38.44 27.31 -3.27
CA LEU D 265 -39.07 28.08 -2.20
C LEU D 265 -38.49 29.48 -2.20
N ILE D 266 -39.34 30.48 -2.38
CA ILE D 266 -38.93 31.88 -2.44
C ILE D 266 -39.26 32.55 -1.12
N GLY D 267 -38.28 33.21 -0.51
CA GLY D 267 -38.50 33.83 0.77
C GLY D 267 -37.51 34.94 1.04
N THR D 268 -37.59 35.48 2.23
CA THR D 268 -36.77 36.58 2.72
C THR D 268 -35.69 36.08 3.67
N PRO D 269 -34.64 36.88 3.90
CA PRO D 269 -33.59 36.46 4.83
C PRO D 269 -34.07 36.19 6.25
N LYS D 270 -35.20 36.77 6.66
CA LYS D 270 -35.79 36.38 7.94
C LYS D 270 -36.39 34.98 7.85
N ALA D 271 -36.90 34.59 6.68
CA ALA D 271 -37.42 33.24 6.49
C ALA D 271 -36.32 32.22 6.26
N ARG D 272 -35.12 32.66 5.88
CA ARG D 272 -33.98 31.75 5.82
C ARG D 272 -33.65 31.16 7.20
N GLU D 273 -34.06 31.84 8.27
CA GLU D 273 -33.84 31.35 9.62
C GLU D 273 -34.50 29.99 9.84
N ILE D 274 -35.57 29.70 9.09
CA ILE D 274 -36.24 28.41 9.20
C ILE D 274 -35.33 27.30 8.71
N PHE D 275 -34.68 27.50 7.57
CA PHE D 275 -33.86 26.46 6.93
C PHE D 275 -32.39 26.58 7.32
N GLU D 276 -32.09 26.68 8.60
CA GLU D 276 -30.70 26.69 9.02
C GLU D 276 -30.21 25.29 9.36
N ALA D 277 -31.10 24.30 9.36
CA ALA D 277 -30.72 22.90 9.49
C ALA D 277 -30.59 22.22 8.13
N ASP D 278 -30.92 22.93 7.05
CA ASP D 278 -30.58 22.51 5.69
C ASP D 278 -29.20 23.00 5.30
N LEU D 279 -28.52 23.72 6.20
CA LEU D 279 -27.14 24.12 5.97
C LEU D 279 -26.22 22.93 5.88
N ARG D 280 -26.42 21.94 6.74
CA ARG D 280 -25.56 20.77 6.80
C ARG D 280 -25.70 19.88 5.56
N PHE D 288 -31.20 21.90 0.60
CA PHE D 288 -31.88 23.00 -0.08
C PHE D 288 -30.88 24.03 -0.58
N GLY D 289 -30.47 23.89 -1.84
CA GLY D 289 -29.53 24.81 -2.44
C GLY D 289 -30.02 26.25 -2.41
N ALA D 290 -29.18 27.17 -1.97
CA ALA D 290 -29.59 28.56 -1.74
C ALA D 290 -29.03 29.44 -2.85
N ILE D 291 -29.93 29.94 -3.70
CA ILE D 291 -29.62 30.98 -4.67
C ILE D 291 -30.06 32.32 -4.10
N PHE D 292 -29.21 33.33 -4.25
CA PHE D 292 -29.41 34.63 -3.64
C PHE D 292 -29.82 35.66 -4.68
N TRP D 293 -30.79 36.49 -4.31
CA TRP D 293 -31.30 37.58 -5.15
C TRP D 293 -30.97 38.87 -4.39
N ASP D 294 -29.78 39.40 -4.62
CA ASP D 294 -29.28 40.53 -3.85
C ASP D 294 -29.65 41.85 -4.51
N PRO D 295 -29.67 42.94 -3.73
CA PRO D 295 -29.90 44.26 -4.32
C PRO D 295 -28.79 44.64 -5.29
N ILE D 296 -29.14 45.47 -6.27
CA ILE D 296 -28.15 45.94 -7.23
C ILE D 296 -27.07 46.74 -6.50
N GLN D 297 -25.84 46.62 -6.98
CA GLN D 297 -24.67 47.22 -6.35
C GLN D 297 -24.06 48.22 -7.31
N GLN D 298 -23.82 49.44 -6.84
CA GLN D 298 -23.24 50.45 -7.72
C GLN D 298 -21.79 50.12 -8.06
N THR D 299 -21.05 49.56 -7.11
CA THR D 299 -19.63 49.26 -7.29
C THR D 299 -19.44 47.75 -7.38
N GLN D 300 -18.88 47.30 -8.49
CA GLN D 300 -18.53 45.89 -8.69
C GLN D 300 -17.05 45.81 -9.05
N ARG D 301 -16.27 45.10 -8.23
CA ARG D 301 -14.83 44.94 -8.43
C ARG D 301 -14.14 46.28 -8.63
N GLY D 302 -14.46 47.24 -7.76
CA GLY D 302 -13.87 48.56 -7.86
C GLY D 302 -14.25 49.32 -9.10
N LYS D 303 -15.36 48.97 -9.74
CA LYS D 303 -15.83 49.63 -10.95
C LYS D 303 -17.31 49.89 -10.84
N PRO D 304 -17.80 50.97 -11.44
CA PRO D 304 -19.25 51.24 -11.45
C PRO D 304 -19.99 50.14 -12.19
N ASN D 305 -21.23 49.89 -11.75
CA ASN D 305 -22.03 48.82 -12.33
C ASN D 305 -22.73 49.34 -13.58
N GLN D 306 -22.36 48.78 -14.73
CA GLN D 306 -23.03 49.13 -15.97
C GLN D 306 -24.50 48.78 -15.92
N GLU D 307 -24.88 47.71 -15.20
CA GLU D 307 -26.28 47.36 -15.08
C GLU D 307 -27.06 48.42 -14.29
N TRP D 308 -26.50 48.90 -13.19
CA TRP D 308 -27.15 49.99 -12.46
C TRP D 308 -27.30 51.22 -13.34
N ILE D 309 -26.23 51.58 -14.05
CA ILE D 309 -26.27 52.77 -14.91
C ILE D 309 -27.34 52.60 -15.99
N ALA D 310 -27.38 51.43 -16.62
CA ALA D 310 -28.32 51.20 -17.71
C ALA D 310 -29.76 51.18 -17.21
N PHE D 311 -30.02 50.53 -16.08
CA PHE D 311 -31.37 50.52 -15.53
C PHE D 311 -31.83 51.93 -15.20
N THR D 312 -30.97 52.71 -14.55
CA THR D 312 -31.34 54.08 -14.20
C THR D 312 -31.59 54.92 -15.45
N ASP D 313 -30.76 54.77 -16.47
CA ASP D 313 -30.94 55.56 -17.69
C ASP D 313 -32.24 55.18 -18.40
N ASN D 314 -32.51 53.88 -18.53
CA ASN D 314 -33.70 53.43 -19.23
C ASN D 314 -34.96 53.85 -18.48
N LEU D 315 -34.93 53.83 -17.15
CA LEU D 315 -36.09 54.30 -16.39
C LEU D 315 -36.19 55.82 -16.40
N TRP D 316 -35.05 56.52 -16.46
CA TRP D 316 -35.06 57.97 -16.58
C TRP D 316 -35.70 58.42 -17.88
N GLN D 317 -35.55 57.61 -18.93
CA GLN D 317 -36.25 57.92 -20.18
C GLN D 317 -37.77 57.87 -20.00
N LEU D 318 -38.27 57.12 -19.03
CA LEU D 318 -39.70 57.09 -18.75
C LEU D 318 -40.09 58.23 -17.81
N GLN D 319 -39.76 59.46 -18.19
CA GLN D 319 -40.01 60.63 -17.37
C GLN D 319 -40.89 61.58 -18.16
N LEU D 320 -42.00 61.98 -17.55
CA LEU D 320 -43.02 62.79 -18.24
C LEU D 320 -43.15 64.14 -17.56
N LEU D 321 -42.01 64.77 -17.31
CA LEU D 321 -41.93 66.06 -16.62
C LEU D 321 -41.56 67.12 -17.64
N GLN D 322 -42.39 68.16 -17.76
CA GLN D 322 -42.20 69.14 -18.83
C GLN D 322 -40.93 69.96 -18.68
N ARG D 323 -40.38 70.06 -17.47
CA ARG D 323 -39.14 70.80 -17.24
C ARG D 323 -37.95 69.86 -17.00
N LYS D 324 -38.08 68.61 -17.43
CA LYS D 324 -37.13 67.56 -17.11
C LYS D 324 -35.70 67.91 -17.54
N ASP D 325 -34.75 67.22 -16.92
CA ASP D 325 -33.37 67.16 -17.39
C ASP D 325 -33.24 65.89 -18.21
N ALA D 326 -33.00 66.05 -19.52
CA ALA D 326 -32.97 64.90 -20.41
C ALA D 326 -31.84 63.94 -20.08
N LEU D 327 -30.79 64.40 -19.43
CA LEU D 327 -29.63 63.59 -19.11
C LEU D 327 -29.57 63.34 -17.61
N LEU D 328 -29.27 62.09 -17.23
CA LEU D 328 -29.21 61.70 -15.83
C LEU D 328 -27.83 62.03 -15.29
N SER D 329 -27.76 62.98 -14.36
CA SER D 329 -26.48 63.38 -13.80
C SER D 329 -26.01 62.39 -12.75
N ASP D 330 -24.69 62.40 -12.51
CA ASP D 330 -24.11 61.48 -11.54
C ASP D 330 -24.62 61.77 -10.14
N GLU D 331 -24.81 63.04 -9.79
CA GLU D 331 -25.34 63.36 -8.48
C GLU D 331 -26.71 62.73 -8.28
N VAL D 332 -27.61 62.89 -9.25
CA VAL D 332 -28.95 62.35 -9.12
C VAL D 332 -28.91 60.83 -9.05
N ARG D 333 -28.12 60.20 -9.94
CA ARG D 333 -28.06 58.74 -9.93
C ARG D 333 -27.49 58.21 -8.62
N ASP D 334 -26.46 58.87 -8.09
CA ASP D 334 -25.84 58.39 -6.86
C ASP D 334 -26.74 58.61 -5.66
N VAL D 335 -27.46 59.73 -5.61
CA VAL D 335 -28.40 59.95 -4.51
C VAL D 335 -29.56 58.97 -4.60
N TRP D 336 -30.00 58.66 -5.82
CA TRP D 336 -31.06 57.69 -6.02
C TRP D 336 -30.61 56.31 -5.53
N TYR D 337 -29.36 55.93 -5.83
CA TYR D 337 -28.83 54.69 -5.26
C TYR D 337 -28.70 54.79 -3.75
N GLU D 338 -28.25 55.93 -3.22
CA GLU D 338 -28.12 56.11 -1.78
C GLU D 338 -29.43 55.80 -1.08
N LEU D 339 -30.51 56.42 -1.55
CA LEU D 339 -31.80 56.25 -0.89
C LEU D 339 -32.44 54.90 -1.19
N SER D 340 -32.13 54.30 -2.35
CA SER D 340 -32.75 53.02 -2.67
C SER D 340 -32.02 51.84 -2.02
N GLN D 341 -30.69 51.89 -1.99
CA GLN D 341 -29.82 50.80 -1.53
C GLN D 341 -29.96 49.55 -2.38
N GLY D 342 -30.39 49.70 -3.63
CA GLY D 342 -30.40 48.61 -4.59
C GLY D 342 -31.69 47.82 -4.67
N VAL D 343 -32.64 48.04 -3.76
CA VAL D 343 -33.93 47.34 -3.85
C VAL D 343 -34.79 48.04 -4.89
N ASP D 345 -38.04 47.88 -5.80
CA ASP D 345 -39.27 48.53 -5.38
C ASP D 345 -39.01 49.96 -4.97
N ILE D 346 -37.99 50.18 -4.14
CA ILE D 346 -37.71 51.54 -3.70
C ILE D 346 -37.11 52.38 -4.83
N VAL D 347 -36.32 51.77 -5.71
CA VAL D 347 -35.84 52.49 -6.90
C VAL D 347 -37.02 53.08 -7.67
N VAL D 348 -37.93 52.21 -8.11
CA VAL D 348 -39.06 52.63 -8.93
C VAL D 348 -40.00 53.54 -8.14
N LYS D 349 -40.22 53.24 -6.86
CA LYS D 349 -41.08 54.06 -6.03
C LYS D 349 -40.52 55.47 -5.87
N LEU D 350 -39.22 55.60 -5.64
CA LEU D 350 -38.61 56.92 -5.53
C LEU D 350 -38.77 57.69 -6.82
N PHE D 351 -38.49 57.04 -7.96
CA PHE D 351 -38.69 57.70 -9.25
C PHE D 351 -40.13 58.17 -9.44
N VAL D 352 -41.09 57.28 -9.22
CA VAL D 352 -42.50 57.57 -9.47
C VAL D 352 -43.02 58.64 -8.53
N LEU D 353 -42.67 58.56 -7.25
CA LEU D 353 -43.18 59.52 -6.28
C LEU D 353 -42.50 60.86 -6.43
N ALA D 354 -41.23 60.90 -6.84
CA ALA D 354 -40.59 62.18 -7.12
C ALA D 354 -41.25 62.85 -8.31
N GLN D 355 -41.60 62.08 -9.35
CA GLN D 355 -42.34 62.67 -10.48
C GLN D 355 -43.67 63.24 -10.02
N LEU D 356 -44.41 62.49 -9.19
CA LEU D 356 -45.70 62.97 -8.73
C LEU D 356 -45.55 64.24 -7.87
N ARG D 357 -44.57 64.27 -6.99
CA ARG D 357 -44.33 65.45 -6.17
C ARG D 357 -43.93 66.65 -7.02
N ALA D 358 -43.10 66.43 -8.05
CA ALA D 358 -42.72 67.51 -8.94
C ALA D 358 -43.94 68.07 -9.66
N LEU D 359 -44.83 67.19 -10.14
CA LEU D 359 -46.05 67.64 -10.80
C LEU D 359 -46.91 68.45 -9.83
N ALA D 360 -47.05 67.99 -8.60
CA ALA D 360 -47.84 68.71 -7.62
C ALA D 360 -47.24 70.07 -7.29
N LEU D 361 -45.92 70.13 -7.14
CA LEU D 361 -45.24 71.37 -6.77
C LEU D 361 -45.13 72.36 -7.92
N GLY D 362 -45.24 71.91 -9.16
CA GLY D 362 -45.06 72.78 -10.30
C GLY D 362 -43.63 72.88 -10.79
N ASN D 363 -42.68 72.31 -10.07
CA ASN D 363 -41.29 72.24 -10.50
C ASN D 363 -41.05 70.83 -11.04
N GLU D 364 -41.42 70.64 -12.31
CA GLU D 364 -41.36 69.32 -12.94
C GLU D 364 -39.92 69.02 -13.37
N ARG D 365 -39.08 68.81 -12.34
CA ARG D 365 -37.65 68.64 -12.55
C ARG D 365 -37.12 67.83 -11.37
N ILE D 366 -36.64 66.61 -11.66
CA ILE D 366 -36.15 65.73 -10.60
C ILE D 366 -34.79 66.23 -10.14
N THR D 367 -34.63 66.35 -8.82
CA THR D 367 -33.36 66.72 -8.20
C THR D 367 -33.07 65.79 -7.03
N ALA D 368 -31.81 65.83 -6.59
CA ALA D 368 -31.42 65.03 -5.43
C ALA D 368 -32.19 65.46 -4.19
N GLY D 369 -32.42 66.76 -4.04
CA GLY D 369 -33.22 67.24 -2.93
C GLY D 369 -34.64 66.70 -2.99
N LEU D 370 -35.22 66.64 -4.18
CA LEU D 370 -36.55 66.06 -4.33
C LEU D 370 -36.56 64.59 -3.95
N LEU D 371 -35.53 63.84 -4.38
CA LEU D 371 -35.45 62.43 -4.02
C LEU D 371 -35.34 62.27 -2.51
N ARG D 372 -34.52 63.09 -1.86
CA ARG D 372 -34.39 63.04 -0.41
C ARG D 372 -35.70 63.38 0.28
N GLN D 373 -36.41 64.40 -0.22
CA GLN D 373 -37.69 64.76 0.37
C GLN D 373 -38.70 63.62 0.25
N VAL D 374 -38.74 62.98 -0.92
CA VAL D 374 -39.66 61.86 -1.10
C VAL D 374 -39.31 60.71 -0.18
N TYR D 375 -38.01 60.38 -0.08
CA TYR D 375 -37.59 59.37 0.88
C TYR D 375 -38.09 59.73 2.28
N GLN D 376 -37.68 60.90 2.76
CA GLN D 376 -37.97 61.34 4.12
C GLN D 376 -39.47 61.35 4.42
N ASP D 377 -40.30 61.68 3.43
CA ASP D 377 -41.72 61.82 3.71
C ASP D 377 -42.51 60.53 3.47
N GLU D 378 -42.37 59.92 2.29
CA GLU D 378 -43.24 58.84 1.87
C GLU D 378 -42.63 57.45 2.03
N LEU D 379 -41.34 57.31 2.37
CA LEU D 379 -40.75 55.99 2.48
C LEU D 379 -40.27 55.69 3.89
N LYS D 380 -40.91 56.33 4.87
CA LYS D 380 -40.54 56.10 6.27
C LYS D 380 -40.60 54.64 6.69
N PRO D 381 -41.64 53.85 6.35
CA PRO D 381 -41.71 52.47 6.88
C PRO D 381 -40.51 51.59 6.52
N VAL D 382 -39.94 51.77 5.34
CA VAL D 382 -38.88 50.86 4.90
C VAL D 382 -37.51 51.44 5.22
N HIS D 383 -37.48 52.53 5.98
CA HIS D 383 -36.18 53.12 6.33
C HIS D 383 -35.31 52.13 7.11
N PRO D 384 -35.78 51.52 8.23
CA PRO D 384 -34.95 50.53 8.92
C PRO D 384 -34.18 49.64 7.98
N LEU D 386 -33.40 49.70 4.87
CA LEU D 386 -32.38 50.36 4.08
C LEU D 386 -31.17 50.69 4.94
N GLU D 387 -31.40 51.25 6.13
CA GLU D 387 -30.29 51.53 7.02
C GLU D 387 -29.47 50.27 7.23
N ALA D 388 -30.15 49.15 7.48
CA ALA D 388 -29.44 47.91 7.75
C ALA D 388 -28.58 47.53 6.56
N LEU D 389 -29.12 47.68 5.36
CA LEU D 389 -28.37 47.32 4.17
C LEU D 389 -27.14 48.21 4.03
N ARG D 390 -27.27 49.48 4.45
CA ARG D 390 -26.12 50.37 4.45
C ARG D 390 -25.09 49.93 5.48
N SER D 391 -25.57 49.44 6.63
CA SER D 391 -24.67 49.04 7.70
C SER D 391 -23.93 47.76 7.36
N GLY D 392 -24.53 46.93 6.51
CA GLY D 392 -23.91 45.68 6.14
C GLY D 392 -23.95 44.60 7.19
N ILE D 393 -24.80 44.75 8.20
CA ILE D 393 -24.92 43.77 9.27
C ILE D 393 -25.96 42.74 8.84
N PRO D 394 -25.57 41.49 8.61
CA PRO D 394 -26.55 40.48 8.17
C PRO D 394 -27.68 40.27 9.15
N GLU D 395 -27.42 40.36 10.46
CA GLU D 395 -28.48 40.19 11.44
C GLU D 395 -29.53 41.29 11.34
N ARG D 396 -29.10 42.55 11.22
CA ARG D 396 -30.06 43.64 11.04
C ARG D 396 -30.81 43.49 9.72
N ILE D 397 -30.12 43.11 8.65
CA ILE D 397 -30.78 42.93 7.36
C ILE D 397 -31.84 41.84 7.46
N ALA D 398 -31.52 40.73 8.13
CA ALA D 398 -32.50 39.67 8.32
C ALA D 398 -33.66 40.16 9.19
N ARG D 399 -33.37 40.95 10.21
CA ARG D 399 -34.43 41.42 11.10
C ARG D 399 -35.43 42.32 10.37
N TYR D 400 -34.94 43.15 9.45
CA TYR D 400 -35.79 44.12 8.77
C TYR D 400 -36.08 43.78 7.32
N SER D 401 -35.76 42.56 6.88
CA SER D 401 -35.97 42.19 5.47
C SER D 401 -37.44 42.21 5.05
N ASP D 402 -38.36 42.01 6.00
CA ASP D 402 -39.76 41.82 5.66
C ASP D 402 -40.55 43.14 5.59
N LEU D 403 -39.87 44.26 5.43
CA LEU D 403 -40.53 45.56 5.46
C LEU D 403 -41.00 45.98 4.09
N VAL D 404 -42.21 46.57 4.04
CA VAL D 404 -42.79 47.11 2.82
C VAL D 404 -43.47 48.44 3.15
N VAL D 405 -43.73 49.22 2.11
CA VAL D 405 -44.40 50.51 2.24
C VAL D 405 -45.90 50.27 2.12
N PRO D 406 -46.70 50.60 3.14
CA PRO D 406 -48.14 50.30 3.10
C PRO D 406 -48.93 51.20 2.15
N GLU D 407 -49.96 50.60 1.55
CA GLU D 407 -51.01 51.29 0.78
C GLU D 407 -50.46 52.36 -0.16
N ILE D 408 -49.42 51.96 -0.91
CA ILE D 408 -48.90 52.83 -1.96
C ILE D 408 -49.95 53.07 -3.04
N ASP D 409 -50.89 52.15 -3.21
CA ASP D 409 -51.98 52.35 -4.16
C ASP D 409 -52.82 53.56 -3.79
N LYS D 410 -53.26 53.61 -2.53
CA LYS D 410 -54.04 54.75 -2.05
C LYS D 410 -53.21 56.03 -2.10
N ARG D 411 -51.92 55.94 -1.75
CA ARG D 411 -51.08 57.13 -1.80
C ARG D 411 -50.96 57.66 -3.22
N LEU D 412 -50.79 56.77 -4.20
CA LEU D 412 -50.67 57.19 -5.59
C LEU D 412 -51.96 57.85 -6.07
N ILE D 413 -53.11 57.28 -5.72
CA ILE D 413 -54.37 57.87 -6.18
C ILE D 413 -54.60 59.24 -5.52
N GLN D 414 -54.21 59.39 -4.25
CA GLN D 414 -54.33 60.70 -3.59
C GLN D 414 -53.43 61.73 -4.25
N LEU D 415 -52.20 61.33 -4.60
CA LEU D 415 -51.29 62.26 -5.27
C LEU D 415 -51.85 62.66 -6.64
N GLN D 416 -52.43 61.71 -7.36
CA GLN D 416 -53.07 62.04 -8.64
C GLN D 416 -54.23 63.00 -8.44
N LEU D 417 -55.01 62.82 -7.38
CA LEU D 417 -56.12 63.73 -7.11
C LEU D 417 -55.62 65.14 -6.83
N ASP D 418 -54.54 65.27 -6.07
CA ASP D 418 -53.96 66.59 -5.81
C ASP D 418 -53.48 67.24 -7.11
N ILE D 419 -52.82 66.46 -7.96
CA ILE D 419 -52.36 66.98 -9.24
C ILE D 419 -53.54 67.41 -10.11
N ALA D 420 -54.64 66.65 -10.06
CA ALA D 420 -55.84 67.01 -10.81
C ALA D 420 -56.45 68.30 -10.30
N ALA D 421 -56.45 68.50 -8.98
CA ALA D 421 -57.07 69.66 -8.37
C ALA D 421 -56.21 70.92 -8.47
N ILE D 422 -54.92 70.79 -8.80
CA ILE D 422 -54.10 71.98 -9.07
C ILE D 422 -54.84 72.95 -9.99
N GLN D 423 -54.99 74.19 -9.54
CA GLN D 423 -55.68 75.23 -10.29
C GLN D 423 -54.74 76.21 -10.97
N GLU D 424 -53.44 76.00 -10.88
CA GLU D 424 -52.44 76.92 -11.41
C GLU D 424 -51.75 76.26 -12.60
N GLN D 425 -51.77 76.92 -13.74
CA GLN D 425 -51.18 76.38 -14.96
C GLN D 425 -49.72 76.76 -15.04
N THR D 426 -48.86 75.76 -15.26
CA THR D 426 -47.43 76.03 -15.38
C THR D 426 -47.15 76.88 -16.62
N PRO D 427 -46.09 77.68 -16.59
CA PRO D 427 -45.74 78.47 -17.80
C PRO D 427 -45.54 77.61 -19.02
N GLU D 428 -44.95 76.43 -18.86
CA GLU D 428 -44.79 75.52 -19.99
C GLU D 428 -46.14 75.07 -20.53
N GLU D 429 -47.09 74.78 -19.64
CA GLU D 429 -48.43 74.40 -20.08
C GLU D 429 -49.11 75.53 -20.83
N LYS D 430 -48.97 76.76 -20.32
CA LYS D 430 -49.55 77.92 -21.01
C LYS D 430 -48.96 78.09 -22.39
N ALA D 431 -47.64 77.96 -22.51
CA ALA D 431 -46.98 78.10 -23.82
C ALA D 431 -47.39 76.98 -24.77
N LEU D 432 -47.51 75.75 -24.27
CA LEU D 432 -47.93 74.63 -25.10
C LEU D 432 -49.36 74.85 -25.58
N GLN D 433 -50.23 75.39 -24.72
CA GLN D 433 -51.58 75.71 -25.15
C GLN D 433 -51.58 76.82 -26.20
N GLU D 434 -50.71 77.83 -26.05
CA GLU D 434 -50.62 78.88 -27.06
C GLU D 434 -50.21 78.32 -28.40
N LEU D 435 -49.25 77.39 -28.42
CA LEU D 435 -48.92 76.70 -29.66
C LEU D 435 -50.08 75.82 -30.11
N ASP D 436 -50.25 75.69 -31.43
CA ASP D 436 -51.44 75.07 -31.99
C ASP D 436 -51.25 73.62 -32.42
N THR D 437 -50.03 73.18 -32.70
CA THR D 437 -49.81 71.86 -33.26
C THR D 437 -48.82 71.06 -32.40
N GLU D 438 -49.02 69.74 -32.39
CA GLU D 438 -48.16 68.85 -31.61
C GLU D 438 -46.70 68.98 -32.01
N ASP D 439 -46.42 69.18 -33.30
CA ASP D 439 -45.04 69.26 -33.75
C ASP D 439 -44.40 70.57 -33.32
N GLN D 440 -45.16 71.67 -33.40
CA GLN D 440 -44.73 72.94 -32.83
C GLN D 440 -44.40 72.78 -31.36
N ARG D 441 -45.24 72.05 -30.63
CA ARG D 441 -45.01 71.85 -29.20
C ARG D 441 -43.77 70.98 -28.95
N HIS D 442 -43.55 69.98 -29.80
CA HIS D 442 -42.32 69.20 -29.73
C HIS D 442 -41.09 70.10 -29.83
N LEU D 443 -41.10 71.01 -30.80
CA LEU D 443 -39.97 71.92 -30.96
C LEU D 443 -39.83 72.86 -29.75
N TYR D 444 -40.95 73.37 -29.24
CA TYR D 444 -40.89 74.19 -28.03
C TYR D 444 -40.24 73.45 -26.88
N LEU D 445 -40.71 72.24 -26.61
CA LEU D 445 -40.20 71.47 -25.48
C LEU D 445 -38.73 71.11 -25.69
N LEU D 447 -36.48 73.04 -27.37
CA LEU D 447 -35.58 74.19 -27.41
C LEU D 447 -35.75 75.18 -26.27
N LYS D 448 -36.77 75.03 -25.41
CA LYS D 448 -37.04 76.05 -24.41
C LYS D 448 -35.92 76.18 -23.38
N GLU D 449 -35.19 75.11 -23.10
CA GLU D 449 -34.14 75.18 -22.09
C GLU D 449 -33.00 76.10 -22.54
N ASP D 450 -32.82 76.25 -23.85
CA ASP D 450 -31.75 77.08 -24.38
C ASP D 450 -32.23 78.40 -24.99
N TYR D 451 -33.53 78.56 -25.22
CA TYR D 451 -34.01 79.78 -25.84
C TYR D 451 -35.16 80.40 -25.04
N ASP D 452 -35.20 81.72 -25.04
CA ASP D 452 -36.28 82.46 -24.38
C ASP D 452 -37.63 82.08 -24.97
N SER D 453 -38.61 81.87 -24.10
CA SER D 453 -39.92 81.40 -24.56
C SER D 453 -40.66 82.46 -25.35
N SER D 454 -40.58 83.72 -24.91
CA SER D 454 -41.24 84.82 -25.58
C SER D 454 -40.69 85.08 -26.96
N LEU D 455 -39.46 84.62 -27.23
CA LEU D 455 -38.93 84.60 -28.58
C LEU D 455 -39.19 83.27 -29.29
N LEU D 456 -39.39 82.19 -28.52
CA LEU D 456 -39.43 80.85 -29.09
C LEU D 456 -40.79 80.55 -29.70
N ILE D 457 -41.86 80.68 -28.91
CA ILE D 457 -43.19 80.34 -29.42
C ILE D 457 -43.62 81.21 -30.60
N PRO D 458 -43.39 82.54 -30.62
CA PRO D 458 -43.74 83.29 -31.84
C PRO D 458 -42.90 82.88 -33.04
N THR D 459 -41.63 82.56 -32.81
CA THR D 459 -40.77 82.11 -33.90
C THR D 459 -41.28 80.80 -34.48
N ILE D 460 -41.68 79.86 -33.61
CA ILE D 460 -42.22 78.60 -34.10
C ILE D 460 -43.51 78.82 -34.88
N LYS D 461 -44.39 79.67 -34.37
CA LYS D 461 -45.64 79.94 -35.09
C LYS D 461 -45.36 80.56 -36.45
N LYS D 462 -44.41 81.50 -36.52
CA LYS D 462 -44.05 82.11 -37.79
C LYS D 462 -43.49 81.09 -38.78
N ALA D 463 -42.56 80.24 -38.30
CA ALA D 463 -41.92 79.27 -39.16
C ALA D 463 -42.89 78.21 -39.64
N PHE D 464 -43.90 77.89 -38.84
CA PHE D 464 -44.91 76.94 -39.29
C PHE D 464 -46.01 77.60 -40.13
N SER D 465 -46.18 78.92 -40.01
CA SER D 465 -47.10 79.61 -40.91
C SER D 465 -46.53 79.65 -42.32
N GLN D 466 -45.22 79.87 -42.45
CA GLN D 466 -44.68 80.10 -43.80
C GLN D 466 -44.81 78.87 -44.69
N ASN D 467 -44.39 77.70 -44.20
CA ASN D 467 -44.46 76.44 -44.95
C ASN D 467 -45.07 75.36 -44.07
N PRO D 468 -46.40 75.31 -43.99
CA PRO D 468 -47.05 74.39 -43.04
C PRO D 468 -46.77 72.92 -43.28
N THR D 469 -46.65 72.49 -44.54
CA THR D 469 -46.51 71.07 -44.84
C THR D 469 -45.08 70.57 -44.72
N THR D 471 -41.69 69.20 -43.11
CA THR D 471 -41.41 68.33 -41.98
C THR D 471 -40.80 69.14 -40.84
N ARG D 472 -41.13 68.77 -39.60
CA ARG D 472 -40.57 69.48 -38.46
C ARG D 472 -39.06 69.33 -38.39
N GLN D 473 -38.54 68.22 -38.92
CA GLN D 473 -37.09 68.02 -38.96
C GLN D 473 -36.43 69.04 -39.87
N LYS D 474 -37.07 69.38 -40.99
CA LYS D 474 -36.55 70.44 -41.84
C LYS D 474 -36.80 71.81 -41.25
N LEU D 475 -37.91 71.98 -40.52
CA LEU D 475 -38.24 73.29 -39.97
C LEU D 475 -37.32 73.66 -38.81
N LEU D 476 -36.81 72.68 -38.07
CA LEU D 476 -35.97 72.96 -36.92
C LEU D 476 -34.72 73.77 -37.27
N PRO D 477 -33.96 73.45 -38.32
CA PRO D 477 -32.83 74.31 -38.68
C PRO D 477 -33.24 75.75 -38.90
N LEU D 478 -34.38 75.97 -39.55
CA LEU D 478 -34.85 77.33 -39.81
C LEU D 478 -35.23 78.03 -38.52
N VAL D 479 -35.90 77.33 -37.61
CA VAL D 479 -36.27 77.93 -36.34
C VAL D 479 -35.01 78.34 -35.57
N LEU D 480 -34.01 77.45 -35.53
CA LEU D 480 -32.77 77.77 -34.83
C LEU D 480 -32.06 78.97 -35.48
N GLN D 481 -32.01 78.97 -36.82
CA GLN D 481 -31.40 80.09 -37.54
C GLN D 481 -32.09 81.41 -37.18
N TRP D 482 -33.41 81.44 -37.25
CA TRP D 482 -34.15 82.67 -36.95
C TRP D 482 -33.94 83.10 -35.50
N LEU D 483 -33.90 82.13 -34.58
CA LEU D 483 -33.68 82.47 -33.18
C LEU D 483 -32.32 83.11 -32.97
N GLU D 485 -30.33 84.32 -35.41
CA GLU D 485 -30.24 85.48 -36.30
C GLU D 485 -31.04 86.66 -35.78
N GLY D 486 -32.16 86.40 -35.11
CA GLY D 486 -32.99 87.44 -34.55
C GLY D 486 -32.66 87.77 -33.10
#